data_3ASJ
#
_entry.id   3ASJ
#
_cell.length_a   220.967
_cell.length_b   93.695
_cell.length_c   88.802
_cell.angle_alpha   90.00
_cell.angle_beta   97.68
_cell.angle_gamma   90.00
#
_symmetry.space_group_name_H-M   'C 1 2 1'
#
loop_
_entity.id
_entity.type
_entity.pdbx_description
1 polymer 'Homoisocitrate dehydrogenase'
2 non-polymer '3-[(carboxymethyl)sulfanyl]-2-oxopropanoic acid'
3 non-polymer (4S)-2-METHYL-2,4-PENTANEDIOL
4 non-polymer '(2Z)-3-[(carboxymethyl)sulfanyl]-2-hydroxyprop-2-enoic acid'
5 water water
#
_entity_poly.entity_id   1
_entity_poly.type   'polypeptide(L)'
_entity_poly.pdbx_seq_one_letter_code
;MAYRICLIEGDGIGHEVIPAARRVLEATGLPLEFVEAEAGWETFERRGTSVPEETVEKILSCHATLFGAATSPTRKVPGF
FGAIRYLRRRLDLYANVRPAKSRPVPGSRPGVDLVIVRENTEGLYVEQERRYLDVAIADAVISKKASERIGRAALRIAEG
RPRKTLHIAHKANVLPLTQGLFLDTVKEVAKDFPLVNVQDIIVDNCAMQLVMRPERFDVIVTTNLLGDILSDLAAGLVGG
LGLAPSGNIGDTTAVFEPVHGSAPDIAGKGIANPTAAILSAAMMLDYLGEKEAAKRVEKAVDLVLERGPRTPDLGGDATT
EAFTEAVVEALKSL
;
_entity_poly.pdbx_strand_id   A,B,C,D
#
# COMPACT_ATOMS: atom_id res chain seq x y z
N ALA A 2 -24.58 -7.32 -42.22
CA ALA A 2 -25.13 -6.16 -41.42
C ALA A 2 -24.37 -5.97 -40.10
N TYR A 3 -24.33 -4.72 -39.61
CA TYR A 3 -23.82 -4.41 -38.25
C TYR A 3 -24.98 -4.15 -37.29
N ARG A 4 -24.85 -4.70 -36.09
CA ARG A 4 -25.77 -4.43 -35.01
C ARG A 4 -25.21 -3.41 -34.01
N ILE A 5 -25.89 -2.26 -33.90
CA ILE A 5 -25.46 -1.18 -33.01
C ILE A 5 -26.36 -1.11 -31.79
N CYS A 6 -25.76 -1.01 -30.61
CA CYS A 6 -26.56 -0.74 -29.42
C CYS A 6 -26.60 0.78 -29.14
N LEU A 7 -27.80 1.32 -29.03
CA LEU A 7 -27.97 2.72 -28.66
C LEU A 7 -28.38 2.79 -27.20
N ILE A 8 -27.64 3.57 -26.42
CA ILE A 8 -28.02 3.86 -25.06
C ILE A 8 -28.05 5.36 -24.95
N GLU A 9 -29.25 5.92 -24.76
CA GLU A 9 -29.39 7.36 -24.65
C GLU A 9 -28.88 7.95 -23.34
N GLY A 10 -29.05 7.21 -22.24
CA GLY A 10 -28.68 7.69 -20.91
C GLY A 10 -29.48 8.88 -20.43
N ASP A 11 -28.79 9.85 -19.84
CA ASP A 11 -29.48 10.95 -19.19
C ASP A 11 -29.53 12.25 -19.99
N GLY A 12 -30.58 13.05 -19.75
CA GLY A 12 -30.68 14.41 -20.24
C GLY A 12 -30.60 14.55 -21.75
N ILE A 13 -29.52 15.17 -22.24
CA ILE A 13 -29.47 15.47 -23.68
C ILE A 13 -29.11 14.27 -24.55
N GLY A 14 -28.66 13.19 -23.88
CA GLY A 14 -28.46 11.89 -24.53
C GLY A 14 -29.73 11.47 -25.24
N HIS A 15 -30.87 11.97 -24.73
CA HIS A 15 -32.20 11.64 -25.27
C HIS A 15 -32.47 12.36 -26.55
N GLU A 16 -31.61 13.35 -26.86
CA GLU A 16 -31.70 14.14 -28.09
C GLU A 16 -30.55 13.88 -29.03
N VAL A 17 -29.35 13.65 -28.50
CA VAL A 17 -28.19 13.56 -29.39
C VAL A 17 -27.95 12.16 -29.95
N ILE A 18 -28.45 11.16 -29.23
CA ILE A 18 -28.38 9.78 -29.69
C ILE A 18 -29.35 9.55 -30.85
N PRO A 19 -30.64 9.95 -30.71
CA PRO A 19 -31.50 9.87 -31.90
C PRO A 19 -30.94 10.69 -33.10
N ALA A 20 -30.24 11.79 -32.82
CA ALA A 20 -29.68 12.54 -33.91
C ALA A 20 -28.59 11.73 -34.60
N ALA A 21 -27.76 11.04 -33.80
CA ALA A 21 -26.64 10.26 -34.37
C ALA A 21 -27.13 9.08 -35.20
N ARG A 22 -28.28 8.53 -34.78
CA ARG A 22 -28.85 7.36 -35.41
C ARG A 22 -29.25 7.74 -36.81
N ARG A 23 -29.90 8.90 -36.94
CA ARG A 23 -30.34 9.41 -38.22
C ARG A 23 -29.19 9.56 -39.20
N VAL A 24 -28.06 10.09 -38.70
CA VAL A 24 -26.88 10.29 -39.54
C VAL A 24 -26.29 8.93 -39.92
N LEU A 25 -26.18 8.04 -38.92
CA LEU A 25 -25.72 6.69 -39.19
C LEU A 25 -26.53 6.02 -40.30
N GLU A 26 -27.86 6.19 -40.29
CA GLU A 26 -28.73 5.69 -41.38
C GLU A 26 -28.51 6.39 -42.75
N ALA A 27 -28.26 7.70 -42.73
CA ALA A 27 -28.02 8.46 -43.96
C ALA A 27 -26.74 8.08 -44.67
N THR A 28 -25.95 7.21 -44.04
CA THR A 28 -24.76 6.66 -44.68
C THR A 28 -25.18 5.54 -45.62
N GLY A 29 -26.38 4.99 -45.42
CA GLY A 29 -26.82 3.82 -46.21
C GLY A 29 -26.07 2.50 -45.96
N LEU A 30 -25.34 2.40 -44.86
CA LEU A 30 -24.73 1.13 -44.45
C LEU A 30 -25.83 0.23 -43.92
N PRO A 31 -25.59 -1.10 -43.86
CA PRO A 31 -26.63 -1.95 -43.30
C PRO A 31 -26.58 -2.00 -41.78
N LEU A 32 -27.46 -1.25 -41.12
CA LEU A 32 -27.37 -1.09 -39.70
C LEU A 32 -28.65 -1.58 -39.04
N GLU A 33 -28.50 -2.32 -37.95
CA GLU A 33 -29.63 -2.75 -37.18
C GLU A 33 -29.46 -2.22 -35.75
N PHE A 34 -30.49 -1.60 -35.20
CA PHE A 34 -30.38 -0.97 -33.90
C PHE A 34 -31.18 -1.66 -32.84
N VAL A 35 -30.56 -1.78 -31.68
CA VAL A 35 -31.16 -2.34 -30.49
C VAL A 35 -31.01 -1.22 -29.45
N GLU A 36 -31.87 -1.14 -28.43
CA GLU A 36 -31.76 -0.10 -27.41
C GLU A 36 -31.53 -0.67 -25.99
N ALA A 37 -30.66 -0.03 -25.22
CA ALA A 37 -30.49 -0.35 -23.79
C ALA A 37 -30.49 0.93 -22.95
N GLU A 38 -30.51 0.79 -21.62
CA GLU A 38 -30.51 1.95 -20.71
C GLU A 38 -29.36 1.88 -19.77
N ALA A 39 -28.84 3.04 -19.45
CA ALA A 39 -27.89 3.14 -18.38
C ALA A 39 -27.98 4.53 -17.79
N GLY A 40 -27.48 4.69 -16.57
CA GLY A 40 -27.28 6.01 -16.00
C GLY A 40 -28.10 6.36 -14.76
N TRP A 41 -28.14 7.65 -14.44
CA TRP A 41 -28.85 8.15 -13.28
C TRP A 41 -30.36 7.94 -13.39
N GLU A 42 -30.92 8.28 -14.54
CA GLU A 42 -32.36 8.19 -14.69
C GLU A 42 -32.79 6.74 -14.60
N THR A 43 -31.97 5.83 -15.10
CA THR A 43 -32.22 4.41 -14.87
C THR A 43 -32.09 4.05 -13.38
N PHE A 44 -31.02 4.53 -12.73
CA PHE A 44 -30.72 4.19 -11.34
C PHE A 44 -31.91 4.47 -10.47
N GLU A 45 -32.52 5.62 -10.73
CA GLU A 45 -33.67 6.12 -10.03
C GLU A 45 -34.89 5.18 -10.19
N ARG A 46 -35.00 4.52 -11.34
CA ARG A 46 -36.10 3.58 -11.60
C ARG A 46 -35.74 2.09 -11.45
N ARG A 47 -34.57 1.78 -10.88
CA ARG A 47 -34.10 0.38 -10.90
C ARG A 47 -33.02 -0.01 -9.89
N GLY A 48 -32.55 0.94 -9.11
CA GLY A 48 -31.52 0.67 -8.11
C GLY A 48 -30.17 0.33 -8.70
N THR A 49 -30.06 0.48 -10.02
CA THR A 49 -28.78 0.29 -10.70
C THR A 49 -28.64 1.16 -11.97
N SER A 50 -27.47 1.78 -12.09
CA SER A 50 -27.14 2.61 -13.26
C SER A 50 -26.88 1.79 -14.52
N VAL A 51 -26.51 0.51 -14.34
CA VAL A 51 -26.32 -0.40 -15.47
C VAL A 51 -26.98 -1.74 -15.18
N PRO A 52 -28.27 -1.89 -15.54
CA PRO A 52 -28.98 -3.20 -15.49
C PRO A 52 -28.16 -4.30 -16.14
N GLU A 53 -28.14 -5.49 -15.52
CA GLU A 53 -27.44 -6.64 -16.11
C GLU A 53 -27.82 -6.90 -17.58
N GLU A 54 -29.07 -6.63 -17.95
CA GLU A 54 -29.57 -6.79 -19.31
C GLU A 54 -28.97 -5.77 -20.32
N THR A 55 -28.56 -4.60 -19.83
CA THR A 55 -27.87 -3.64 -20.65
C THR A 55 -26.53 -4.24 -21.05
N VAL A 56 -25.86 -4.86 -20.08
CA VAL A 56 -24.65 -5.60 -20.33
C VAL A 56 -24.85 -6.73 -21.36
N GLU A 57 -25.91 -7.52 -21.23
CA GLU A 57 -26.21 -8.58 -22.22
C GLU A 57 -26.27 -7.97 -23.62
N LYS A 58 -27.03 -6.89 -23.78
CA LYS A 58 -27.29 -6.26 -25.08
C LYS A 58 -26.03 -5.70 -25.72
N ILE A 59 -25.25 -4.97 -24.93
CA ILE A 59 -23.95 -4.50 -25.40
C ILE A 59 -23.14 -5.66 -26.02
N LEU A 60 -23.10 -6.82 -25.34
CA LEU A 60 -22.27 -7.95 -25.81
C LEU A 60 -22.87 -8.69 -26.97
N SER A 61 -24.11 -8.39 -27.32
CA SER A 61 -24.78 -9.00 -28.48
C SER A 61 -24.68 -8.10 -29.71
N CYS A 62 -23.89 -7.04 -29.59
CA CYS A 62 -23.75 -6.07 -30.65
C CYS A 62 -22.33 -5.91 -31.11
N HIS A 63 -22.20 -5.39 -32.34
CA HIS A 63 -20.92 -5.03 -32.88
C HIS A 63 -20.35 -3.82 -32.12
N ALA A 64 -21.19 -2.83 -31.80
CA ALA A 64 -20.70 -1.67 -31.01
C ALA A 64 -21.78 -0.88 -30.33
N THR A 65 -21.38 -0.13 -29.32
CA THR A 65 -22.33 0.64 -28.54
C THR A 65 -22.09 2.17 -28.70
N LEU A 66 -23.17 2.91 -28.93
CA LEU A 66 -23.13 4.36 -28.84
C LEU A 66 -23.95 4.77 -27.61
N PHE A 67 -23.29 5.41 -26.64
CA PHE A 67 -23.89 5.84 -25.38
C PHE A 67 -24.05 7.36 -25.29
N GLY A 68 -25.18 7.83 -24.80
CA GLY A 68 -25.52 9.27 -24.81
C GLY A 68 -24.75 10.12 -23.82
N ALA A 69 -25.26 10.20 -22.59
CA ALA A 69 -24.63 10.96 -21.51
C ALA A 69 -25.08 10.41 -20.14
N ALA A 70 -24.16 10.38 -19.18
CA ALA A 70 -24.52 10.08 -17.80
C ALA A 70 -24.48 11.30 -16.88
N THR A 71 -25.54 11.51 -16.10
CA THR A 71 -25.51 12.50 -15.03
C THR A 71 -24.65 11.98 -13.89
N SER A 72 -23.84 12.86 -13.31
CA SER A 72 -23.33 12.62 -11.96
C SER A 72 -24.04 13.55 -10.98
N PRO A 73 -24.56 12.99 -9.86
CA PRO A 73 -25.18 13.87 -8.87
C PRO A 73 -24.06 14.49 -8.03
N THR A 74 -24.43 15.36 -7.09
CA THR A 74 -23.41 16.10 -6.30
C THR A 74 -22.74 15.24 -5.23
N ARG A 75 -23.41 15.02 -4.09
CA ARG A 75 -22.86 14.07 -3.12
C ARG A 75 -23.48 12.69 -3.36
N LYS A 76 -22.58 11.71 -3.57
CA LYS A 76 -22.93 10.34 -3.97
C LYS A 76 -24.16 9.77 -3.27
N VAL A 77 -24.96 9.04 -4.04
CA VAL A 77 -26.12 8.31 -3.53
C VAL A 77 -25.70 6.87 -3.18
N PRO A 78 -26.17 6.35 -2.03
CA PRO A 78 -25.89 4.94 -1.76
C PRO A 78 -26.43 4.03 -2.88
N GLY A 79 -25.57 3.14 -3.38
CA GLY A 79 -25.92 2.22 -4.46
C GLY A 79 -25.56 2.69 -5.88
N PHE A 80 -25.37 4.00 -6.06
CA PHE A 80 -25.17 4.59 -7.39
C PHE A 80 -23.71 4.66 -7.81
N PHE A 81 -23.31 3.81 -8.75
CA PHE A 81 -22.01 3.96 -9.41
C PHE A 81 -22.20 4.51 -10.84
N GLY A 82 -21.22 5.27 -11.33
CA GLY A 82 -21.30 5.82 -12.67
C GLY A 82 -21.30 4.75 -13.74
N ALA A 83 -22.18 4.90 -14.73
CA ALA A 83 -22.39 3.88 -15.75
C ALA A 83 -21.15 3.60 -16.60
N ILE A 84 -20.50 4.66 -17.09
CA ILE A 84 -19.26 4.53 -17.88
C ILE A 84 -18.11 3.86 -17.10
N ARG A 85 -17.86 4.32 -15.89
CA ARG A 85 -16.83 3.72 -15.06
C ARG A 85 -17.03 2.21 -14.99
N TYR A 86 -18.27 1.80 -14.77
CA TYR A 86 -18.63 0.41 -14.59
C TYR A 86 -18.37 -0.39 -15.87
N LEU A 87 -18.93 0.08 -17.00
CA LEU A 87 -18.78 -0.61 -18.28
C LEU A 87 -17.31 -0.78 -18.69
N ARG A 88 -16.48 0.21 -18.36
CA ARG A 88 -15.04 0.09 -18.56
C ARG A 88 -14.42 -1.11 -17.82
N ARG A 89 -14.75 -1.28 -16.53
CA ARG A 89 -14.28 -2.44 -15.76
C ARG A 89 -14.96 -3.72 -16.26
N ARG A 90 -16.28 -3.75 -16.20
CA ARG A 90 -17.03 -4.94 -16.55
C ARG A 90 -16.61 -5.53 -17.91
N LEU A 91 -16.51 -4.68 -18.94
CA LEU A 91 -16.27 -5.06 -20.31
C LEU A 91 -14.83 -4.92 -20.70
N ASP A 92 -14.01 -4.45 -19.75
CA ASP A 92 -12.55 -4.43 -19.92
C ASP A 92 -12.20 -3.54 -21.13
N LEU A 93 -12.76 -2.35 -21.13
CA LEU A 93 -12.54 -1.41 -22.22
C LEU A 93 -11.31 -0.61 -21.83
N TYR A 94 -10.15 -1.22 -22.01
CA TYR A 94 -8.89 -0.71 -21.44
C TYR A 94 -8.27 0.45 -22.18
N ALA A 95 -8.83 0.79 -23.33
CA ALA A 95 -8.27 1.84 -24.14
C ALA A 95 -9.32 2.90 -24.30
N ASN A 96 -9.07 4.05 -23.67
CA ASN A 96 -9.86 5.22 -23.84
C ASN A 96 -9.22 6.07 -24.96
N VAL A 97 -9.96 6.30 -26.04
CA VAL A 97 -9.44 6.99 -27.22
C VAL A 97 -10.14 8.35 -27.35
N ARG A 98 -9.34 9.41 -27.36
CA ARG A 98 -9.88 10.80 -27.38
C ARG A 98 -9.23 11.72 -28.44
N PRO A 99 -9.87 11.84 -29.60
CA PRO A 99 -9.38 12.78 -30.59
C PRO A 99 -9.49 14.25 -30.16
N ALA A 100 -8.46 15.03 -30.49
CA ALA A 100 -8.57 16.48 -30.52
C ALA A 100 -8.17 16.96 -31.90
N LYS A 101 -9.17 17.41 -32.64
CA LYS A 101 -9.00 17.80 -34.01
C LYS A 101 -9.67 19.15 -34.18
N SER A 102 -8.97 20.09 -34.82
CA SER A 102 -9.54 21.39 -35.10
C SER A 102 -10.83 21.27 -35.91
N ARG A 103 -11.76 22.20 -35.68
CA ARG A 103 -13.06 22.24 -36.34
C ARG A 103 -13.29 23.70 -36.72
N PRO A 104 -14.09 23.96 -37.79
CA PRO A 104 -14.42 25.35 -38.14
C PRO A 104 -15.48 25.93 -37.22
N VAL A 105 -15.13 26.12 -35.94
CA VAL A 105 -16.07 26.59 -34.93
C VAL A 105 -15.47 27.67 -34.05
N PRO A 106 -16.27 28.62 -33.57
CA PRO A 106 -15.77 29.61 -32.60
C PRO A 106 -14.95 28.99 -31.45
N GLY A 107 -13.83 29.60 -31.09
CA GLY A 107 -13.01 29.06 -30.00
C GLY A 107 -12.29 27.72 -30.23
N SER A 108 -11.99 27.37 -31.47
CA SER A 108 -11.16 26.22 -31.76
C SER A 108 -9.89 26.73 -32.47
N ARG A 109 -8.70 26.34 -31.99
CA ARG A 109 -7.46 26.67 -32.70
C ARG A 109 -7.56 26.03 -34.07
N PRO A 110 -6.83 26.56 -35.05
CA PRO A 110 -6.62 25.79 -36.28
C PRO A 110 -5.40 24.87 -36.12
N GLY A 111 -5.21 23.96 -37.07
CA GLY A 111 -4.00 23.17 -37.15
C GLY A 111 -3.78 22.05 -36.14
N VAL A 112 -4.80 21.72 -35.34
CA VAL A 112 -4.65 20.62 -34.39
C VAL A 112 -5.24 19.33 -34.97
N ASP A 113 -4.48 18.23 -34.88
CA ASP A 113 -4.97 16.89 -35.21
C ASP A 113 -4.17 15.83 -34.48
N LEU A 114 -4.67 15.46 -33.31
CA LEU A 114 -4.01 14.50 -32.43
C LEU A 114 -5.05 13.57 -31.80
N VAL A 115 -4.56 12.45 -31.25
CA VAL A 115 -5.36 11.47 -30.55
C VAL A 115 -4.68 11.10 -29.23
N ILE A 116 -5.33 11.34 -28.09
CA ILE A 116 -4.85 10.86 -26.80
C ILE A 116 -5.41 9.47 -26.55
N VAL A 117 -4.54 8.51 -26.31
CA VAL A 117 -4.91 7.14 -25.93
C VAL A 117 -4.60 6.94 -24.45
N ARG A 118 -5.62 6.89 -23.60
CA ARG A 118 -5.34 6.68 -22.19
C ARG A 118 -5.70 5.31 -21.69
N GLU A 119 -4.79 4.77 -20.87
CA GLU A 119 -4.96 3.49 -20.22
C GLU A 119 -6.17 3.67 -19.34
N ASN A 120 -7.08 2.70 -19.37
CA ASN A 120 -8.42 2.94 -18.91
C ASN A 120 -8.83 1.98 -17.81
N THR A 121 -7.85 1.43 -17.13
CA THR A 121 -8.04 0.21 -16.37
C THR A 121 -7.38 0.28 -14.99
N GLU A 122 -6.14 0.78 -14.98
CA GLU A 122 -5.30 0.83 -13.78
C GLU A 122 -4.95 2.26 -13.41
N GLY A 123 -3.69 2.41 -13.00
CA GLY A 123 -3.18 3.64 -12.48
C GLY A 123 -3.87 3.94 -11.18
N LEU A 124 -4.24 5.20 -11.00
CA LEU A 124 -5.03 5.63 -9.85
C LEU A 124 -6.51 5.21 -9.87
N TYR A 125 -7.01 4.70 -11.00
CA TYR A 125 -8.42 4.35 -11.11
C TYR A 125 -8.70 2.94 -10.67
N VAL A 126 -7.69 2.33 -10.07
CA VAL A 126 -7.75 1.01 -9.51
C VAL A 126 -8.74 1.03 -8.29
N GLU A 127 -8.95 2.25 -7.76
CA GLU A 127 -9.95 2.53 -6.71
C GLU A 127 -9.67 1.80 -5.40
N GLN A 128 -8.42 1.87 -4.94
CA GLN A 128 -7.98 1.15 -3.77
C GLN A 128 -7.45 2.11 -2.71
N GLU A 129 -8.35 2.82 -2.03
CA GLU A 129 -7.96 3.80 -1.03
C GLU A 129 -8.16 3.32 0.41
N ARG A 130 -7.42 3.91 1.33
CA ARG A 130 -7.54 3.59 2.74
C ARG A 130 -7.34 4.90 3.52
N ARG A 131 -7.94 4.97 4.70
CA ARG A 131 -7.84 6.16 5.51
C ARG A 131 -7.64 5.67 6.94
N TYR A 132 -6.44 5.94 7.47
CA TYR A 132 -6.05 5.58 8.82
C TYR A 132 -5.85 6.85 9.59
N LEU A 133 -6.63 7.06 10.67
CA LEU A 133 -6.61 8.35 11.38
C LEU A 133 -6.71 9.51 10.34
N ASP A 134 -5.73 10.45 10.32
CA ASP A 134 -5.78 11.61 9.39
C ASP A 134 -4.81 11.53 8.18
N VAL A 135 -4.47 10.29 7.80
CA VAL A 135 -3.62 10.01 6.66
C VAL A 135 -4.41 9.13 5.68
N ALA A 136 -4.48 9.56 4.42
CA ALA A 136 -5.11 8.74 3.41
C ALA A 136 -4.08 8.28 2.38
N ILE A 137 -4.31 7.09 1.84
CA ILE A 137 -3.37 6.46 0.90
C ILE A 137 -4.16 5.80 -0.24
N ALA A 138 -3.80 6.14 -1.46
CA ALA A 138 -4.34 5.45 -2.62
C ALA A 138 -3.23 4.62 -3.35
N ASP A 139 -3.58 3.43 -3.82
CA ASP A 139 -2.70 2.71 -4.72
C ASP A 139 -2.68 3.34 -6.10
N ALA A 140 -1.47 3.51 -6.65
CA ALA A 140 -1.29 3.80 -8.05
C ALA A 140 -0.57 2.60 -8.66
N VAL A 141 -1.27 1.85 -9.50
CA VAL A 141 -0.81 0.54 -10.00
C VAL A 141 -0.46 0.55 -11.50
N ILE A 142 0.72 0.04 -11.82
CA ILE A 142 1.10 -0.08 -13.22
C ILE A 142 1.64 -1.49 -13.47
N SER A 143 0.99 -2.23 -14.35
CA SER A 143 1.46 -3.56 -14.65
C SER A 143 2.00 -3.65 -16.07
N LYS A 144 2.89 -4.61 -16.32
CA LYS A 144 3.40 -4.87 -17.67
C LYS A 144 2.26 -5.16 -18.61
N LYS A 145 1.31 -5.98 -18.16
CA LYS A 145 0.32 -6.50 -19.08
C LYS A 145 -0.63 -5.39 -19.57
N ALA A 146 -1.16 -4.59 -18.64
CA ALA A 146 -1.99 -3.43 -19.03
C ALA A 146 -1.22 -2.43 -19.93
N SER A 147 0.05 -2.18 -19.58
CA SER A 147 0.89 -1.31 -20.35
C SER A 147 1.13 -1.86 -21.75
N GLU A 148 1.29 -3.18 -21.87
CA GLU A 148 1.40 -3.79 -23.20
C GLU A 148 0.16 -3.61 -24.02
N ARG A 149 -1.00 -3.85 -23.40
CA ARG A 149 -2.27 -3.72 -24.12
C ARG A 149 -2.49 -2.29 -24.63
N ILE A 150 -2.22 -1.30 -23.77
CA ILE A 150 -2.45 0.10 -24.16
C ILE A 150 -1.42 0.56 -25.18
N GLY A 151 -0.16 0.15 -24.99
CA GLY A 151 0.88 0.37 -25.98
C GLY A 151 0.45 -0.04 -27.40
N ARG A 152 0.07 -1.30 -27.58
CA ARG A 152 -0.29 -1.80 -28.90
C ARG A 152 -1.55 -1.10 -29.44
N ALA A 153 -2.52 -0.83 -28.57
CA ALA A 153 -3.66 -0.02 -28.96
C ALA A 153 -3.18 1.28 -29.60
N ALA A 154 -2.27 1.99 -28.94
CA ALA A 154 -1.80 3.26 -29.47
C ALA A 154 -0.93 3.10 -30.73
N LEU A 155 -0.14 2.04 -30.78
CA LEU A 155 0.71 1.82 -31.94
C LEU A 155 -0.14 1.42 -33.14
N ARG A 156 -1.22 0.65 -32.93
CA ARG A 156 -2.17 0.38 -34.01
C ARG A 156 -2.78 1.69 -34.56
N ILE A 157 -3.15 2.62 -33.67
CA ILE A 157 -3.78 3.89 -34.06
C ILE A 157 -2.78 4.78 -34.78
N ALA A 158 -1.55 4.80 -34.29
CA ALA A 158 -0.54 5.68 -34.85
C ALA A 158 -0.17 5.28 -36.27
N GLU A 159 -0.19 3.99 -36.57
CA GLU A 159 0.30 3.57 -37.87
C GLU A 159 -0.76 3.52 -38.95
N GLY A 160 -2.02 3.70 -38.54
CA GLY A 160 -3.09 3.96 -39.49
C GLY A 160 -3.28 5.44 -39.78
N ARG A 161 -2.29 6.24 -39.38
CA ARG A 161 -2.39 7.69 -39.50
C ARG A 161 -1.19 8.24 -40.31
N PRO A 162 -1.41 9.37 -41.03
CA PRO A 162 -0.42 9.86 -41.98
C PRO A 162 0.96 10.03 -41.37
N ARG A 163 1.07 10.76 -40.26
CA ARG A 163 2.40 11.09 -39.71
C ARG A 163 3.09 9.95 -38.95
N LYS A 164 2.35 8.87 -38.68
CA LYS A 164 2.83 7.70 -37.92
C LYS A 164 3.76 8.06 -36.72
N THR A 165 3.28 8.87 -35.78
CA THR A 165 4.11 9.26 -34.65
C THR A 165 3.44 9.03 -33.30
N LEU A 166 4.19 8.47 -32.36
CA LEU A 166 3.67 8.22 -31.02
C LEU A 166 4.56 8.91 -30.00
N HIS A 167 3.97 9.75 -29.15
CA HIS A 167 4.65 10.25 -27.97
C HIS A 167 4.14 9.52 -26.77
N ILE A 168 5.06 8.96 -25.99
CA ILE A 168 4.67 8.39 -24.70
C ILE A 168 4.83 9.46 -23.59
N ALA A 169 3.70 9.85 -23.01
CA ALA A 169 3.68 10.83 -21.95
C ALA A 169 3.69 10.13 -20.59
N HIS A 170 4.67 10.47 -19.76
CA HIS A 170 4.90 9.74 -18.54
C HIS A 170 5.53 10.58 -17.45
N LYS A 171 5.56 10.04 -16.23
CA LYS A 171 6.34 10.67 -15.15
C LYS A 171 7.41 9.73 -14.56
N ALA A 172 8.17 9.07 -15.42
CA ALA A 172 9.09 8.02 -14.98
C ALA A 172 10.26 8.57 -14.17
N ASN A 173 10.55 9.86 -14.31
CA ASN A 173 11.64 10.45 -13.52
C ASN A 173 11.35 10.55 -12.01
N VAL A 174 10.18 11.04 -11.59
CA VAL A 174 9.89 10.98 -10.16
C VAL A 174 9.36 9.62 -9.69
N LEU A 175 8.82 8.84 -10.64
CA LEU A 175 8.20 7.51 -10.39
C LEU A 175 8.79 6.41 -11.27
N PRO A 176 10.06 6.03 -11.02
CA PRO A 176 10.70 5.02 -11.91
C PRO A 176 10.15 3.58 -11.85
N LEU A 177 9.48 3.19 -10.77
CA LEU A 177 9.00 1.83 -10.76
C LEU A 177 7.69 1.64 -11.50
N THR A 178 6.77 2.59 -11.33
CA THR A 178 5.46 2.51 -11.95
C THR A 178 5.48 3.17 -13.32
N GLN A 179 5.80 4.45 -13.34
CA GLN A 179 5.85 5.19 -14.60
C GLN A 179 6.97 4.67 -15.50
N GLY A 180 8.09 4.24 -14.93
CA GLY A 180 9.15 3.61 -15.72
C GLY A 180 8.75 2.26 -16.33
N LEU A 181 7.92 1.48 -15.63
CA LEU A 181 7.44 0.25 -16.19
C LEU A 181 6.58 0.53 -17.44
N PHE A 182 5.74 1.54 -17.36
CA PHE A 182 4.87 1.96 -18.45
C PHE A 182 5.70 2.39 -19.72
N LEU A 183 6.67 3.28 -19.52
CA LEU A 183 7.60 3.73 -20.56
C LEU A 183 8.34 2.58 -21.27
N ASP A 184 9.01 1.75 -20.47
CA ASP A 184 9.77 0.61 -20.97
C ASP A 184 8.89 -0.41 -21.67
N THR A 185 7.71 -0.69 -21.12
CA THR A 185 6.81 -1.60 -21.81
C THR A 185 6.32 -1.10 -23.16
N VAL A 186 5.84 0.16 -23.24
CA VAL A 186 5.42 0.71 -24.55
C VAL A 186 6.61 0.78 -25.58
N LYS A 187 7.78 1.20 -25.12
CA LYS A 187 9.00 1.14 -25.93
C LYS A 187 9.28 -0.28 -26.43
N GLU A 188 9.10 -1.26 -25.55
CA GLU A 188 9.34 -2.66 -25.87
C GLU A 188 8.45 -3.19 -27.00
N VAL A 189 7.14 -3.00 -26.86
CA VAL A 189 6.16 -3.43 -27.87
C VAL A 189 6.15 -2.62 -29.18
N ALA A 190 6.77 -1.43 -29.15
CA ALA A 190 6.90 -0.59 -30.34
C ALA A 190 7.77 -1.28 -31.38
N LYS A 191 8.57 -2.25 -30.94
CA LYS A 191 9.50 -2.95 -31.80
C LYS A 191 8.82 -3.76 -32.92
N ASP A 192 7.55 -4.12 -32.70
CA ASP A 192 6.72 -4.76 -33.72
C ASP A 192 6.02 -3.79 -34.66
N PHE A 193 6.38 -2.52 -34.55
CA PHE A 193 5.77 -1.48 -35.36
C PHE A 193 6.83 -0.63 -36.04
N PRO A 194 7.54 -1.22 -37.01
CA PRO A 194 8.68 -0.55 -37.67
C PRO A 194 8.35 0.79 -38.35
N LEU A 195 7.10 1.05 -38.68
CA LEU A 195 6.70 2.34 -39.32
C LEU A 195 6.48 3.53 -38.40
N VAL A 196 6.45 3.32 -37.08
CA VAL A 196 6.09 4.37 -36.13
C VAL A 196 7.34 4.96 -35.46
N ASN A 197 7.42 6.28 -35.52
CA ASN A 197 8.43 7.04 -34.84
C ASN A 197 7.94 7.30 -33.40
N VAL A 198 8.63 6.67 -32.45
CA VAL A 198 8.23 6.65 -31.05
C VAL A 198 9.13 7.59 -30.29
N GLN A 199 8.52 8.60 -29.69
CA GLN A 199 9.21 9.57 -28.83
C GLN A 199 8.65 9.49 -27.43
N ASP A 200 9.37 10.02 -26.46
CA ASP A 200 8.77 10.20 -25.16
C ASP A 200 9.03 11.56 -24.55
N ILE A 201 8.20 11.93 -23.59
CA ILE A 201 8.08 13.30 -23.14
C ILE A 201 7.50 13.27 -21.74
N ILE A 202 8.03 14.10 -20.85
CA ILE A 202 7.50 14.15 -19.49
C ILE A 202 6.13 14.82 -19.53
N VAL A 203 5.21 14.26 -18.76
CA VAL A 203 3.81 14.64 -18.85
C VAL A 203 3.58 16.16 -18.62
N ASP A 204 4.29 16.78 -17.67
CA ASP A 204 4.18 18.22 -17.50
C ASP A 204 4.67 19.00 -18.75
N ASN A 205 5.80 18.57 -19.31
CA ASN A 205 6.31 19.13 -20.55
C ASN A 205 5.23 19.05 -21.65
N CYS A 206 4.69 17.85 -21.84
CA CYS A 206 3.62 17.59 -22.82
C CYS A 206 2.41 18.51 -22.65
N ALA A 207 1.95 18.69 -21.40
CA ALA A 207 0.86 19.61 -21.13
C ALA A 207 1.20 21.01 -21.71
N MET A 208 2.35 21.52 -21.33
CA MET A 208 2.84 22.77 -21.84
C MET A 208 2.94 22.82 -23.38
N GLN A 209 3.43 21.74 -23.98
CA GLN A 209 3.65 21.66 -25.41
C GLN A 209 2.33 21.51 -26.15
N LEU A 210 1.33 20.90 -25.51
CA LEU A 210 0.00 20.82 -26.08
C LEU A 210 -0.60 22.22 -26.17
N VAL A 211 -0.27 23.04 -25.20
CA VAL A 211 -0.75 24.42 -25.19
C VAL A 211 0.00 25.29 -26.20
N MET A 212 1.31 25.07 -26.36
CA MET A 212 2.17 25.94 -27.15
C MET A 212 2.31 25.53 -28.60
N ARG A 213 2.58 24.26 -28.84
CA ARG A 213 2.75 23.70 -30.19
C ARG A 213 1.96 22.39 -30.44
N PRO A 214 0.63 22.36 -30.22
CA PRO A 214 -0.12 21.08 -30.34
C PRO A 214 0.00 20.40 -31.73
N GLU A 215 0.35 21.18 -32.74
CA GLU A 215 0.54 20.67 -34.09
C GLU A 215 1.76 19.73 -34.20
N ARG A 216 2.58 19.65 -33.16
CA ARG A 216 3.74 18.75 -33.20
C ARG A 216 3.34 17.31 -32.86
N PHE A 217 2.18 17.14 -32.24
CA PHE A 217 1.73 15.81 -31.86
C PHE A 217 0.78 15.17 -32.86
N ASP A 218 0.90 13.85 -32.95
CA ASP A 218 0.02 13.01 -33.73
C ASP A 218 -0.75 12.16 -32.70
N VAL A 219 -0.25 10.99 -32.33
CA VAL A 219 -0.82 10.21 -31.22
C VAL A 219 0.03 10.34 -29.94
N ILE A 220 -0.67 10.30 -28.80
CA ILE A 220 -0.06 10.34 -27.49
C ILE A 220 -0.61 9.18 -26.70
N VAL A 221 0.26 8.36 -26.11
CA VAL A 221 -0.17 7.33 -25.18
C VAL A 221 0.28 7.67 -23.74
N THR A 222 -0.62 7.42 -22.80
CA THR A 222 -0.33 7.68 -21.40
C THR A 222 -1.22 6.85 -20.49
N THR A 223 -1.01 7.06 -19.21
CA THR A 223 -1.70 6.31 -18.18
C THR A 223 -3.01 6.95 -17.76
N ASN A 224 -3.71 6.33 -16.81
CA ASN A 224 -5.11 6.66 -16.55
C ASN A 224 -5.38 8.12 -16.11
N LEU A 225 -4.95 8.49 -14.92
CA LEU A 225 -5.15 9.88 -14.49
C LEU A 225 -4.52 10.88 -15.46
N LEU A 226 -3.32 10.57 -15.88
CA LEU A 226 -2.57 11.44 -16.79
C LEU A 226 -3.36 11.71 -18.03
N GLY A 227 -3.93 10.64 -18.60
CA GLY A 227 -4.70 10.73 -19.82
C GLY A 227 -5.96 11.53 -19.61
N ASP A 228 -6.59 11.35 -18.47
CA ASP A 228 -7.81 12.07 -18.20
C ASP A 228 -7.53 13.55 -18.30
N ILE A 229 -6.39 13.96 -17.73
CA ILE A 229 -6.00 15.37 -17.69
C ILE A 229 -5.63 15.86 -19.07
N LEU A 230 -4.75 15.13 -19.76
CA LEU A 230 -4.33 15.54 -21.10
C LEU A 230 -5.48 15.62 -22.12
N SER A 231 -6.42 14.68 -22.06
CA SER A 231 -7.47 14.70 -23.06
C SER A 231 -8.27 15.96 -22.94
N ASP A 232 -8.53 16.38 -21.72
CA ASP A 232 -9.40 17.53 -21.51
C ASP A 232 -8.69 18.86 -21.81
N LEU A 233 -7.43 18.95 -21.42
CA LEU A 233 -6.56 19.98 -21.95
C LEU A 233 -6.73 20.04 -23.48
N ALA A 234 -6.42 18.94 -24.16
CA ALA A 234 -6.50 18.92 -25.61
C ALA A 234 -7.87 19.36 -26.15
N ALA A 235 -8.95 19.00 -25.46
CA ALA A 235 -10.32 19.39 -25.87
C ALA A 235 -10.51 20.92 -25.82
N GLY A 236 -9.89 21.54 -24.82
CA GLY A 236 -9.88 22.98 -24.73
C GLY A 236 -9.30 23.66 -25.94
N LEU A 237 -8.44 22.97 -26.69
CA LEU A 237 -7.77 23.56 -27.84
C LEU A 237 -8.68 23.64 -29.06
N VAL A 238 -9.74 22.82 -29.08
CA VAL A 238 -10.53 22.67 -30.28
C VAL A 238 -12.04 22.72 -30.03
N GLY A 239 -12.49 23.59 -29.13
CA GLY A 239 -13.92 23.80 -28.92
C GLY A 239 -14.51 23.40 -27.58
N GLY A 240 -13.73 22.75 -26.71
CA GLY A 240 -14.24 22.26 -25.43
C GLY A 240 -14.89 20.89 -25.50
N LEU A 241 -15.57 20.53 -24.43
CA LEU A 241 -16.20 19.22 -24.26
C LEU A 241 -17.46 19.05 -25.13
N GLY A 242 -18.08 20.15 -25.50
CA GLY A 242 -19.34 20.12 -26.20
C GLY A 242 -19.20 19.43 -27.54
N LEU A 243 -17.98 19.32 -28.06
CA LEU A 243 -17.76 18.75 -29.37
C LEU A 243 -16.85 17.50 -29.36
N ALA A 244 -16.62 16.94 -28.18
CA ALA A 244 -15.56 15.93 -28.03
C ALA A 244 -16.08 14.50 -28.11
N PRO A 245 -15.68 13.76 -29.16
CA PRO A 245 -16.08 12.36 -29.34
C PRO A 245 -15.16 11.47 -28.51
N SER A 246 -15.59 10.26 -28.16
CA SER A 246 -14.67 9.31 -27.50
C SER A 246 -15.05 7.84 -27.69
N GLY A 247 -14.07 6.97 -27.53
CA GLY A 247 -14.31 5.53 -27.61
C GLY A 247 -13.64 4.85 -26.45
N ASN A 248 -14.30 3.83 -25.91
CA ASN A 248 -13.73 2.94 -24.89
C ASN A 248 -13.70 1.55 -25.52
N ILE A 249 -12.50 1.09 -25.82
CA ILE A 249 -12.32 -0.06 -26.69
C ILE A 249 -11.52 -1.11 -25.99
N GLY A 250 -12.03 -2.33 -25.99
CA GLY A 250 -11.31 -3.48 -25.53
C GLY A 250 -11.14 -4.49 -26.65
N ASP A 251 -10.90 -5.75 -26.28
CA ASP A 251 -10.56 -6.74 -27.27
C ASP A 251 -11.79 -7.33 -27.95
N THR A 252 -12.95 -7.22 -27.31
CA THR A 252 -14.16 -7.88 -27.83
C THR A 252 -15.30 -6.89 -28.15
N THR A 253 -15.48 -5.88 -27.33
CA THR A 253 -16.44 -4.83 -27.64
C THR A 253 -15.89 -3.41 -27.47
N ALA A 254 -16.64 -2.42 -27.92
CA ALA A 254 -16.25 -1.03 -27.76
C ALA A 254 -17.48 -0.17 -27.52
N VAL A 255 -17.37 0.84 -26.67
CA VAL A 255 -18.50 1.73 -26.38
C VAL A 255 -18.08 3.17 -26.63
N PHE A 256 -18.79 3.84 -27.53
CA PHE A 256 -18.48 5.22 -27.93
C PHE A 256 -19.47 6.23 -27.34
N GLU A 257 -18.99 7.41 -26.98
CA GLU A 257 -19.82 8.37 -26.29
C GLU A 257 -19.26 9.78 -26.35
N PRO A 258 -20.15 10.78 -26.47
CA PRO A 258 -19.71 12.14 -26.29
C PRO A 258 -19.25 12.33 -24.83
N VAL A 259 -18.39 13.34 -24.61
CA VAL A 259 -17.87 13.60 -23.28
C VAL A 259 -18.63 14.74 -22.56
N HIS A 260 -19.57 15.38 -23.24
CA HIS A 260 -20.20 16.58 -22.67
C HIS A 260 -21.09 16.41 -21.44
N GLY A 261 -21.64 15.22 -21.17
CA GLY A 261 -22.54 15.16 -20.04
C GLY A 261 -24.00 15.45 -20.39
N SER A 262 -24.87 15.39 -19.39
CA SER A 262 -26.30 15.30 -19.67
C SER A 262 -26.92 16.64 -19.90
N ALA A 263 -26.30 17.68 -19.34
CA ALA A 263 -26.71 19.07 -19.52
C ALA A 263 -28.18 19.28 -19.13
N PRO A 264 -28.50 19.16 -17.83
CA PRO A 264 -29.90 19.19 -17.38
C PRO A 264 -30.58 20.56 -17.59
N ASP A 265 -29.77 21.61 -17.66
CA ASP A 265 -30.28 22.96 -17.81
C ASP A 265 -30.78 23.25 -19.23
N ILE A 266 -30.38 22.43 -20.21
CA ILE A 266 -30.93 22.54 -21.58
C ILE A 266 -31.68 21.32 -22.08
N ALA A 267 -31.68 20.26 -21.27
CA ALA A 267 -32.31 18.99 -21.65
C ALA A 267 -33.80 19.20 -21.92
N GLY A 268 -34.32 18.58 -22.97
CA GLY A 268 -35.72 18.77 -23.34
C GLY A 268 -36.08 19.95 -24.26
N LYS A 269 -35.13 20.84 -24.52
CA LYS A 269 -35.44 22.05 -25.26
C LYS A 269 -35.21 21.92 -26.77
N GLY A 270 -34.60 20.83 -27.20
CA GLY A 270 -34.36 20.63 -28.63
C GLY A 270 -33.29 21.54 -29.21
N ILE A 271 -32.29 21.88 -28.39
CA ILE A 271 -31.21 22.78 -28.84
C ILE A 271 -29.82 22.25 -28.57
N ALA A 272 -29.74 21.00 -28.11
CA ALA A 272 -28.46 20.34 -27.91
C ALA A 272 -27.75 20.12 -29.25
N ASN A 273 -26.44 20.24 -29.20
CA ASN A 273 -25.59 20.07 -30.37
C ASN A 273 -25.24 18.57 -30.50
N PRO A 274 -25.66 17.92 -31.60
CA PRO A 274 -25.39 16.51 -31.65
C PRO A 274 -24.01 16.18 -32.23
N THR A 275 -23.17 17.19 -32.42
CA THR A 275 -21.86 16.99 -33.04
C THR A 275 -21.01 15.93 -32.35
N ALA A 276 -20.88 16.03 -31.03
CA ALA A 276 -20.06 15.08 -30.29
C ALA A 276 -20.57 13.65 -30.44
N ALA A 277 -21.89 13.49 -30.48
CA ALA A 277 -22.44 12.18 -30.71
C ALA A 277 -22.18 11.69 -32.15
N ILE A 278 -22.46 12.54 -33.14
CA ILE A 278 -22.23 12.16 -34.54
C ILE A 278 -20.77 11.75 -34.73
N LEU A 279 -19.82 12.49 -34.15
CA LEU A 279 -18.40 12.17 -34.35
C LEU A 279 -18.02 10.88 -33.62
N SER A 280 -18.68 10.65 -32.49
CA SER A 280 -18.58 9.38 -31.79
C SER A 280 -19.10 8.23 -32.66
N ALA A 281 -20.22 8.44 -33.34
CA ALA A 281 -20.72 7.48 -34.32
C ALA A 281 -19.74 7.32 -35.51
N ALA A 282 -19.10 8.40 -35.94
CA ALA A 282 -18.00 8.30 -36.91
C ALA A 282 -16.86 7.45 -36.38
N MET A 283 -16.42 7.68 -35.14
CA MET A 283 -15.35 6.88 -34.54
C MET A 283 -15.74 5.42 -34.55
N MET A 284 -16.99 5.16 -34.20
CA MET A 284 -17.52 3.82 -34.18
C MET A 284 -17.47 3.17 -35.59
N LEU A 285 -17.86 3.91 -36.62
CA LEU A 285 -17.82 3.35 -37.98
C LEU A 285 -16.42 2.96 -38.33
N ASP A 286 -15.48 3.86 -38.00
CA ASP A 286 -14.06 3.57 -38.13
C ASP A 286 -13.64 2.28 -37.38
N TYR A 287 -13.99 2.18 -36.10
CA TYR A 287 -13.71 0.96 -35.34
C TYR A 287 -14.24 -0.28 -36.10
N LEU A 288 -15.44 -0.20 -36.68
CA LEU A 288 -16.06 -1.34 -37.37
C LEU A 288 -15.43 -1.66 -38.74
N GLY A 289 -14.64 -0.74 -39.27
CA GLY A 289 -13.97 -1.04 -40.52
C GLY A 289 -14.60 -0.31 -41.68
N GLU A 290 -15.59 0.53 -41.39
CA GLU A 290 -16.16 1.39 -42.40
C GLU A 290 -15.43 2.74 -42.44
N LYS A 291 -14.12 2.66 -42.70
CA LYS A 291 -13.23 3.82 -42.71
C LYS A 291 -13.73 4.97 -43.55
N GLU A 292 -14.25 4.66 -44.74
CA GLU A 292 -14.68 5.68 -45.70
C GLU A 292 -16.00 6.34 -45.33
N ALA A 293 -17.00 5.57 -44.88
CA ALA A 293 -18.22 6.13 -44.29
C ALA A 293 -17.92 7.08 -43.11
N ALA A 294 -17.02 6.66 -42.21
CA ALA A 294 -16.59 7.46 -41.05
C ALA A 294 -16.07 8.86 -41.48
N LYS A 295 -15.17 8.85 -42.48
CA LYS A 295 -14.63 10.07 -43.05
C LYS A 295 -15.71 10.95 -43.67
N ARG A 296 -16.69 10.32 -44.34
CA ARG A 296 -17.84 11.01 -44.89
C ARG A 296 -18.67 11.68 -43.80
N VAL A 297 -18.99 10.95 -42.74
CA VAL A 297 -19.75 11.50 -41.62
C VAL A 297 -19.03 12.72 -41.01
N GLU A 298 -17.72 12.60 -40.81
CA GLU A 298 -16.97 13.70 -40.24
C GLU A 298 -16.98 14.93 -41.14
N LYS A 299 -16.70 14.74 -42.42
CA LYS A 299 -16.81 15.81 -43.41
C LYS A 299 -18.20 16.53 -43.42
N ALA A 300 -19.27 15.73 -43.43
CA ALA A 300 -20.63 16.23 -43.26
C ALA A 300 -20.75 17.17 -42.05
N VAL A 301 -20.26 16.73 -40.90
CA VAL A 301 -20.24 17.55 -39.71
C VAL A 301 -19.41 18.83 -39.89
N ASP A 302 -18.20 18.74 -40.44
CA ASP A 302 -17.40 19.96 -40.62
C ASP A 302 -18.06 20.92 -41.60
N LEU A 303 -18.66 20.40 -42.67
CA LEU A 303 -19.32 21.23 -43.64
C LEU A 303 -20.34 22.09 -42.89
N VAL A 304 -21.22 21.43 -42.14
CA VAL A 304 -22.29 22.10 -41.40
C VAL A 304 -21.73 23.06 -40.33
N LEU A 305 -20.67 22.67 -39.64
CA LEU A 305 -20.07 23.56 -38.64
C LEU A 305 -19.63 24.89 -39.24
N GLU A 306 -18.99 24.82 -40.40
CA GLU A 306 -18.55 26.00 -41.12
C GLU A 306 -19.69 26.79 -41.79
N ARG A 307 -20.68 26.09 -42.36
CA ARG A 307 -21.61 26.70 -43.35
C ARG A 307 -23.09 26.38 -43.23
N GLY A 308 -23.46 25.68 -42.16
CA GLY A 308 -24.86 25.27 -41.96
C GLY A 308 -25.38 25.87 -40.66
N PRO A 309 -26.57 25.42 -40.24
CA PRO A 309 -27.17 25.88 -38.99
C PRO A 309 -26.24 25.62 -37.82
N ARG A 310 -26.17 26.60 -36.92
CA ARG A 310 -25.39 26.46 -35.71
C ARG A 310 -26.33 26.46 -34.51
N THR A 311 -26.08 25.55 -33.57
CA THR A 311 -26.81 25.45 -32.30
C THR A 311 -26.33 26.55 -31.33
N PRO A 312 -27.15 26.89 -30.32
CA PRO A 312 -26.82 28.03 -29.44
C PRO A 312 -25.46 28.04 -28.82
N ASP A 313 -24.93 26.86 -28.48
CA ASP A 313 -23.62 26.76 -27.85
C ASP A 313 -22.55 27.22 -28.84
N LEU A 314 -22.92 27.31 -30.11
CA LEU A 314 -22.02 27.81 -31.16
C LEU A 314 -22.40 29.17 -31.66
N GLY A 315 -23.31 29.86 -30.99
CA GLY A 315 -23.66 31.21 -31.39
C GLY A 315 -24.78 31.30 -32.41
N GLY A 316 -25.45 30.19 -32.65
CA GLY A 316 -26.51 30.13 -33.65
C GLY A 316 -27.79 29.85 -32.94
N ASP A 317 -28.86 29.66 -33.68
CA ASP A 317 -30.16 29.38 -33.08
C ASP A 317 -30.87 28.17 -33.71
N ALA A 318 -30.09 27.30 -34.34
CA ALA A 318 -30.62 26.09 -34.90
C ALA A 318 -30.95 25.11 -33.78
N THR A 319 -32.09 24.44 -33.96
CA THR A 319 -32.47 23.29 -33.15
C THR A 319 -31.52 22.10 -33.42
N THR A 320 -31.61 21.07 -32.59
CA THR A 320 -30.93 19.80 -32.80
C THR A 320 -31.41 19.24 -34.13
N GLU A 321 -32.72 19.38 -34.35
CA GLU A 321 -33.43 18.97 -35.55
C GLU A 321 -32.80 19.59 -36.82
N ALA A 322 -32.82 20.92 -36.91
CA ALA A 322 -32.28 21.61 -38.09
C ALA A 322 -30.82 21.23 -38.37
N PHE A 323 -30.01 21.17 -37.32
CA PHE A 323 -28.59 20.83 -37.46
C PHE A 323 -28.40 19.42 -38.04
N THR A 324 -29.18 18.47 -37.48
CA THR A 324 -29.12 17.06 -37.85
C THR A 324 -29.52 16.87 -39.30
N GLU A 325 -30.56 17.60 -39.74
CA GLU A 325 -31.02 17.55 -41.12
C GLU A 325 -29.94 18.05 -42.04
N ALA A 326 -29.34 19.18 -41.67
CA ALA A 326 -28.24 19.74 -42.44
C ALA A 326 -27.09 18.70 -42.62
N VAL A 327 -26.71 18.01 -41.53
CA VAL A 327 -25.68 16.96 -41.65
C VAL A 327 -26.13 15.85 -42.58
N VAL A 328 -27.30 15.26 -42.32
CA VAL A 328 -27.92 14.26 -43.19
C VAL A 328 -27.84 14.66 -44.69
N GLU A 329 -28.27 15.88 -45.02
CA GLU A 329 -28.19 16.38 -46.39
C GLU A 329 -26.76 16.52 -46.85
N ALA A 330 -25.92 17.17 -46.05
CA ALA A 330 -24.51 17.33 -46.45
C ALA A 330 -23.92 15.97 -46.79
N LEU A 331 -24.10 15.01 -45.89
CA LEU A 331 -23.60 13.66 -46.07
C LEU A 331 -24.05 13.01 -47.36
N LYS A 332 -25.31 13.22 -47.75
CA LYS A 332 -25.86 12.57 -48.92
C LYS A 332 -25.35 13.20 -50.23
N SER A 333 -24.34 14.06 -50.11
CA SER A 333 -23.76 14.77 -51.25
C SER A 333 -22.27 14.53 -51.39
N LEU A 334 -21.75 13.53 -50.68
CA LEU A 334 -20.33 13.17 -50.68
C LEU A 334 -20.12 11.69 -51.07
N ALA B 2 19.48 44.79 6.83
CA ALA B 2 19.89 44.16 5.53
C ALA B 2 19.33 42.76 5.38
N TYR B 3 19.03 42.39 4.14
CA TYR B 3 18.64 41.01 3.81
C TYR B 3 19.86 40.23 3.29
N ARG B 4 19.94 38.98 3.72
CA ARG B 4 20.99 38.06 3.28
C ARG B 4 20.40 37.09 2.26
N ILE B 5 20.88 37.17 1.01
CA ILE B 5 20.42 36.33 -0.08
C ILE B 5 21.47 35.26 -0.44
N CYS B 6 21.08 34.00 -0.45
CA CYS B 6 21.97 32.93 -0.93
C CYS B 6 21.79 32.76 -2.45
N LEU B 7 22.89 32.80 -3.19
CA LEU B 7 22.87 32.61 -4.63
C LEU B 7 23.51 31.28 -4.96
N ILE B 8 22.79 30.48 -5.74
CA ILE B 8 23.27 29.17 -6.18
C ILE B 8 23.05 29.14 -7.68
N GLU B 9 24.12 29.01 -8.42
CA GLU B 9 24.03 29.10 -9.86
C GLU B 9 23.56 27.77 -10.42
N GLY B 10 24.10 26.68 -9.87
CA GLY B 10 23.75 25.38 -10.35
C GLY B 10 24.46 25.11 -11.63
N ASP B 11 23.73 24.57 -12.61
CA ASP B 11 24.28 24.06 -13.84
C ASP B 11 23.95 24.88 -15.11
N GLY B 12 24.81 24.70 -16.13
CA GLY B 12 24.64 25.33 -17.43
C GLY B 12 24.47 26.83 -17.33
N ILE B 13 23.31 27.28 -17.76
CA ILE B 13 23.00 28.70 -17.89
C ILE B 13 22.53 29.30 -16.59
N GLY B 14 22.45 28.48 -15.54
CA GLY B 14 22.35 29.04 -14.19
C GLY B 14 23.53 29.97 -13.91
N HIS B 15 24.67 29.68 -14.54
CA HIS B 15 25.88 30.46 -14.36
C HIS B 15 25.78 31.77 -15.10
N GLU B 16 24.71 31.94 -15.88
CA GLU B 16 24.49 33.23 -16.56
C GLU B 16 23.27 33.99 -16.05
N VAL B 17 22.24 33.28 -15.61
CA VAL B 17 21.01 33.97 -15.23
C VAL B 17 21.05 34.43 -13.77
N ILE B 18 21.83 33.74 -12.95
CA ILE B 18 21.96 34.12 -11.55
C ILE B 18 22.79 35.40 -11.37
N PRO B 19 23.96 35.51 -12.03
CA PRO B 19 24.61 36.84 -12.05
C PRO B 19 23.74 37.93 -12.63
N ALA B 20 22.92 37.60 -13.63
CA ALA B 20 22.01 38.56 -14.17
C ALA B 20 21.10 39.11 -13.09
N ALA B 21 20.51 38.20 -12.29
CA ALA B 21 19.50 38.55 -11.26
C ALA B 21 20.12 39.27 -10.08
N ARG B 22 21.34 38.89 -9.75
CA ARG B 22 22.10 39.56 -8.71
C ARG B 22 22.23 41.04 -9.06
N ARG B 23 22.57 41.35 -10.31
CA ARG B 23 22.72 42.74 -10.77
C ARG B 23 21.42 43.51 -10.64
N VAL B 24 20.33 42.87 -11.07
CA VAL B 24 19.03 43.56 -11.07
C VAL B 24 18.65 43.83 -9.64
N LEU B 25 18.82 42.82 -8.78
CA LEU B 25 18.58 42.95 -7.36
C LEU B 25 19.34 44.13 -6.74
N GLU B 26 20.63 44.25 -7.07
CA GLU B 26 21.45 45.37 -6.57
C GLU B 26 20.94 46.72 -7.06
N ALA B 27 20.44 46.78 -8.30
CA ALA B 27 19.82 47.98 -8.85
C ALA B 27 18.54 48.42 -8.11
N THR B 28 17.96 47.57 -7.26
CA THR B 28 16.81 48.01 -6.50
C THR B 28 17.19 49.10 -5.49
N GLY B 29 18.46 49.12 -5.10
CA GLY B 29 18.93 50.01 -4.02
C GLY B 29 18.71 49.46 -2.62
N LEU B 30 18.02 48.32 -2.50
CA LEU B 30 17.82 47.65 -1.20
C LEU B 30 19.14 47.20 -0.56
N PRO B 31 19.17 47.13 0.79
CA PRO B 31 20.27 46.57 1.57
C PRO B 31 20.42 45.02 1.45
N LEU B 32 21.26 44.58 0.52
CA LEU B 32 21.37 43.17 0.18
C LEU B 32 22.80 42.69 0.34
N GLU B 33 22.93 41.57 1.03
CA GLU B 33 24.18 40.89 1.27
C GLU B 33 24.12 39.51 0.59
N PHE B 34 25.07 39.20 -0.28
CA PHE B 34 25.03 37.97 -1.04
C PHE B 34 26.03 36.95 -0.56
N VAL B 35 25.53 35.76 -0.28
CA VAL B 35 26.36 34.59 -0.01
C VAL B 35 26.30 33.60 -1.20
N GLU B 36 27.37 32.91 -1.52
CA GLU B 36 27.29 31.95 -2.62
C GLU B 36 27.29 30.53 -2.06
N ALA B 37 26.51 29.66 -2.68
CA ALA B 37 26.63 28.20 -2.45
C ALA B 37 26.43 27.40 -3.76
N GLU B 38 26.77 26.12 -3.75
CA GLU B 38 26.66 25.28 -4.96
C GLU B 38 25.72 24.06 -4.75
N ALA B 39 25.10 23.63 -5.83
CA ALA B 39 24.23 22.44 -5.86
C ALA B 39 24.10 22.00 -7.30
N GLY B 40 23.73 20.75 -7.53
CA GLY B 40 23.38 20.29 -8.88
C GLY B 40 24.35 19.28 -9.47
N TRP B 41 24.21 19.02 -10.76
CA TRP B 41 24.99 18.00 -11.46
C TRP B 41 26.50 18.29 -11.48
N GLU B 42 26.88 19.50 -11.89
CA GLU B 42 28.30 19.87 -11.86
C GLU B 42 28.92 19.73 -10.46
N THR B 43 28.24 20.27 -9.47
CA THR B 43 28.61 19.98 -8.10
C THR B 43 28.78 18.48 -7.86
N PHE B 44 27.79 17.69 -8.29
CA PHE B 44 27.80 16.24 -8.08
C PHE B 44 29.05 15.59 -8.67
N GLU B 45 29.37 15.98 -9.90
CA GLU B 45 30.57 15.49 -10.59
C GLU B 45 31.89 15.79 -9.85
N ARG B 46 31.92 16.86 -9.06
CA ARG B 46 33.04 17.11 -8.17
C ARG B 46 32.96 16.37 -6.84
N ARG B 47 31.82 16.35 -6.16
CA ARG B 47 31.81 15.89 -4.75
C ARG B 47 30.88 14.73 -4.37
N GLY B 48 30.31 14.04 -5.35
CA GLY B 48 29.56 12.83 -5.10
C GLY B 48 28.20 13.06 -4.50
N THR B 49 27.78 14.32 -4.44
CA THR B 49 26.50 14.71 -3.88
C THR B 49 26.06 16.00 -4.57
N SER B 50 24.76 16.19 -4.73
CA SER B 50 24.28 17.34 -5.50
C SER B 50 23.85 18.49 -4.59
N VAL B 51 23.77 18.19 -3.30
CA VAL B 51 23.61 19.19 -2.26
C VAL B 51 24.57 18.83 -1.11
N PRO B 52 25.80 19.36 -1.15
CA PRO B 52 26.67 19.26 0.03
C PRO B 52 26.00 19.83 1.28
N GLU B 53 26.37 19.31 2.43
CA GLU B 53 25.85 19.81 3.70
C GLU B 53 25.98 21.34 3.91
N GLU B 54 27.12 21.90 3.53
CA GLU B 54 27.39 23.35 3.57
C GLU B 54 26.32 24.18 2.90
N THR B 55 25.81 23.67 1.79
CA THR B 55 24.85 24.39 0.99
C THR B 55 23.54 24.47 1.76
N VAL B 56 23.21 23.40 2.48
CA VAL B 56 22.06 23.40 3.36
C VAL B 56 22.27 24.47 4.44
N GLU B 57 23.47 24.49 5.00
CA GLU B 57 23.80 25.39 6.09
C GLU B 57 23.80 26.83 5.64
N LYS B 58 24.27 27.07 4.43
CA LYS B 58 24.29 28.42 3.89
C LYS B 58 22.90 28.89 3.56
N ILE B 59 22.08 28.00 2.97
CA ILE B 59 20.67 28.29 2.75
C ILE B 59 20.04 28.78 4.06
N LEU B 60 20.13 27.97 5.12
CA LEU B 60 19.46 28.24 6.39
C LEU B 60 19.96 29.48 7.11
N SER B 61 21.17 29.91 6.76
CA SER B 61 21.77 31.15 7.24
C SER B 61 21.28 32.42 6.57
N CYS B 62 20.44 32.32 5.53
CA CYS B 62 20.01 33.51 4.78
C CYS B 62 18.50 33.69 4.82
N HIS B 63 18.05 34.87 4.42
CA HIS B 63 16.61 35.17 4.45
C HIS B 63 15.90 34.39 3.35
N ALA B 64 16.54 34.30 2.20
CA ALA B 64 15.98 33.58 1.07
C ALA B 64 17.09 33.09 0.16
N THR B 65 16.77 32.14 -0.72
CA THR B 65 17.72 31.61 -1.66
C THR B 65 17.15 31.72 -3.07
N LEU B 66 18.03 32.12 -3.99
CA LEU B 66 17.75 32.13 -5.40
C LEU B 66 18.63 31.05 -6.01
N PHE B 67 18.03 30.13 -6.75
CA PHE B 67 18.76 29.02 -7.38
C PHE B 67 18.61 29.09 -8.90
N GLY B 68 19.70 28.86 -9.64
CA GLY B 68 19.74 29.00 -11.12
C GLY B 68 19.13 27.87 -11.93
N ALA B 69 19.91 26.83 -12.22
CA ALA B 69 19.39 25.64 -12.93
C ALA B 69 19.98 24.33 -12.41
N ALA B 70 19.17 23.28 -12.36
CA ALA B 70 19.69 21.91 -12.17
C ALA B 70 19.59 21.06 -13.44
N THR B 71 20.72 20.51 -13.88
CA THR B 71 20.77 19.60 -15.05
C THR B 71 19.96 18.31 -14.82
N SER B 72 19.01 18.08 -15.71
CA SER B 72 18.20 16.84 -15.72
C SER B 72 19.12 15.67 -16.16
N PRO B 73 19.26 14.63 -15.30
CA PRO B 73 20.14 13.52 -15.73
C PRO B 73 19.42 12.65 -16.80
N THR B 74 20.13 12.29 -17.88
CA THR B 74 19.54 11.43 -18.93
C THR B 74 19.55 9.95 -18.48
N ARG B 75 20.74 9.35 -18.42
CA ARG B 75 20.99 8.09 -17.71
C ARG B 75 20.60 8.26 -16.23
N LYS B 76 20.40 7.16 -15.52
CA LYS B 76 20.27 7.27 -14.07
C LYS B 76 21.67 7.05 -13.48
N VAL B 77 22.00 7.83 -12.46
CA VAL B 77 23.38 7.84 -11.93
C VAL B 77 23.49 7.40 -10.45
N PRO B 78 24.22 6.31 -10.18
CA PRO B 78 24.35 5.93 -8.78
C PRO B 78 24.78 7.10 -7.90
N GLY B 79 24.01 7.36 -6.83
CA GLY B 79 24.28 8.44 -5.89
C GLY B 79 23.71 9.83 -6.17
N PHE B 80 23.19 10.06 -7.38
CA PHE B 80 22.76 11.40 -7.82
C PHE B 80 21.27 11.68 -7.68
N PHE B 81 20.87 12.12 -6.49
CA PHE B 81 19.57 12.75 -6.23
C PHE B 81 19.54 14.16 -6.81
N GLY B 82 18.45 14.53 -7.48
CA GLY B 82 18.29 15.91 -8.01
C GLY B 82 18.10 16.93 -6.88
N ALA B 83 18.69 18.11 -7.04
CA ALA B 83 18.89 19.06 -5.93
C ALA B 83 17.62 19.72 -5.39
N ILE B 84 16.78 20.22 -6.29
CA ILE B 84 15.51 20.86 -5.90
C ILE B 84 14.59 19.86 -5.18
N ARG B 85 14.47 18.67 -5.75
CA ARG B 85 13.70 17.60 -5.11
C ARG B 85 14.17 17.42 -3.67
N TYR B 86 15.49 17.41 -3.47
CA TYR B 86 16.10 17.19 -2.17
C TYR B 86 15.83 18.35 -1.19
N LEU B 87 16.06 19.58 -1.64
CA LEU B 87 15.91 20.78 -0.79
C LEU B 87 14.46 20.97 -0.33
N ARG B 88 13.54 20.67 -1.26
CA ARG B 88 12.12 20.60 -0.95
C ARG B 88 11.84 19.76 0.29
N ARG B 89 12.44 18.55 0.35
CA ARG B 89 12.28 17.62 1.49
C ARG B 89 13.08 18.09 2.70
N ARG B 90 14.40 18.24 2.56
CA ARG B 90 15.24 18.66 3.66
C ARG B 90 14.77 19.93 4.37
N LEU B 91 14.36 20.94 3.60
CA LEU B 91 13.99 22.23 4.16
C LEU B 91 12.47 22.38 4.34
N ASP B 92 11.74 21.34 3.98
CA ASP B 92 10.29 21.34 4.14
C ASP B 92 9.59 22.48 3.38
N LEU B 93 9.98 22.65 2.12
CA LEU B 93 9.41 23.73 1.31
C LEU B 93 8.09 23.24 0.75
N TYR B 94 7.05 23.32 1.56
CA TYR B 94 5.86 22.56 1.29
C TYR B 94 4.97 23.20 0.23
N ALA B 95 5.22 24.47 -0.08
CA ALA B 95 4.38 25.20 -1.02
C ALA B 95 5.16 25.60 -2.26
N ASN B 96 4.73 25.08 -3.41
CA ASN B 96 5.32 25.40 -4.71
C ASN B 96 4.44 26.47 -5.31
N VAL B 97 5.00 27.66 -5.52
CA VAL B 97 4.22 28.77 -6.07
C VAL B 97 4.64 29.10 -7.49
N ARG B 98 3.69 28.96 -8.41
CA ARG B 98 3.96 29.20 -9.84
C ARG B 98 3.02 30.21 -10.45
N PRO B 99 3.38 31.50 -10.49
CA PRO B 99 2.52 32.42 -11.25
C PRO B 99 2.54 32.19 -12.77
N ALA B 100 1.42 32.48 -13.43
CA ALA B 100 1.34 32.53 -14.88
C ALA B 100 0.71 33.85 -15.27
N LYS B 101 1.54 34.76 -15.78
CA LYS B 101 1.12 36.12 -16.12
C LYS B 101 1.52 36.48 -17.56
N SER B 102 0.60 37.15 -18.28
CA SER B 102 0.86 37.64 -19.62
C SER B 102 2.06 38.58 -19.66
N ARG B 103 2.89 38.45 -20.68
CA ARG B 103 4.05 39.32 -20.86
C ARG B 103 3.97 39.86 -22.26
N PRO B 104 4.56 41.04 -22.52
CA PRO B 104 4.61 41.56 -23.89
C PRO B 104 5.56 40.79 -24.79
N VAL B 105 5.25 39.53 -25.10
CA VAL B 105 6.17 38.70 -25.89
C VAL B 105 5.44 37.93 -27.00
N PRO B 106 6.17 37.54 -28.08
CA PRO B 106 5.49 36.85 -29.19
C PRO B 106 4.74 35.58 -28.75
N GLY B 107 3.47 35.49 -29.19
CA GLY B 107 2.62 34.34 -28.87
C GLY B 107 2.45 34.02 -27.39
N SER B 108 1.96 34.99 -26.61
CA SER B 108 1.57 34.76 -25.23
C SER B 108 0.21 35.43 -25.05
N ARG B 109 -0.80 34.67 -24.64
CA ARG B 109 -2.14 35.23 -24.51
C ARG B 109 -2.13 36.42 -23.56
N PRO B 110 -2.92 37.47 -23.88
CA PRO B 110 -3.13 38.54 -22.91
C PRO B 110 -4.20 38.11 -21.92
N GLY B 111 -4.48 38.96 -20.94
CA GLY B 111 -5.56 38.74 -20.00
C GLY B 111 -5.37 37.61 -19.00
N VAL B 112 -4.18 37.02 -18.95
CA VAL B 112 -3.88 35.97 -17.98
C VAL B 112 -3.09 36.57 -16.80
N ASP B 113 -3.57 36.26 -15.60
CA ASP B 113 -2.90 36.62 -14.36
C ASP B 113 -3.41 35.68 -13.28
N LEU B 114 -2.70 34.58 -13.09
CA LEU B 114 -3.07 33.56 -12.08
C LEU B 114 -1.85 32.99 -11.37
N VAL B 115 -2.12 32.40 -10.20
CA VAL B 115 -1.08 31.78 -9.37
C VAL B 115 -1.49 30.35 -9.03
N ILE B 116 -0.66 29.39 -9.44
CA ILE B 116 -0.90 28.00 -9.04
C ILE B 116 -0.02 27.62 -7.87
N VAL B 117 -0.68 27.29 -6.77
CA VAL B 117 -0.03 26.89 -5.54
C VAL B 117 -0.12 25.36 -5.45
N ARG B 118 1.01 24.66 -5.64
CA ARG B 118 1.00 23.18 -5.53
C ARG B 118 1.66 22.61 -4.29
N GLU B 119 0.95 21.73 -3.60
CA GLU B 119 1.43 20.93 -2.47
C GLU B 119 2.74 20.26 -2.87
N ASN B 120 3.78 20.36 -2.03
CA ASN B 120 5.14 20.12 -2.50
C ASN B 120 5.83 18.96 -1.78
N THR B 121 5.05 18.21 -1.02
CA THR B 121 5.54 17.37 0.03
C THR B 121 5.10 15.89 -0.07
N GLU B 122 3.88 15.67 -0.55
CA GLU B 122 3.28 14.33 -0.55
C GLU B 122 2.55 13.99 -1.89
N GLY B 123 1.35 13.42 -1.82
CA GLY B 123 0.73 12.82 -3.00
C GLY B 123 1.64 11.74 -3.57
N LEU B 124 1.71 11.64 -4.89
CA LEU B 124 2.58 10.68 -5.56
C LEU B 124 4.07 10.89 -5.29
N TYR B 125 4.41 12.07 -4.79
CA TYR B 125 5.78 12.49 -4.58
C TYR B 125 6.41 11.98 -3.28
N VAL B 126 5.68 11.17 -2.51
CA VAL B 126 6.25 10.50 -1.34
C VAL B 126 7.29 9.49 -1.81
N GLU B 127 7.13 9.06 -3.06
CA GLU B 127 8.07 8.20 -3.76
C GLU B 127 8.27 6.91 -2.98
N GLN B 128 7.13 6.24 -2.72
CA GLN B 128 7.11 4.97 -2.06
C GLN B 128 6.56 3.92 -3.04
N GLU B 129 7.43 3.50 -3.95
CA GLU B 129 7.11 2.53 -4.99
C GLU B 129 7.62 1.13 -4.63
N ARG B 130 6.98 0.10 -5.18
CA ARG B 130 7.41 -1.29 -5.02
C ARG B 130 7.10 -2.01 -6.32
N ARG B 131 7.94 -2.96 -6.68
CA ARG B 131 7.67 -3.77 -7.87
C ARG B 131 7.69 -5.24 -7.47
N TYR B 132 6.53 -5.90 -7.56
CA TYR B 132 6.40 -7.35 -7.29
C TYR B 132 6.01 -8.07 -8.58
N LEU B 133 6.85 -9.03 -8.99
CA LEU B 133 6.72 -9.68 -10.31
C LEU B 133 6.54 -8.60 -11.39
N ASP B 134 5.44 -8.62 -12.15
CA ASP B 134 5.23 -7.64 -13.23
C ASP B 134 4.10 -6.63 -12.93
N VAL B 135 3.95 -6.35 -11.64
CA VAL B 135 3.04 -5.33 -11.09
C VAL B 135 3.84 -4.36 -10.21
N ALA B 136 3.70 -3.07 -10.50
CA ALA B 136 4.35 -2.01 -9.70
C ALA B 136 3.30 -1.17 -9.03
N ILE B 137 3.60 -0.71 -7.81
CA ILE B 137 2.66 0.04 -6.97
C ILE B 137 3.37 1.24 -6.35
N ALA B 138 2.67 2.37 -6.29
CA ALA B 138 3.17 3.59 -5.70
C ALA B 138 2.17 4.13 -4.65
N ASP B 139 2.64 4.55 -3.48
CA ASP B 139 1.70 5.21 -2.58
C ASP B 139 1.41 6.59 -3.16
N ALA B 140 0.13 6.96 -3.13
CA ALA B 140 -0.30 8.32 -3.32
C ALA B 140 -0.91 8.74 -1.97
N VAL B 141 -0.24 9.66 -1.29
CA VAL B 141 -0.57 9.98 0.10
C VAL B 141 -1.07 11.41 0.28
N ILE B 142 -2.23 11.55 0.92
CA ILE B 142 -2.81 12.85 1.24
C ILE B 142 -3.04 12.87 2.75
N SER B 143 -2.51 13.87 3.43
CA SER B 143 -2.76 13.99 4.85
C SER B 143 -3.53 15.26 5.12
N LYS B 144 -4.28 15.28 6.21
CA LYS B 144 -4.99 16.47 6.67
C LYS B 144 -4.03 17.61 7.03
N LYS B 145 -2.90 17.28 7.66
CA LYS B 145 -1.90 18.28 8.02
C LYS B 145 -1.35 19.00 6.78
N ALA B 146 -0.86 18.24 5.80
CA ALA B 146 -0.20 18.87 4.64
C ALA B 146 -1.22 19.70 3.84
N SER B 147 -2.47 19.22 3.87
CA SER B 147 -3.57 19.89 3.17
C SER B 147 -3.94 21.20 3.82
N GLU B 148 -3.91 21.26 5.15
CA GLU B 148 -4.10 22.53 5.88
C GLU B 148 -2.97 23.48 5.56
N ARG B 149 -1.75 22.98 5.65
CA ARG B 149 -0.60 23.81 5.36
C ARG B 149 -0.74 24.43 3.94
N ILE B 150 -0.92 23.59 2.93
CA ILE B 150 -1.08 24.08 1.58
C ILE B 150 -2.36 24.92 1.39
N GLY B 151 -3.45 24.56 2.07
CA GLY B 151 -4.66 25.38 2.04
C GLY B 151 -4.43 26.82 2.50
N ARG B 152 -3.93 26.96 3.74
CA ARG B 152 -3.63 28.25 4.34
C ARG B 152 -2.65 29.08 3.51
N ALA B 153 -1.66 28.44 2.90
CA ALA B 153 -0.71 29.16 2.07
C ALA B 153 -1.43 29.81 0.89
N ALA B 154 -2.19 28.98 0.14
CA ALA B 154 -2.93 29.42 -1.04
C ALA B 154 -3.98 30.47 -0.68
N LEU B 155 -4.60 30.30 0.47
CA LEU B 155 -5.50 31.30 0.97
C LEU B 155 -4.79 32.64 1.31
N ARG B 156 -3.61 32.60 1.94
CA ARG B 156 -2.87 33.82 2.26
C ARG B 156 -2.52 34.53 0.96
N ILE B 157 -2.14 33.76 -0.06
CA ILE B 157 -1.78 34.32 -1.38
C ILE B 157 -2.97 34.99 -2.09
N ALA B 158 -4.13 34.35 -2.01
CA ALA B 158 -5.35 34.82 -2.70
C ALA B 158 -5.85 36.12 -2.12
N GLU B 159 -5.82 36.21 -0.80
CA GLU B 159 -6.28 37.34 0.00
C GLU B 159 -5.47 38.61 -0.17
N GLY B 160 -4.21 38.44 -0.56
CA GLY B 160 -3.33 39.57 -0.90
C GLY B 160 -3.40 39.90 -2.38
N ARG B 161 -4.28 39.23 -3.11
CA ARG B 161 -4.47 39.53 -4.52
C ARG B 161 -5.83 40.21 -4.69
N PRO B 162 -5.99 41.01 -5.77
CA PRO B 162 -7.19 41.84 -5.88
C PRO B 162 -8.47 41.06 -5.99
N ARG B 163 -8.52 40.06 -6.87
CA ARG B 163 -9.79 39.35 -7.10
C ARG B 163 -10.28 38.43 -5.97
N LYS B 164 -9.47 38.27 -4.90
CA LYS B 164 -9.86 37.50 -3.69
C LYS B 164 -10.46 36.09 -3.99
N THR B 165 -9.96 35.40 -5.01
CA THR B 165 -10.58 34.12 -5.46
C THR B 165 -9.64 32.92 -5.46
N LEU B 166 -10.13 31.79 -4.92
CA LEU B 166 -9.40 30.50 -4.93
C LEU B 166 -10.20 29.37 -5.58
N HIS B 167 -9.58 28.65 -6.51
CA HIS B 167 -10.12 27.37 -6.99
C HIS B 167 -9.36 26.19 -6.42
N ILE B 168 -10.06 25.31 -5.72
CA ILE B 168 -9.44 24.07 -5.32
C ILE B 168 -9.54 23.05 -6.50
N ALA B 169 -8.42 22.73 -7.15
CA ALA B 169 -8.48 21.74 -8.22
C ALA B 169 -8.20 20.35 -7.64
N HIS B 170 -9.07 19.40 -7.98
CA HIS B 170 -9.01 18.10 -7.34
C HIS B 170 -9.60 17.00 -8.19
N LYS B 171 -9.51 15.77 -7.67
CA LYS B 171 -10.17 14.61 -8.26
C LYS B 171 -10.95 13.74 -7.20
N ALA B 172 -11.68 14.41 -6.31
CA ALA B 172 -12.43 13.74 -5.24
C ALA B 172 -13.50 12.75 -5.74
N ASN B 173 -13.97 12.93 -6.97
CA ASN B 173 -14.97 12.02 -7.51
C ASN B 173 -14.45 10.61 -7.71
N VAL B 174 -13.24 10.47 -8.25
CA VAL B 174 -12.64 9.18 -8.52
C VAL B 174 -11.87 8.71 -7.30
N LEU B 175 -11.34 9.66 -6.54
CA LEU B 175 -10.56 9.38 -5.31
C LEU B 175 -11.12 10.17 -4.14
N PRO B 176 -12.23 9.69 -3.54
CA PRO B 176 -12.87 10.41 -2.40
C PRO B 176 -12.14 10.30 -1.07
N LEU B 177 -11.30 9.28 -0.89
CA LEU B 177 -10.58 9.21 0.38
C LEU B 177 -9.36 10.15 0.46
N THR B 178 -8.49 10.10 -0.55
CA THR B 178 -7.32 10.98 -0.59
C THR B 178 -7.70 12.39 -1.07
N GLN B 179 -8.18 12.47 -2.31
CA GLN B 179 -8.45 13.76 -2.96
C GLN B 179 -9.60 14.47 -2.26
N GLY B 180 -10.56 13.69 -1.74
CA GLY B 180 -11.65 14.26 -0.95
C GLY B 180 -11.18 14.86 0.36
N LEU B 181 -10.21 14.18 1.00
CA LEU B 181 -9.61 14.70 2.20
C LEU B 181 -8.97 16.08 1.92
N PHE B 182 -8.23 16.18 0.81
CA PHE B 182 -7.62 17.42 0.41
C PHE B 182 -8.65 18.52 0.10
N LEU B 183 -9.64 18.21 -0.74
CA LEU B 183 -10.76 19.14 -0.97
C LEU B 183 -11.39 19.66 0.32
N ASP B 184 -11.82 18.73 1.18
CA ASP B 184 -12.52 19.08 2.43
C ASP B 184 -11.65 19.90 3.40
N THR B 185 -10.39 19.56 3.53
CA THR B 185 -9.54 20.27 4.48
C THR B 185 -9.31 21.71 4.01
N VAL B 186 -9.03 21.90 2.73
CA VAL B 186 -8.90 23.25 2.24
C VAL B 186 -10.20 24.05 2.47
N LYS B 187 -11.36 23.47 2.14
CA LYS B 187 -12.64 24.11 2.42
C LYS B 187 -12.77 24.47 3.91
N GLU B 188 -12.40 23.53 4.77
CA GLU B 188 -12.46 23.78 6.21
C GLU B 188 -11.58 24.95 6.64
N VAL B 189 -10.32 24.88 6.26
CA VAL B 189 -9.30 25.88 6.57
C VAL B 189 -9.62 27.24 5.93
N ALA B 190 -10.42 27.24 4.87
CA ALA B 190 -10.82 28.47 4.20
C ALA B 190 -11.77 29.30 5.05
N LYS B 191 -12.24 28.74 6.17
CA LYS B 191 -13.20 29.49 6.97
C LYS B 191 -12.63 30.65 7.79
N ASP B 192 -11.32 30.68 8.04
CA ASP B 192 -10.67 31.84 8.68
C ASP B 192 -10.22 32.86 7.66
N PHE B 193 -10.72 32.77 6.43
CA PHE B 193 -10.39 33.72 5.38
C PHE B 193 -11.67 34.31 4.75
N PRO B 194 -12.46 35.05 5.56
CA PRO B 194 -13.81 35.51 5.17
C PRO B 194 -13.82 36.24 3.83
N LEU B 195 -12.73 36.95 3.54
CA LEU B 195 -12.61 37.73 2.31
C LEU B 195 -12.43 36.94 1.02
N VAL B 196 -12.18 35.62 1.08
CA VAL B 196 -11.86 34.84 -0.13
C VAL B 196 -13.05 34.02 -0.65
N ASN B 197 -13.33 34.15 -1.95
CA ASN B 197 -14.30 33.33 -2.68
C ASN B 197 -13.63 32.04 -3.13
N VAL B 198 -14.13 30.95 -2.56
CA VAL B 198 -13.56 29.62 -2.73
C VAL B 198 -14.52 28.79 -3.54
N GLN B 199 -14.08 28.41 -4.73
CA GLN B 199 -14.78 27.44 -5.57
C GLN B 199 -13.96 26.17 -5.67
N ASP B 200 -14.60 25.09 -6.05
CA ASP B 200 -13.85 23.90 -6.40
C ASP B 200 -14.16 23.39 -7.80
N ILE B 201 -13.19 22.74 -8.40
CA ILE B 201 -13.28 22.39 -9.78
C ILE B 201 -12.54 21.06 -9.94
N ILE B 202 -13.12 20.18 -10.75
CA ILE B 202 -12.49 18.91 -11.03
C ILE B 202 -11.31 19.17 -11.96
N VAL B 203 -10.14 18.64 -11.59
CA VAL B 203 -8.84 18.93 -12.23
C VAL B 203 -8.80 18.76 -13.75
N ASP B 204 -9.51 17.79 -14.29
CA ASP B 204 -9.47 17.61 -15.75
C ASP B 204 -10.19 18.76 -16.47
N ASN B 205 -11.27 19.22 -15.85
CA ASN B 205 -12.05 20.31 -16.36
C ASN B 205 -11.28 21.63 -16.14
N CYS B 206 -10.49 21.67 -15.06
CA CYS B 206 -9.69 22.84 -14.74
C CYS B 206 -8.58 23.08 -15.78
N ALA B 207 -7.97 21.99 -16.23
CA ALA B 207 -7.02 22.04 -17.31
C ALA B 207 -7.68 22.55 -18.59
N MET B 208 -8.90 22.09 -18.85
CA MET B 208 -9.61 22.50 -20.04
C MET B 208 -9.90 24.00 -19.96
N GLN B 209 -10.40 24.43 -18.81
CA GLN B 209 -10.71 25.82 -18.53
C GLN B 209 -9.49 26.73 -18.59
N LEU B 210 -8.30 26.19 -18.30
CA LEU B 210 -7.10 27.02 -18.36
C LEU B 210 -6.71 27.32 -19.81
N VAL B 211 -7.16 26.46 -20.72
CA VAL B 211 -6.81 26.59 -22.13
C VAL B 211 -7.80 27.54 -22.80
N MET B 212 -9.07 27.36 -22.47
CA MET B 212 -10.19 28.10 -23.03
C MET B 212 -10.42 29.45 -22.38
N ARG B 213 -10.45 29.47 -21.06
CA ARG B 213 -10.73 30.69 -20.30
C ARG B 213 -9.75 30.91 -19.12
N PRO B 214 -8.46 31.14 -19.40
CA PRO B 214 -7.55 31.33 -18.25
C PRO B 214 -7.85 32.60 -17.43
N GLU B 215 -8.41 33.63 -18.07
CA GLU B 215 -8.80 34.86 -17.38
C GLU B 215 -9.78 34.62 -16.22
N ARG B 216 -10.32 33.41 -16.13
CA ARG B 216 -11.31 33.09 -15.09
C ARG B 216 -10.66 32.83 -13.74
N PHE B 217 -9.38 32.53 -13.74
CA PHE B 217 -8.74 32.11 -12.52
C PHE B 217 -7.92 33.22 -11.92
N ASP B 218 -7.83 33.17 -10.60
CA ASP B 218 -6.96 34.01 -9.81
C ASP B 218 -5.93 33.07 -9.14
N VAL B 219 -6.27 32.48 -7.99
CA VAL B 219 -5.41 31.46 -7.40
C VAL B 219 -6.03 30.06 -7.47
N ILE B 220 -5.20 29.07 -7.80
CA ILE B 220 -5.60 27.66 -7.81
C ILE B 220 -4.75 26.86 -6.85
N VAL B 221 -5.40 26.09 -5.97
CA VAL B 221 -4.65 25.23 -5.04
C VAL B 221 -4.90 23.81 -5.45
N THR B 222 -3.83 23.01 -5.49
CA THR B 222 -3.94 21.58 -5.81
C THR B 222 -2.78 20.74 -5.27
N THR B 223 -2.91 19.43 -5.43
CA THR B 223 -1.91 18.50 -4.93
C THR B 223 -0.69 18.38 -5.85
N ASN B 224 0.23 17.51 -5.47
CA ASN B 224 1.58 17.52 -6.02
C ASN B 224 1.69 17.25 -7.53
N LEU B 225 1.24 16.09 -7.98
CA LEU B 225 1.34 15.74 -9.41
C LEU B 225 0.44 16.68 -10.20
N LEU B 226 -0.77 16.86 -9.69
CA LEU B 226 -1.79 17.69 -10.32
C LEU B 226 -1.23 19.07 -10.63
N GLY B 227 -0.82 19.79 -9.58
CA GLY B 227 -0.16 21.09 -9.71
C GLY B 227 1.02 21.07 -10.66
N ASP B 228 1.86 20.04 -10.58
CA ASP B 228 2.93 19.92 -11.54
C ASP B 228 2.41 20.14 -12.97
N ILE B 229 1.37 19.39 -13.36
CA ILE B 229 0.83 19.46 -14.70
C ILE B 229 0.19 20.82 -15.02
N LEU B 230 -0.62 21.34 -14.08
CA LEU B 230 -1.36 22.59 -14.29
C LEU B 230 -0.47 23.82 -14.40
N SER B 231 0.61 23.86 -13.61
CA SER B 231 1.60 24.93 -13.71
C SER B 231 2.17 24.98 -15.12
N ASP B 232 2.66 23.81 -15.55
CA ASP B 232 3.31 23.73 -16.84
C ASP B 232 2.35 23.95 -18.00
N LEU B 233 1.14 23.43 -17.88
CA LEU B 233 0.05 23.89 -18.72
C LEU B 233 0.01 25.43 -18.75
N ALA B 234 -0.26 26.05 -17.62
CA ALA B 234 -0.42 27.51 -17.61
C ALA B 234 0.76 28.34 -18.19
N ALA B 235 1.98 27.82 -18.14
CA ALA B 235 3.16 28.52 -18.65
C ALA B 235 3.17 28.59 -20.19
N GLY B 236 2.54 27.59 -20.81
CA GLY B 236 2.43 27.50 -22.25
C GLY B 236 1.56 28.62 -22.75
N LEU B 237 0.64 29.05 -21.89
CA LEU B 237 -0.27 30.14 -22.19
C LEU B 237 0.45 31.47 -22.32
N VAL B 238 1.62 31.64 -21.69
CA VAL B 238 2.21 32.95 -21.53
C VAL B 238 3.71 32.96 -21.66
N GLY B 239 4.22 32.24 -22.65
CA GLY B 239 5.63 32.29 -22.95
C GLY B 239 6.42 31.00 -22.85
N GLY B 240 5.86 29.98 -22.19
CA GLY B 240 6.61 28.74 -21.93
C GLY B 240 7.53 28.85 -20.72
N LEU B 241 8.29 27.79 -20.49
CA LEU B 241 9.20 27.66 -19.35
C LEU B 241 10.30 28.70 -19.27
N GLY B 242 10.63 29.26 -20.41
CA GLY B 242 11.73 30.17 -20.52
C GLY B 242 11.48 31.42 -19.73
N LEU B 243 10.21 31.74 -19.45
CA LEU B 243 9.91 32.93 -18.69
C LEU B 243 9.19 32.63 -17.37
N ALA B 244 9.17 31.36 -16.98
CA ALA B 244 8.41 30.96 -15.81
C ALA B 244 9.22 31.02 -14.50
N PRO B 245 8.84 31.95 -13.59
CA PRO B 245 9.45 32.04 -12.25
C PRO B 245 8.79 31.02 -11.32
N SER B 246 9.41 30.74 -10.17
CA SER B 246 8.86 29.77 -9.22
C SER B 246 9.42 30.01 -7.84
N GLY B 247 8.56 29.81 -6.83
CA GLY B 247 8.99 29.81 -5.43
C GLY B 247 8.85 28.41 -4.85
N ASN B 248 9.74 28.06 -3.91
CA ASN B 248 9.51 26.91 -3.05
C ASN B 248 9.60 27.38 -1.63
N ILE B 249 8.45 27.37 -0.96
CA ILE B 249 8.29 28.06 0.30
C ILE B 249 7.81 27.16 1.41
N GLY B 250 8.55 27.18 2.53
CA GLY B 250 8.14 26.58 3.79
C GLY B 250 7.97 27.67 4.85
N ASP B 251 7.88 27.27 6.11
CA ASP B 251 7.67 28.16 7.25
C ASP B 251 8.93 28.85 7.76
N THR B 252 10.09 28.30 7.47
CA THR B 252 11.30 28.97 7.92
C THR B 252 12.10 29.62 6.80
N THR B 253 12.26 28.93 5.67
CA THR B 253 12.93 29.57 4.54
C THR B 253 12.26 29.28 3.18
N ALA B 254 12.80 29.87 2.12
CA ALA B 254 12.31 29.64 0.76
C ALA B 254 13.42 29.62 -0.30
N VAL B 255 13.17 28.90 -1.39
CA VAL B 255 14.09 28.81 -2.53
C VAL B 255 13.34 29.20 -3.79
N PHE B 256 13.86 30.17 -4.53
CA PHE B 256 13.20 30.64 -5.74
C PHE B 256 14.08 30.28 -6.93
N GLU B 257 13.45 29.89 -8.02
CA GLU B 257 14.19 29.39 -9.18
C GLU B 257 13.38 29.57 -10.42
N PRO B 258 14.07 29.75 -11.55
CA PRO B 258 13.38 29.58 -12.81
C PRO B 258 13.09 28.11 -13.02
N VAL B 259 12.14 27.82 -13.89
CA VAL B 259 11.72 26.46 -14.16
C VAL B 259 12.46 25.88 -15.37
N HIS B 260 12.96 26.73 -16.27
CA HIS B 260 13.77 26.23 -17.40
C HIS B 260 14.97 25.45 -16.86
N GLY B 261 15.45 24.47 -17.61
CA GLY B 261 16.57 23.71 -17.09
C GLY B 261 17.88 24.44 -17.31
N SER B 262 18.96 23.67 -17.34
CA SER B 262 20.27 24.23 -17.51
C SER B 262 20.56 24.66 -18.94
N ALA B 263 19.69 24.28 -19.89
CA ALA B 263 19.89 24.55 -21.33
C ALA B 263 21.32 24.23 -21.78
N PRO B 264 21.70 22.95 -21.75
CA PRO B 264 23.11 22.55 -21.96
C PRO B 264 23.72 23.00 -23.30
N ASP B 265 22.95 23.07 -24.38
CA ASP B 265 23.51 23.59 -25.63
C ASP B 265 23.98 25.02 -25.43
N ILE B 266 23.00 25.92 -25.31
CA ILE B 266 23.29 27.37 -25.26
C ILE B 266 24.15 27.87 -24.07
N ALA B 267 24.38 27.01 -23.08
CA ALA B 267 25.23 27.37 -21.92
C ALA B 267 26.59 27.89 -22.41
N GLY B 268 27.18 28.83 -21.67
CA GLY B 268 28.48 29.44 -21.98
C GLY B 268 28.49 30.42 -23.14
N LYS B 269 27.36 30.56 -23.82
CA LYS B 269 27.26 31.34 -25.06
C LYS B 269 26.86 32.82 -24.88
N GLY B 270 26.59 33.22 -23.64
CA GLY B 270 26.17 34.59 -23.30
C GLY B 270 24.86 35.09 -23.89
N ILE B 271 23.96 34.18 -24.27
CA ILE B 271 22.68 34.60 -24.87
C ILE B 271 21.42 34.15 -24.10
N ALA B 272 21.60 33.38 -23.02
CA ALA B 272 20.49 33.02 -22.14
C ALA B 272 19.67 34.24 -21.65
N ASN B 273 18.34 34.07 -21.59
CA ASN B 273 17.41 35.10 -21.14
C ASN B 273 17.17 35.03 -19.64
N PRO B 274 17.59 36.08 -18.93
CA PRO B 274 17.54 36.15 -17.47
C PRO B 274 16.17 36.41 -16.86
N THR B 275 15.14 36.54 -17.69
CA THR B 275 13.79 36.92 -17.25
C THR B 275 13.28 36.01 -16.15
N ALA B 276 13.41 34.70 -16.35
CA ALA B 276 12.83 33.76 -15.41
C ALA B 276 13.53 33.97 -14.09
N ALA B 277 14.85 34.05 -14.12
CA ALA B 277 15.60 34.24 -12.89
C ALA B 277 15.27 35.55 -12.20
N ILE B 278 15.21 36.64 -12.99
CA ILE B 278 14.89 37.95 -12.46
C ILE B 278 13.48 37.98 -11.84
N LEU B 279 12.49 37.37 -12.50
CA LEU B 279 11.15 37.34 -11.96
C LEU B 279 11.05 36.52 -10.67
N SER B 280 11.82 35.42 -10.59
CA SER B 280 11.99 34.63 -9.39
C SER B 280 12.56 35.47 -8.29
N ALA B 281 13.51 36.31 -8.63
CA ALA B 281 14.10 37.24 -7.65
C ALA B 281 13.07 38.28 -7.21
N ALA B 282 12.14 38.66 -8.10
CA ALA B 282 11.04 39.55 -7.73
C ALA B 282 10.09 38.86 -6.75
N MET B 283 9.76 37.58 -7.03
CA MET B 283 8.98 36.74 -6.12
C MET B 283 9.64 36.71 -4.75
N MET B 284 10.96 36.55 -4.77
CA MET B 284 11.72 36.53 -3.53
C MET B 284 11.59 37.86 -2.73
N LEU B 285 11.77 38.97 -3.42
CA LEU B 285 11.67 40.26 -2.74
C LEU B 285 10.32 40.41 -2.08
N ASP B 286 9.28 40.04 -2.83
CA ASP B 286 7.93 40.01 -2.31
C ASP B 286 7.75 39.13 -1.06
N TYR B 287 8.21 37.89 -1.10
CA TYR B 287 8.17 37.02 0.09
C TYR B 287 8.87 37.61 1.30
N LEU B 288 9.87 38.46 1.05
CA LEU B 288 10.69 39.05 2.09
C LEU B 288 10.01 40.26 2.72
N GLY B 289 8.99 40.75 2.04
CA GLY B 289 8.22 41.87 2.51
C GLY B 289 8.49 43.14 1.74
N GLU B 290 9.36 43.06 0.74
CA GLU B 290 9.62 44.20 -0.13
C GLU B 290 8.71 44.26 -1.35
N LYS B 291 7.42 44.51 -1.13
CA LYS B 291 6.40 44.53 -2.20
C LYS B 291 6.65 45.57 -3.30
N GLU B 292 7.09 46.77 -2.91
CA GLU B 292 7.38 47.84 -3.90
C GLU B 292 8.50 47.47 -4.86
N ALA B 293 9.61 47.02 -4.29
CA ALA B 293 10.72 46.59 -5.13
C ALA B 293 10.33 45.39 -6.01
N ALA B 294 9.63 44.41 -5.44
CA ALA B 294 9.13 43.29 -6.25
C ALA B 294 8.40 43.81 -7.48
N LYS B 295 7.44 44.71 -7.28
CA LYS B 295 6.65 45.27 -8.39
C LYS B 295 7.51 46.11 -9.32
N ARG B 296 8.45 46.88 -8.75
CA ARG B 296 9.39 47.63 -9.58
C ARG B 296 10.24 46.71 -10.45
N VAL B 297 10.82 45.66 -9.86
CA VAL B 297 11.61 44.66 -10.65
C VAL B 297 10.77 44.04 -11.78
N GLU B 298 9.55 43.59 -11.44
CA GLU B 298 8.65 43.05 -12.46
C GLU B 298 8.36 44.06 -13.59
N LYS B 299 8.05 45.30 -13.22
CA LYS B 299 7.76 46.37 -14.18
C LYS B 299 8.89 46.61 -15.18
N ALA B 300 10.12 46.66 -14.64
CA ALA B 300 11.36 46.77 -15.39
C ALA B 300 11.51 45.69 -16.44
N VAL B 301 11.36 44.43 -16.00
CA VAL B 301 11.40 43.28 -16.90
C VAL B 301 10.31 43.41 -17.97
N ASP B 302 9.10 43.78 -17.58
CA ASP B 302 8.07 43.97 -18.59
C ASP B 302 8.43 44.99 -19.66
N LEU B 303 9.00 46.13 -19.25
CA LEU B 303 9.40 47.19 -20.17
C LEU B 303 10.40 46.68 -21.19
N VAL B 304 11.43 45.97 -20.73
CA VAL B 304 12.46 45.48 -21.62
C VAL B 304 11.93 44.38 -22.56
N LEU B 305 11.03 43.55 -22.05
CA LEU B 305 10.35 42.54 -22.84
C LEU B 305 9.50 43.21 -23.90
N GLU B 306 8.90 44.35 -23.58
CA GLU B 306 8.06 45.04 -24.53
C GLU B 306 8.81 45.79 -25.64
N ARG B 307 9.78 46.62 -25.26
CA ARG B 307 10.37 47.58 -26.17
C ARG B 307 11.91 47.39 -26.28
N GLY B 308 12.59 47.32 -25.13
CA GLY B 308 14.07 47.22 -25.03
C GLY B 308 14.59 46.01 -25.77
N PRO B 309 15.93 45.78 -25.74
CA PRO B 309 16.55 44.75 -26.56
C PRO B 309 16.17 43.35 -26.09
N ARG B 310 15.86 42.45 -27.02
CA ARG B 310 15.38 41.12 -26.68
C ARG B 310 16.36 40.01 -27.08
N THR B 311 16.34 38.91 -26.33
CA THR B 311 17.24 37.77 -26.52
C THR B 311 16.73 36.88 -27.64
N PRO B 312 17.59 36.03 -28.23
CA PRO B 312 17.23 35.17 -29.38
C PRO B 312 16.09 34.16 -29.19
N ASP B 313 15.81 33.75 -27.95
CA ASP B 313 14.66 32.90 -27.66
C ASP B 313 13.38 33.71 -27.92
N LEU B 314 13.51 35.02 -27.76
CA LEU B 314 12.39 35.95 -27.73
C LEU B 314 12.28 36.88 -28.94
N GLY B 315 12.77 36.44 -30.09
CA GLY B 315 12.82 37.32 -31.24
C GLY B 315 14.24 37.79 -31.54
N GLY B 316 14.73 38.76 -30.76
CA GLY B 316 15.96 39.49 -31.04
C GLY B 316 17.30 38.75 -30.98
N ASP B 317 18.35 39.52 -30.75
CA ASP B 317 19.72 39.02 -30.57
C ASP B 317 20.54 39.90 -29.61
N ALA B 318 19.87 40.42 -28.59
CA ALA B 318 20.56 40.95 -27.42
C ALA B 318 21.19 39.79 -26.64
N THR B 319 22.37 40.04 -26.08
CA THR B 319 23.04 39.12 -25.17
C THR B 319 22.37 39.19 -23.79
N THR B 320 22.68 38.24 -22.91
CA THR B 320 22.26 38.29 -21.52
C THR B 320 22.69 39.60 -20.88
N GLU B 321 23.94 39.97 -21.11
CA GLU B 321 24.48 41.24 -20.65
C GLU B 321 23.63 42.47 -21.07
N ALA B 322 23.37 42.60 -22.37
CA ALA B 322 22.60 43.72 -22.87
C ALA B 322 21.18 43.73 -22.26
N PHE B 323 20.51 42.58 -22.31
CA PHE B 323 19.18 42.44 -21.72
C PHE B 323 19.20 42.85 -20.26
N THR B 324 20.17 42.34 -19.51
CA THR B 324 20.30 42.64 -18.07
C THR B 324 20.55 44.14 -17.87
N GLU B 325 21.35 44.71 -18.77
CA GLU B 325 21.67 46.14 -18.77
C GLU B 325 20.46 47.03 -18.91
N ALA B 326 19.64 46.70 -19.90
CA ALA B 326 18.33 47.31 -20.11
C ALA B 326 17.43 47.24 -18.86
N VAL B 327 17.25 46.05 -18.29
CA VAL B 327 16.45 45.89 -17.06
C VAL B 327 16.98 46.74 -15.90
N VAL B 328 18.28 46.69 -15.65
CA VAL B 328 18.91 47.55 -14.65
C VAL B 328 18.59 49.05 -14.87
N GLU B 329 18.68 49.49 -16.13
CA GLU B 329 18.37 50.88 -16.49
C GLU B 329 16.90 51.26 -16.22
N ALA B 330 15.99 50.48 -16.79
CA ALA B 330 14.57 50.68 -16.55
C ALA B 330 14.25 50.70 -15.04
N LEU B 331 14.85 49.80 -14.27
CA LEU B 331 14.61 49.77 -12.83
C LEU B 331 15.06 51.05 -12.10
N LYS B 332 16.29 51.49 -12.36
CA LYS B 332 16.83 52.71 -11.73
C LYS B 332 15.99 53.98 -12.00
N SER B 333 15.23 53.97 -13.09
CA SER B 333 14.37 55.08 -13.52
C SER B 333 12.94 55.06 -12.90
N LEU B 334 12.68 54.10 -12.02
CA LEU B 334 11.37 53.94 -11.38
C LEU B 334 11.48 54.24 -9.87
N ALA C 2 34.61 -34.66 -5.25
CA ALA C 2 34.26 -34.52 -3.80
C ALA C 2 33.12 -33.54 -3.70
N TYR C 3 32.36 -33.60 -2.62
CA TYR C 3 31.40 -32.59 -2.27
C TYR C 3 32.21 -31.39 -1.79
N ARG C 4 31.87 -30.23 -2.35
CA ARG C 4 32.42 -28.96 -1.91
C ARG C 4 31.42 -28.26 -0.95
N ILE C 5 31.84 -28.06 0.29
CA ILE C 5 31.03 -27.45 1.32
C ILE C 5 31.62 -26.09 1.63
N CYS C 6 30.83 -25.03 1.50
CA CYS C 6 31.23 -23.74 2.01
C CYS C 6 30.97 -23.64 3.53
N LEU C 7 31.97 -23.24 4.31
CA LEU C 7 31.83 -23.03 5.77
C LEU C 7 31.89 -21.53 6.14
N ILE C 8 30.79 -21.01 6.65
CA ILE C 8 30.79 -19.64 7.17
C ILE C 8 30.50 -19.65 8.66
N GLU C 9 31.51 -19.27 9.45
CA GLU C 9 31.36 -19.23 10.90
C GLU C 9 30.38 -18.16 11.42
N GLY C 10 30.36 -17.01 10.78
CA GLY C 10 29.63 -15.84 11.27
C GLY C 10 30.24 -15.19 12.49
N ASP C 11 29.41 -15.00 13.52
CA ASP C 11 29.79 -14.26 14.73
C ASP C 11 29.70 -15.15 15.95
N GLY C 12 30.37 -14.72 17.02
CA GLY C 12 30.25 -15.34 18.33
C GLY C 12 30.38 -16.85 18.28
N ILE C 13 29.37 -17.55 18.78
CA ILE C 13 29.44 -19.02 18.90
C ILE C 13 29.54 -19.75 17.55
N GLY C 14 29.21 -19.04 16.48
CA GLY C 14 29.45 -19.50 15.13
C GLY C 14 30.87 -20.00 15.04
N HIS C 15 31.77 -19.30 15.73
CA HIS C 15 33.20 -19.66 15.75
C HIS C 15 33.48 -20.97 16.49
N GLU C 16 32.53 -21.43 17.29
CA GLU C 16 32.77 -22.63 18.07
C GLU C 16 32.03 -23.82 17.52
N VAL C 17 30.83 -23.60 17.01
CA VAL C 17 29.97 -24.72 16.59
C VAL C 17 30.20 -25.21 15.14
N ILE C 18 30.61 -24.32 14.22
CA ILE C 18 30.96 -24.76 12.87
C ILE C 18 32.21 -25.65 12.86
N PRO C 19 33.28 -25.24 13.56
CA PRO C 19 34.42 -26.18 13.57
C PRO C 19 34.03 -27.55 14.10
N ALA C 20 33.12 -27.57 15.07
CA ALA C 20 32.59 -28.84 15.62
C ALA C 20 31.83 -29.61 14.54
N ALA C 21 30.94 -28.91 13.83
CA ALA C 21 30.21 -29.52 12.73
C ALA C 21 31.16 -30.09 11.65
N ARG C 22 32.25 -29.36 11.36
CA ARG C 22 33.22 -29.77 10.36
C ARG C 22 33.86 -31.09 10.72
N ARG C 23 34.33 -31.21 11.97
CA ARG C 23 34.89 -32.46 12.47
C ARG C 23 33.95 -33.64 12.33
N VAL C 24 32.68 -33.46 12.75
CA VAL C 24 31.68 -34.52 12.61
C VAL C 24 31.47 -34.88 11.13
N LEU C 25 31.35 -33.88 10.25
CA LEU C 25 31.31 -34.16 8.81
C LEU C 25 32.53 -34.95 8.29
N GLU C 26 33.74 -34.57 8.69
CA GLU C 26 34.93 -35.37 8.33
C GLU C 26 34.85 -36.82 8.87
N ALA C 27 34.36 -36.96 10.10
CA ALA C 27 34.21 -38.30 10.69
C ALA C 27 33.31 -39.31 9.94
N THR C 28 32.46 -38.87 9.01
CA THR C 28 31.65 -39.77 8.15
C THR C 28 32.52 -40.52 7.14
N GLY C 29 33.66 -39.95 6.78
CA GLY C 29 34.53 -40.53 5.76
C GLY C 29 34.06 -40.27 4.35
N LEU C 30 33.11 -39.33 4.18
CA LEU C 30 32.72 -38.84 2.85
C LEU C 30 33.88 -38.01 2.31
N PRO C 31 33.97 -37.86 0.96
CA PRO C 31 34.94 -36.96 0.32
C PRO C 31 34.44 -35.53 0.32
N LEU C 32 35.07 -34.69 1.14
CA LEU C 32 34.60 -33.34 1.31
C LEU C 32 35.70 -32.31 1.16
N GLU C 33 35.47 -31.29 0.32
CA GLU C 33 36.34 -30.13 0.26
C GLU C 33 35.64 -29.00 1.01
N PHE C 34 36.32 -28.41 1.99
CA PHE C 34 35.77 -27.28 2.72
C PHE C 34 36.33 -25.95 2.25
N VAL C 35 35.45 -25.05 1.80
CA VAL C 35 35.87 -23.70 1.45
C VAL C 35 35.37 -22.71 2.53
N GLU C 36 36.27 -21.95 3.15
CA GLU C 36 35.89 -21.00 4.23
C GLU C 36 35.53 -19.62 3.69
N ALA C 37 34.40 -19.11 4.13
CA ALA C 37 34.03 -17.76 3.78
C ALA C 37 33.60 -17.00 5.03
N GLU C 38 33.23 -15.74 4.82
CA GLU C 38 33.12 -14.77 5.89
C GLU C 38 31.76 -14.06 5.76
N ALA C 39 30.99 -14.02 6.84
CA ALA C 39 29.78 -13.21 6.84
C ALA C 39 29.35 -12.73 8.24
N GLY C 40 28.48 -11.72 8.27
CA GLY C 40 27.88 -11.25 9.51
C GLY C 40 28.33 -9.90 10.04
N TRP C 41 28.09 -9.68 11.33
CA TRP C 41 28.35 -8.41 11.99
C TRP C 41 29.84 -8.08 12.04
N GLU C 42 30.62 -8.94 12.70
CA GLU C 42 32.08 -8.85 12.74
C GLU C 42 32.68 -8.56 11.38
N THR C 43 32.18 -9.25 10.35
CA THR C 43 32.67 -9.08 8.99
C THR C 43 32.37 -7.68 8.46
N PHE C 44 31.21 -7.15 8.81
CA PHE C 44 30.82 -5.78 8.44
C PHE C 44 31.78 -4.74 9.03
N GLU C 45 32.15 -4.93 10.29
CA GLU C 45 33.08 -4.06 10.99
C GLU C 45 34.47 -4.06 10.35
N ARG C 46 34.86 -5.17 9.72
CA ARG C 46 36.15 -5.25 9.06
C ARG C 46 36.09 -4.76 7.62
N ARG C 47 34.92 -4.88 6.99
CA ARG C 47 34.82 -4.81 5.53
C ARG C 47 33.76 -3.88 4.97
N GLY C 48 32.87 -3.38 5.83
CA GLY C 48 31.83 -2.42 5.42
C GLY C 48 30.69 -3.06 4.67
N THR C 49 30.54 -4.37 4.87
CA THR C 49 29.45 -5.19 4.32
C THR C 49 29.47 -6.53 5.06
N SER C 50 28.28 -7.03 5.36
CA SER C 50 28.13 -8.27 6.13
C SER C 50 28.30 -9.51 5.24
N VAL C 51 28.12 -9.32 3.94
CA VAL C 51 28.34 -10.38 2.98
C VAL C 51 29.20 -9.83 1.83
N PRO C 52 30.53 -9.93 1.97
CA PRO C 52 31.47 -9.67 0.89
C PRO C 52 31.04 -10.38 -0.39
N GLU C 53 31.22 -9.72 -1.52
CA GLU C 53 30.90 -10.33 -2.81
C GLU C 53 31.65 -11.66 -3.01
N GLU C 54 32.88 -11.75 -2.50
CA GLU C 54 33.66 -12.99 -2.66
C GLU C 54 33.04 -14.17 -1.88
N THR C 55 32.31 -13.85 -0.80
CA THR C 55 31.58 -14.85 -0.04
C THR C 55 30.46 -15.45 -0.90
N VAL C 56 29.69 -14.59 -1.57
CA VAL C 56 28.62 -15.01 -2.47
C VAL C 56 29.19 -15.93 -3.53
N GLU C 57 30.40 -15.60 -4.00
CA GLU C 57 31.08 -16.40 -5.01
C GLU C 57 31.43 -17.79 -4.47
N LYS C 58 32.02 -17.83 -3.28
CA LYS C 58 32.49 -19.09 -2.73
C LYS C 58 31.31 -20.05 -2.55
N ILE C 59 30.21 -19.51 -2.04
CA ILE C 59 28.96 -20.23 -1.86
C ILE C 59 28.49 -20.83 -3.19
N LEU C 60 28.30 -20.00 -4.22
CA LEU C 60 27.86 -20.48 -5.53
C LEU C 60 28.85 -21.50 -6.12
N SER C 61 30.10 -21.48 -5.67
CA SER C 61 31.10 -22.44 -6.13
C SER C 61 31.08 -23.76 -5.35
N CYS C 62 30.26 -23.83 -4.30
CA CYS C 62 30.16 -25.05 -3.50
C CYS C 62 28.84 -25.78 -3.78
N HIS C 63 28.71 -27.03 -3.34
CA HIS C 63 27.43 -27.72 -3.44
C HIS C 63 26.41 -27.28 -2.37
N ALA C 64 26.90 -26.79 -1.25
CA ALA C 64 26.04 -26.41 -0.15
C ALA C 64 26.84 -25.61 0.85
N THR C 65 26.14 -24.85 1.69
CA THR C 65 26.79 -23.96 2.65
C THR C 65 26.31 -24.20 4.07
N LEU C 66 27.27 -24.32 5.01
CA LEU C 66 26.97 -24.39 6.43
C LEU C 66 27.36 -23.10 7.16
N PHE C 67 26.35 -22.39 7.63
CA PHE C 67 26.45 -21.07 8.24
C PHE C 67 26.25 -21.13 9.75
N GLY C 68 27.12 -20.45 10.48
CA GLY C 68 27.12 -20.49 11.95
C GLY C 68 26.10 -19.68 12.70
N ALA C 69 26.21 -18.35 12.64
CA ALA C 69 25.43 -17.43 13.48
C ALA C 69 25.79 -15.98 13.15
N ALA C 70 24.78 -15.13 13.04
CA ALA C 70 25.01 -13.72 12.76
C ALA C 70 24.29 -12.87 13.78
N THR C 71 25.05 -11.97 14.42
CA THR C 71 24.48 -10.91 15.24
C THR C 71 23.69 -9.94 14.35
N SER C 72 22.53 -9.49 14.83
CA SER C 72 21.86 -8.30 14.30
C SER C 72 21.78 -7.33 15.46
N PRO C 73 22.72 -6.38 15.55
CA PRO C 73 22.71 -5.53 16.74
C PRO C 73 21.41 -4.71 16.80
N THR C 74 20.92 -4.48 18.02
CA THR C 74 19.70 -3.69 18.27
C THR C 74 19.85 -2.21 17.87
N ARG C 75 21.10 -1.76 17.77
CA ARG C 75 21.45 -0.35 17.60
C ARG C 75 20.96 0.39 16.32
N LYS C 76 20.67 -0.33 15.23
CA LYS C 76 20.11 0.26 13.98
C LYS C 76 21.14 0.79 12.92
N VAL C 77 22.43 0.52 13.16
CA VAL C 77 23.59 0.95 12.32
C VAL C 77 23.35 1.09 10.80
N PRO C 78 23.79 2.23 10.22
CA PRO C 78 23.72 2.41 8.75
C PRO C 78 24.72 1.51 8.02
N GLY C 79 24.32 1.02 6.85
CA GLY C 79 25.17 0.15 6.00
C GLY C 79 25.14 -1.35 6.31
N PHE C 80 24.52 -1.72 7.44
CA PHE C 80 24.49 -3.10 7.90
C PHE C 80 23.13 -3.78 7.74
N PHE C 81 23.09 -4.75 6.83
CA PHE C 81 21.95 -5.62 6.58
C PHE C 81 22.30 -7.03 7.07
N GLY C 82 21.37 -7.67 7.79
CA GLY C 82 21.59 -9.03 8.29
C GLY C 82 21.99 -10.01 7.19
N ALA C 83 23.00 -10.83 7.48
CA ALA C 83 23.60 -11.75 6.48
C ALA C 83 22.62 -12.77 5.86
N ILE C 84 21.85 -13.44 6.72
CA ILE C 84 20.96 -14.51 6.30
C ILE C 84 19.83 -14.02 5.42
N ARG C 85 19.27 -12.86 5.76
CA ARG C 85 18.21 -12.25 4.94
C ARG C 85 18.76 -11.87 3.56
N TYR C 86 19.97 -11.33 3.51
CA TYR C 86 20.59 -11.02 2.21
C TYR C 86 20.73 -12.28 1.36
N LEU C 87 21.30 -13.34 1.94
CA LEU C 87 21.58 -14.56 1.20
C LEU C 87 20.30 -15.26 0.74
N ARG C 88 19.27 -15.23 1.58
CA ARG C 88 17.98 -15.74 1.18
C ARG C 88 17.52 -15.09 -0.10
N ARG C 89 17.62 -13.77 -0.20
CA ARG C 89 17.13 -13.10 -1.40
C ARG C 89 18.16 -13.14 -2.55
N ARG C 90 19.43 -12.95 -2.23
CA ARG C 90 20.44 -13.04 -3.27
C ARG C 90 20.48 -14.42 -3.93
N LEU C 91 20.28 -15.48 -3.14
CA LEU C 91 20.41 -16.86 -3.64
C LEU C 91 19.07 -17.53 -3.90
N ASP C 92 18.00 -16.76 -3.77
CA ASP C 92 16.63 -17.24 -3.93
C ASP C 92 16.30 -18.54 -3.16
N LEU C 93 16.68 -18.57 -1.88
CA LEU C 93 16.44 -19.73 -1.03
C LEU C 93 15.04 -19.64 -0.44
N TYR C 94 14.06 -20.00 -1.25
CA TYR C 94 12.65 -19.75 -0.93
C TYR C 94 12.05 -20.70 0.10
N ALA C 95 12.66 -21.85 0.34
CA ALA C 95 12.14 -22.80 1.34
C ALA C 95 12.93 -22.74 2.64
N ASN C 96 12.26 -22.36 3.74
CA ASN C 96 12.84 -22.54 5.07
C ASN C 96 12.37 -23.82 5.74
N VAL C 97 13.29 -24.78 5.88
CA VAL C 97 13.01 -26.12 6.43
C VAL C 97 13.49 -26.25 7.87
N ARG C 98 12.53 -26.52 8.78
CA ARG C 98 12.79 -26.50 10.21
C ARG C 98 12.17 -27.72 10.84
N PRO C 99 12.92 -28.83 10.90
CA PRO C 99 12.40 -30.00 11.63
C PRO C 99 12.36 -29.73 13.11
N ALA C 100 11.43 -30.38 13.78
CA ALA C 100 11.39 -30.46 15.21
C ALA C 100 11.26 -31.95 15.53
N LYS C 101 12.27 -32.52 16.19
CA LYS C 101 12.23 -33.95 16.52
C LYS C 101 12.52 -34.22 17.99
N SER C 102 11.70 -35.07 18.61
CA SER C 102 11.97 -35.54 19.98
C SER C 102 13.38 -36.10 20.12
N ARG C 103 14.05 -35.78 21.23
CA ARG C 103 15.44 -36.24 21.50
C ARG C 103 15.67 -36.59 22.97
N PRO C 104 16.71 -37.37 23.30
CA PRO C 104 16.80 -37.74 24.74
C PRO C 104 17.47 -36.67 25.59
N VAL C 105 16.78 -35.55 25.77
CA VAL C 105 17.25 -34.51 26.67
C VAL C 105 16.16 -34.20 27.68
N PRO C 106 16.52 -33.58 28.83
CA PRO C 106 15.47 -33.19 29.80
C PRO C 106 14.59 -32.06 29.23
N GLY C 107 13.28 -32.21 29.33
CA GLY C 107 12.38 -31.21 28.76
C GLY C 107 11.95 -31.45 27.31
N SER C 108 12.40 -32.55 26.72
CA SER C 108 11.92 -32.91 25.42
C SER C 108 10.59 -33.67 25.60
N ARG C 109 9.52 -33.13 25.04
CA ARG C 109 8.34 -33.92 24.87
C ARG C 109 8.69 -35.07 23.92
N PRO C 110 8.19 -36.28 24.21
CA PRO C 110 8.35 -37.42 23.31
C PRO C 110 7.23 -37.45 22.31
N GLY C 111 7.45 -38.18 21.21
CA GLY C 111 6.44 -38.38 20.20
C GLY C 111 6.39 -37.32 19.12
N VAL C 112 7.32 -36.36 19.18
CA VAL C 112 7.33 -35.24 18.26
C VAL C 112 8.22 -35.52 17.08
N ASP C 113 7.66 -35.43 15.89
CA ASP C 113 8.46 -35.59 14.70
C ASP C 113 7.73 -34.89 13.54
N LEU C 114 8.10 -33.64 13.31
CA LEU C 114 7.40 -32.84 12.33
C LEU C 114 8.39 -31.95 11.59
N VAL C 115 7.99 -31.46 10.42
CA VAL C 115 8.82 -30.51 9.66
C VAL C 115 7.94 -29.32 9.31
N ILE C 116 8.42 -28.12 9.65
CA ILE C 116 7.76 -26.89 9.24
C ILE C 116 8.51 -26.33 8.05
N VAL C 117 7.78 -26.12 6.97
CA VAL C 117 8.28 -25.59 5.73
C VAL C 117 7.71 -24.18 5.57
N ARG C 118 8.59 -23.19 5.66
CA ARG C 118 8.08 -21.81 5.64
C ARG C 118 8.51 -21.05 4.41
N GLU C 119 7.55 -20.40 3.76
CA GLU C 119 7.85 -19.56 2.61
C GLU C 119 8.87 -18.54 3.08
N ASN C 120 9.94 -18.40 2.32
CA ASN C 120 11.14 -17.70 2.80
C ASN C 120 11.45 -16.34 2.10
N THR C 121 10.71 -16.00 1.05
CA THR C 121 11.01 -14.78 0.27
C THR C 121 10.01 -13.60 0.42
N GLU C 122 8.73 -13.88 0.63
CA GLU C 122 7.74 -12.81 0.67
C GLU C 122 6.94 -12.69 1.97
N GLY C 123 5.62 -12.47 1.86
CA GLY C 123 4.80 -12.14 3.03
C GLY C 123 5.23 -10.84 3.70
N LEU C 124 5.19 -10.78 5.01
CA LEU C 124 5.64 -9.57 5.70
C LEU C 124 7.12 -9.24 5.41
N TYR C 125 7.89 -10.25 5.01
CA TYR C 125 9.32 -10.09 4.82
C TYR C 125 9.76 -9.37 3.55
N VAL C 126 8.84 -8.95 2.68
CA VAL C 126 9.24 -8.02 1.61
C VAL C 126 9.93 -6.75 2.17
N GLU C 127 9.69 -6.45 3.44
CA GLU C 127 10.26 -5.28 4.13
C GLU C 127 10.01 -3.98 3.34
N GLN C 128 8.72 -3.71 3.09
CA GLN C 128 8.26 -2.51 2.38
C GLN C 128 7.37 -1.72 3.31
N GLU C 129 8.02 -0.97 4.21
CA GLU C 129 7.27 -0.24 5.21
C GLU C 129 7.38 1.24 4.91
N ARG C 130 6.43 2.00 5.43
CA ARG C 130 6.41 3.42 5.25
C ARG C 130 5.88 4.00 6.55
N ARG C 131 6.45 5.12 6.98
CA ARG C 131 5.77 5.89 8.02
C ARG C 131 5.31 7.28 7.58
N TYR C 132 4.03 7.56 7.75
CA TYR C 132 3.47 8.87 7.44
C TYR C 132 2.90 9.43 8.71
N LEU C 133 3.48 10.55 9.16
CA LEU C 133 3.14 11.10 10.47
C LEU C 133 3.16 9.94 11.47
N ASP C 134 2.01 9.61 12.04
CA ASP C 134 1.97 8.67 13.16
C ASP C 134 1.29 7.36 12.80
N VAL C 135 1.43 6.99 11.53
CA VAL C 135 0.83 5.79 11.00
C VAL C 135 1.92 5.09 10.20
N ALA C 136 2.23 3.84 10.56
CA ALA C 136 3.12 3.03 9.75
C ALA C 136 2.35 1.89 9.02
N ILE C 137 2.62 1.74 7.72
CA ILE C 137 2.06 0.68 6.88
C ILE C 137 3.19 -0.24 6.42
N ALA C 138 2.97 -1.55 6.48
CA ALA C 138 3.88 -2.52 5.88
C ALA C 138 3.08 -3.31 4.86
N ASP C 139 3.69 -3.55 3.70
CA ASP C 139 3.15 -4.53 2.76
C ASP C 139 3.23 -5.96 3.29
N ALA C 140 2.18 -6.74 3.07
CA ALA C 140 2.29 -8.19 3.20
C ALA C 140 1.85 -8.75 1.84
N VAL C 141 2.77 -9.46 1.19
CA VAL C 141 2.59 -9.90 -0.17
C VAL C 141 2.50 -11.39 -0.25
N ILE C 142 1.45 -11.89 -0.89
CA ILE C 142 1.37 -13.27 -1.33
C ILE C 142 1.24 -13.26 -2.84
N SER C 143 2.20 -13.90 -3.50
CA SER C 143 2.14 -14.18 -4.93
C SER C 143 1.83 -15.66 -5.15
N LYS C 144 1.13 -15.92 -6.25
CA LYS C 144 0.84 -17.27 -6.73
C LYS C 144 2.15 -17.99 -6.98
N LYS C 145 3.07 -17.30 -7.64
CA LYS C 145 4.33 -17.89 -7.99
C LYS C 145 5.04 -18.43 -6.74
N ALA C 146 5.17 -17.61 -5.70
CA ALA C 146 5.91 -18.08 -4.51
C ALA C 146 5.14 -19.17 -3.79
N SER C 147 3.83 -19.04 -3.74
CA SER C 147 2.99 -20.05 -3.11
C SER C 147 3.12 -21.44 -3.77
N GLU C 148 3.14 -21.51 -5.10
CA GLU C 148 3.38 -22.83 -5.74
C GLU C 148 4.75 -23.36 -5.45
N ARG C 149 5.77 -22.52 -5.51
CA ARG C 149 7.11 -23.00 -5.17
C ARG C 149 7.22 -23.60 -3.76
N ILE C 150 6.66 -22.95 -2.77
CA ILE C 150 6.72 -23.45 -1.40
C ILE C 150 5.80 -24.66 -1.18
N GLY C 151 4.59 -24.61 -1.75
CA GLY C 151 3.67 -25.74 -1.72
C GLY C 151 4.27 -27.01 -2.33
N ARG C 152 4.84 -26.86 -3.52
CA ARG C 152 5.53 -27.95 -4.22
C ARG C 152 6.70 -28.47 -3.37
N ALA C 153 7.58 -27.60 -2.88
CA ALA C 153 8.62 -28.03 -1.91
C ALA C 153 8.12 -28.87 -0.73
N ALA C 154 7.00 -28.46 -0.11
CA ALA C 154 6.49 -29.09 1.10
C ALA C 154 5.78 -30.40 0.78
N LEU C 155 5.10 -30.44 -0.35
CA LEU C 155 4.49 -31.69 -0.81
C LEU C 155 5.57 -32.75 -1.10
N ARG C 156 6.69 -32.34 -1.69
CA ARG C 156 7.77 -33.25 -1.95
C ARG C 156 8.37 -33.81 -0.67
N ILE C 157 8.61 -32.94 0.32
CA ILE C 157 9.09 -33.37 1.64
C ILE C 157 8.05 -34.28 2.29
N ALA C 158 6.78 -33.94 2.17
CA ALA C 158 5.73 -34.82 2.69
C ALA C 158 5.81 -36.18 2.00
N GLU C 159 5.98 -36.17 0.70
CA GLU C 159 6.05 -37.37 -0.11
C GLU C 159 7.12 -38.40 0.30
N GLY C 160 8.30 -37.94 0.68
CA GLY C 160 9.37 -38.82 1.10
C GLY C 160 9.37 -39.15 2.57
N ARG C 161 8.21 -38.98 3.21
CA ARG C 161 8.04 -39.31 4.62
C ARG C 161 6.91 -40.31 4.79
N PRO C 162 7.09 -41.26 5.73
CA PRO C 162 6.18 -42.42 5.79
C PRO C 162 4.71 -42.03 5.93
N ARG C 163 4.43 -41.02 6.75
CA ARG C 163 3.04 -40.65 7.08
C ARG C 163 2.27 -39.98 5.94
N LYS C 164 3.00 -39.40 4.98
CA LYS C 164 2.40 -38.70 3.83
C LYS C 164 1.26 -37.73 4.21
N THR C 165 1.53 -36.86 5.18
CA THR C 165 0.53 -35.95 5.69
C THR C 165 1.08 -34.51 5.64
N LEU C 166 0.34 -33.61 4.98
CA LEU C 166 0.71 -32.20 4.91
C LEU C 166 -0.40 -31.33 5.45
N HIS C 167 -0.07 -30.48 6.42
CA HIS C 167 -1.02 -29.47 6.93
C HIS C 167 -0.66 -28.08 6.39
N ILE C 168 -1.60 -27.46 5.68
CA ILE C 168 -1.42 -26.05 5.25
C ILE C 168 -1.96 -25.11 6.30
N ALA C 169 -1.08 -24.36 6.96
CA ALA C 169 -1.47 -23.43 8.04
C ALA C 169 -1.56 -22.02 7.48
N HIS C 170 -2.66 -21.37 7.76
CA HIS C 170 -2.99 -20.16 7.08
C HIS C 170 -3.96 -19.34 7.96
N LYS C 171 -4.22 -18.10 7.54
CA LYS C 171 -5.23 -17.23 8.11
C LYS C 171 -6.17 -16.66 7.00
N ALA C 172 -6.63 -17.52 6.10
CA ALA C 172 -7.47 -17.09 4.98
C ALA C 172 -8.81 -16.53 5.44
N ASN C 173 -9.19 -16.80 6.67
CA ASN C 173 -10.44 -16.28 7.19
C ASN C 173 -10.41 -14.76 7.30
N VAL C 174 -9.41 -14.21 8.01
CA VAL C 174 -9.37 -12.77 8.09
C VAL C 174 -8.67 -12.16 6.90
N LEU C 175 -7.81 -12.94 6.24
CA LEU C 175 -7.10 -12.45 5.06
C LEU C 175 -7.40 -13.27 3.83
N PRO C 176 -8.64 -13.17 3.30
CA PRO C 176 -8.99 -14.00 2.14
C PRO C 176 -8.13 -13.77 0.89
N LEU C 177 -7.63 -12.56 0.68
CA LEU C 177 -6.97 -12.31 -0.59
C LEU C 177 -5.53 -12.75 -0.59
N THR C 178 -4.81 -12.49 0.49
CA THR C 178 -3.44 -12.91 0.57
C THR C 178 -3.34 -14.34 1.09
N GLN C 179 -3.94 -14.60 2.25
CA GLN C 179 -3.84 -15.93 2.84
C GLN C 179 -4.67 -16.94 2.06
N GLY C 180 -5.73 -16.46 1.40
CA GLY C 180 -6.60 -17.31 0.58
C GLY C 180 -5.89 -17.73 -0.67
N LEU C 181 -5.09 -16.82 -1.22
CA LEU C 181 -4.31 -17.17 -2.39
C LEU C 181 -3.25 -18.22 -2.04
N PHE C 182 -2.62 -18.05 -0.87
CA PHE C 182 -1.61 -19.00 -0.46
C PHE C 182 -2.23 -20.40 -0.30
N LEU C 183 -3.28 -20.47 0.52
CA LEU C 183 -4.02 -21.69 0.76
C LEU C 183 -4.46 -22.44 -0.54
N ASP C 184 -5.16 -21.72 -1.43
CA ASP C 184 -5.69 -22.31 -2.67
C ASP C 184 -4.59 -22.77 -3.59
N THR C 185 -3.51 -22.00 -3.65
CA THR C 185 -2.43 -22.35 -4.54
C THR C 185 -1.77 -23.63 -4.06
N VAL C 186 -1.62 -23.80 -2.75
CA VAL C 186 -1.03 -25.04 -2.27
C VAL C 186 -1.97 -26.21 -2.58
N LYS C 187 -3.27 -26.00 -2.38
CA LYS C 187 -4.26 -27.01 -2.74
C LYS C 187 -4.22 -27.35 -4.24
N GLU C 188 -4.04 -26.36 -5.12
CA GLU C 188 -3.96 -26.63 -6.54
C GLU C 188 -2.78 -27.49 -6.87
N VAL C 189 -1.59 -27.13 -6.38
CA VAL C 189 -0.40 -27.96 -6.61
C VAL C 189 -0.49 -29.36 -5.95
N ALA C 190 -1.22 -29.46 -4.84
CA ALA C 190 -1.38 -30.73 -4.11
C ALA C 190 -1.86 -31.84 -5.03
N LYS C 191 -2.56 -31.45 -6.09
CA LYS C 191 -3.16 -32.38 -7.06
C LYS C 191 -2.12 -33.25 -7.77
N ASP C 192 -0.92 -32.72 -8.00
CA ASP C 192 0.20 -33.56 -8.50
C ASP C 192 0.78 -34.49 -7.42
N PHE C 193 0.19 -34.52 -6.23
CA PHE C 193 0.73 -35.36 -5.16
C PHE C 193 -0.42 -36.08 -4.46
N PRO C 194 -1.16 -36.90 -5.24
CA PRO C 194 -2.42 -37.49 -4.74
C PRO C 194 -2.25 -38.43 -3.54
N LEU C 195 -1.05 -38.98 -3.33
CA LEU C 195 -0.77 -39.89 -2.22
C LEU C 195 -0.56 -39.14 -0.89
N VAL C 196 -0.47 -37.81 -0.99
CA VAL C 196 -0.28 -36.99 0.20
C VAL C 196 -1.64 -36.59 0.74
N ASN C 197 -1.81 -36.81 2.03
CA ASN C 197 -3.02 -36.38 2.67
C ASN C 197 -2.86 -34.90 3.08
N VAL C 198 -3.65 -34.05 2.42
CA VAL C 198 -3.56 -32.61 2.63
C VAL C 198 -4.71 -32.07 3.45
N GLN C 199 -4.36 -31.38 4.53
CA GLN C 199 -5.35 -30.80 5.40
C GLN C 199 -5.10 -29.31 5.54
N ASP C 200 -6.13 -28.55 5.90
CA ASP C 200 -5.89 -27.14 6.18
C ASP C 200 -6.25 -26.85 7.64
N ILE C 201 -5.43 -26.08 8.32
CA ILE C 201 -5.66 -25.73 9.71
C ILE C 201 -5.40 -24.24 9.84
N ILE C 202 -6.23 -23.52 10.59
CA ILE C 202 -6.01 -22.10 10.76
C ILE C 202 -4.81 -21.90 11.71
N VAL C 203 -3.89 -21.00 11.36
CA VAL C 203 -2.62 -20.87 12.05
C VAL C 203 -2.67 -20.84 13.59
N ASP C 204 -3.68 -20.17 14.15
CA ASP C 204 -3.72 -20.05 15.61
C ASP C 204 -4.12 -21.40 16.25
N ASN C 205 -5.15 -22.05 15.72
CA ASN C 205 -5.51 -23.40 16.14
C ASN C 205 -4.28 -24.31 16.00
N CYS C 206 -3.52 -24.12 14.92
CA CYS C 206 -2.31 -24.89 14.67
C CYS C 206 -1.26 -24.78 15.79
N ALA C 207 -0.96 -23.54 16.17
CA ALA C 207 -0.14 -23.21 17.32
C ALA C 207 -0.62 -23.95 18.56
N MET C 208 -1.93 -23.91 18.77
CA MET C 208 -2.51 -24.62 19.89
C MET C 208 -2.35 -26.15 19.81
N GLN C 209 -2.62 -26.69 18.63
CA GLN C 209 -2.46 -28.10 18.41
C GLN C 209 -1.01 -28.55 18.52
N LEU C 210 -0.05 -27.67 18.20
CA LEU C 210 1.37 -28.03 18.32
C LEU C 210 1.78 -28.25 19.78
N VAL C 211 1.17 -27.50 20.68
CA VAL C 211 1.43 -27.61 22.12
C VAL C 211 0.73 -28.83 22.72
N MET C 212 -0.50 -29.07 22.28
CA MET C 212 -1.32 -30.11 22.89
C MET C 212 -1.08 -31.49 22.31
N ARG C 213 -0.87 -31.57 21.00
CA ARG C 213 -0.95 -32.82 20.27
C ARG C 213 0.02 -32.83 19.10
N PRO C 214 1.28 -32.44 19.31
CA PRO C 214 2.24 -32.34 18.19
C PRO C 214 2.39 -33.62 17.32
N GLU C 215 2.18 -34.79 17.93
CA GLU C 215 2.21 -36.08 17.25
C GLU C 215 1.22 -36.12 16.06
N ARG C 216 0.30 -35.18 16.04
CA ARG C 216 -0.67 -35.07 14.97
C ARG C 216 -0.06 -34.63 13.63
N PHE C 217 1.09 -33.97 13.71
CA PHE C 217 1.71 -33.36 12.53
C PHE C 217 2.87 -34.13 11.97
N ASP C 218 2.94 -34.16 10.65
CA ASP C 218 4.12 -34.63 9.97
C ASP C 218 4.79 -33.39 9.34
N VAL C 219 4.23 -32.92 8.23
CA VAL C 219 4.73 -31.73 7.54
C VAL C 219 3.74 -30.55 7.61
N ILE C 220 4.28 -29.36 7.90
CA ILE C 220 3.46 -28.15 7.94
C ILE C 220 4.05 -27.16 6.93
N VAL C 221 3.19 -26.55 6.12
CA VAL C 221 3.61 -25.50 5.19
C VAL C 221 2.85 -24.26 5.53
N THR C 222 3.54 -23.13 5.49
CA THR C 222 2.91 -21.88 5.86
C THR C 222 3.78 -20.75 5.36
N THR C 223 3.29 -19.53 5.54
CA THR C 223 3.92 -18.32 5.01
C THR C 223 5.00 -17.78 5.96
N ASN C 224 5.68 -16.72 5.53
CA ASN C 224 6.97 -16.28 6.10
C ASN C 224 6.93 -15.99 7.62
N LEU C 225 6.18 -14.98 8.02
CA LEU C 225 6.04 -14.66 9.46
C LEU C 225 5.33 -15.76 10.24
N LEU C 226 4.30 -16.38 9.66
CA LEU C 226 3.67 -17.49 10.38
C LEU C 226 4.65 -18.64 10.71
N GLY C 227 5.46 -19.01 9.74
CA GLY C 227 6.37 -20.16 9.88
C GLY C 227 7.46 -19.84 10.85
N ASP C 228 7.85 -18.57 10.87
CA ASP C 228 8.82 -18.11 11.81
C ASP C 228 8.36 -18.46 13.22
N ILE C 229 7.12 -18.10 13.54
CA ILE C 229 6.58 -18.27 14.88
C ILE C 229 6.34 -19.75 15.17
N LEU C 230 5.69 -20.47 14.25
CA LEU C 230 5.38 -21.90 14.45
C LEU C 230 6.65 -22.75 14.61
N SER C 231 7.72 -22.37 13.90
CA SER C 231 8.99 -23.09 14.04
C SER C 231 9.52 -22.95 15.43
N ASP C 232 9.51 -21.74 15.95
CA ASP C 232 10.06 -21.51 17.27
C ASP C 232 9.22 -22.12 18.38
N LEU C 233 7.90 -22.08 18.26
CA LEU C 233 7.04 -22.87 19.13
C LEU C 233 7.42 -24.36 19.05
N ALA C 234 7.46 -24.91 17.85
CA ALA C 234 7.87 -26.30 17.67
C ALA C 234 9.22 -26.60 18.34
N ALA C 235 10.23 -25.75 18.18
CA ALA C 235 11.55 -26.03 18.77
C ALA C 235 11.48 -26.13 20.31
N GLY C 236 10.58 -25.35 20.90
CA GLY C 236 10.37 -25.34 22.33
C GLY C 236 9.92 -26.66 22.90
N LEU C 237 9.23 -27.46 22.10
CA LEU C 237 8.72 -28.74 22.57
C LEU C 237 9.85 -29.75 22.68
N VAL C 238 10.96 -29.49 22.00
CA VAL C 238 12.00 -30.51 21.85
C VAL C 238 13.37 -30.03 22.28
N GLY C 239 13.42 -29.14 23.27
CA GLY C 239 14.70 -28.76 23.87
C GLY C 239 15.20 -27.37 23.57
N GLY C 240 14.58 -26.68 22.61
CA GLY C 240 14.89 -25.27 22.34
C GLY C 240 16.00 -25.02 21.36
N LEU C 241 16.49 -23.79 21.35
CA LEU C 241 17.35 -23.31 20.28
C LEU C 241 18.70 -24.00 20.16
N GLY C 242 19.19 -24.54 21.27
CA GLY C 242 20.50 -25.18 21.26
C GLY C 242 20.46 -26.43 20.41
N LEU C 243 19.27 -26.96 20.14
CA LEU C 243 19.16 -28.22 19.38
C LEU C 243 18.54 -28.05 17.98
N ALA C 244 17.93 -26.90 17.72
CA ALA C 244 17.17 -26.69 16.50
C ALA C 244 18.03 -26.41 15.24
N PRO C 245 17.91 -27.30 14.22
CA PRO C 245 18.56 -27.17 12.93
C PRO C 245 17.66 -26.53 11.86
N SER C 246 18.26 -26.01 10.80
CA SER C 246 17.50 -25.40 9.70
C SER C 246 18.21 -25.43 8.36
N GLY C 247 17.42 -25.50 7.30
CA GLY C 247 17.91 -25.34 5.92
C GLY C 247 17.19 -24.20 5.22
N ASN C 248 17.92 -23.39 4.45
CA ASN C 248 17.27 -22.43 3.53
C ASN C 248 17.63 -22.89 2.15
N ILE C 249 16.63 -23.41 1.45
CA ILE C 249 16.89 -24.16 0.25
C ILE C 249 16.19 -23.50 -0.93
N GLY C 250 16.93 -23.29 -2.01
CA GLY C 250 16.33 -22.99 -3.29
C GLY C 250 16.65 -24.02 -4.37
N ASP C 251 16.40 -23.60 -5.61
CA ASP C 251 16.57 -24.42 -6.79
C ASP C 251 18.01 -24.68 -7.20
N THR C 252 18.96 -23.85 -6.76
CA THR C 252 20.32 -24.06 -7.21
C THR C 252 21.30 -24.32 -6.05
N THR C 253 21.07 -23.69 -4.91
CA THR C 253 21.91 -23.95 -3.75
C THR C 253 21.10 -23.98 -2.44
N ALA C 254 21.80 -24.10 -1.32
CA ALA C 254 21.20 -24.18 -0.02
C ALA C 254 22.23 -23.74 1.01
N VAL C 255 21.76 -23.08 2.05
CA VAL C 255 22.57 -22.66 3.18
C VAL C 255 21.91 -23.26 4.42
N PHE C 256 22.66 -24.03 5.21
CA PHE C 256 22.13 -24.66 6.44
C PHE C 256 22.72 -23.96 7.63
N GLU C 257 21.92 -23.80 8.66
CA GLU C 257 22.22 -22.81 9.68
C GLU C 257 21.52 -23.24 10.98
N PRO C 258 22.19 -23.12 12.14
CA PRO C 258 21.42 -23.30 13.37
C PRO C 258 20.48 -22.13 13.62
N VAL C 259 19.40 -22.38 14.34
CA VAL C 259 18.46 -21.30 14.67
C VAL C 259 19.05 -20.32 15.70
N HIS C 260 19.80 -20.79 16.70
CA HIS C 260 20.35 -19.88 17.69
C HIS C 260 21.17 -18.76 17.05
N GLY C 261 21.40 -17.71 17.81
CA GLY C 261 22.13 -16.55 17.29
C GLY C 261 23.57 -16.62 17.70
N SER C 262 24.25 -15.48 17.56
CA SER C 262 25.68 -15.38 17.85
C SER C 262 26.01 -15.60 19.33
N ALA C 263 24.97 -15.50 20.16
CA ALA C 263 25.03 -15.73 21.62
C ALA C 263 26.18 -15.02 22.37
N PRO C 264 26.24 -13.65 22.31
CA PRO C 264 27.38 -12.92 22.88
C PRO C 264 27.71 -13.33 24.32
N ASP C 265 26.70 -13.44 25.17
CA ASP C 265 26.85 -13.82 26.58
C ASP C 265 27.76 -15.01 26.86
N ILE C 266 27.91 -15.88 25.86
CA ILE C 266 28.54 -17.20 26.04
C ILE C 266 29.72 -17.40 25.07
N ALA C 267 29.72 -16.65 23.97
CA ALA C 267 30.78 -16.75 22.96
C ALA C 267 32.17 -16.62 23.59
N GLY C 268 33.06 -17.56 23.27
CA GLY C 268 34.43 -17.57 23.83
C GLY C 268 34.59 -18.44 25.06
N LYS C 269 33.47 -18.73 25.73
CA LYS C 269 33.47 -19.44 27.02
C LYS C 269 33.74 -20.95 26.88
N GLY C 270 33.90 -21.40 25.64
CA GLY C 270 34.27 -22.77 25.33
C GLY C 270 33.18 -23.80 25.52
N ILE C 271 31.93 -23.34 25.61
CA ILE C 271 30.84 -24.17 26.14
C ILE C 271 29.53 -24.26 25.35
N ALA C 272 29.45 -23.59 24.19
CA ALA C 272 28.22 -23.62 23.38
C ALA C 272 27.87 -25.05 22.96
N ASN C 273 26.58 -25.33 22.78
CA ASN C 273 26.13 -26.64 22.34
C ASN C 273 26.18 -26.71 20.82
N PRO C 274 27.01 -27.63 20.26
CA PRO C 274 27.13 -27.74 18.80
C PRO C 274 26.04 -28.58 18.10
N THR C 275 25.25 -29.34 18.86
CA THR C 275 24.12 -30.13 18.34
C THR C 275 23.35 -29.46 17.18
N ALA C 276 22.90 -28.23 17.38
CA ALA C 276 22.15 -27.54 16.34
C ALA C 276 22.96 -27.41 15.04
N ALA C 277 24.23 -27.02 15.15
CA ALA C 277 25.11 -26.97 13.97
C ALA C 277 25.35 -28.35 13.37
N ILE C 278 25.56 -29.37 14.20
CA ILE C 278 25.79 -30.75 13.69
C ILE C 278 24.54 -31.31 12.97
N LEU C 279 23.37 -31.12 13.59
CA LEU C 279 22.12 -31.53 12.94
C LEU C 279 21.83 -30.75 11.63
N SER C 280 22.18 -29.46 11.59
CA SER C 280 22.07 -28.72 10.32
C SER C 280 23.02 -29.31 9.27
N ALA C 281 24.21 -29.72 9.71
CA ALA C 281 25.11 -30.43 8.82
C ALA C 281 24.49 -31.76 8.32
N ALA C 282 23.76 -32.46 9.19
CA ALA C 282 23.06 -33.67 8.80
C ALA C 282 21.99 -33.40 7.75
N MET C 283 21.26 -32.28 7.90
CA MET C 283 20.29 -31.83 6.88
C MET C 283 20.99 -31.55 5.55
N MET C 284 22.13 -30.87 5.63
CA MET C 284 22.96 -30.62 4.44
C MET C 284 23.43 -31.91 3.72
N LEU C 285 23.84 -32.91 4.49
CA LEU C 285 24.20 -34.20 3.92
C LEU C 285 23.02 -34.81 3.18
N ASP C 286 21.85 -34.80 3.82
CA ASP C 286 20.62 -35.30 3.23
C ASP C 286 20.36 -34.59 1.88
N TYR C 287 20.35 -33.27 1.92
CA TYR C 287 20.18 -32.45 0.74
C TYR C 287 21.19 -32.84 -0.36
N LEU C 288 22.44 -33.11 0.04
CA LEU C 288 23.46 -33.54 -0.90
C LEU C 288 23.25 -34.97 -1.43
N GLY C 289 22.27 -35.70 -0.89
CA GLY C 289 22.00 -37.06 -1.30
C GLY C 289 22.62 -38.13 -0.42
N GLU C 290 23.40 -37.72 0.57
CA GLU C 290 23.99 -38.66 1.48
C GLU C 290 23.05 -38.91 2.64
N LYS C 291 21.94 -39.59 2.35
CA LYS C 291 20.88 -39.87 3.31
C LYS C 291 21.27 -40.88 4.40
N GLU C 292 22.05 -41.91 4.07
CA GLU C 292 22.47 -42.86 5.12
C GLU C 292 23.40 -42.14 6.14
N ALA C 293 24.39 -41.45 5.60
CA ALA C 293 25.35 -40.70 6.42
C ALA C 293 24.65 -39.70 7.31
N ALA C 294 23.67 -39.00 6.75
CA ALA C 294 22.87 -38.02 7.49
C ALA C 294 22.24 -38.65 8.74
N LYS C 295 21.57 -39.79 8.56
CA LYS C 295 20.92 -40.54 9.66
C LYS C 295 21.94 -41.02 10.70
N ARG C 296 23.13 -41.34 10.21
CA ARG C 296 24.22 -41.84 10.98
C ARG C 296 24.70 -40.67 11.87
N VAL C 297 24.86 -39.48 11.28
CA VAL C 297 25.24 -38.29 12.06
C VAL C 297 24.19 -37.95 13.14
N GLU C 298 22.92 -38.10 12.77
CA GLU C 298 21.82 -37.98 13.71
C GLU C 298 21.92 -39.01 14.85
N LYS C 299 22.21 -40.25 14.49
CA LYS C 299 22.28 -41.32 15.46
C LYS C 299 23.39 -41.03 16.47
N ALA C 300 24.58 -40.67 15.99
CA ALA C 300 25.68 -40.33 16.88
C ALA C 300 25.28 -39.23 17.86
N VAL C 301 24.50 -38.26 17.39
CA VAL C 301 24.09 -37.10 18.21
C VAL C 301 23.13 -37.57 19.31
N ASP C 302 22.09 -38.30 18.93
CA ASP C 302 21.17 -38.92 19.91
C ASP C 302 21.89 -39.76 20.95
N LEU C 303 22.79 -40.65 20.52
CA LEU C 303 23.56 -41.49 21.43
C LEU C 303 24.24 -40.65 22.53
N VAL C 304 24.87 -39.55 22.13
CA VAL C 304 25.57 -38.68 23.06
C VAL C 304 24.64 -37.78 23.88
N LEU C 305 23.50 -37.41 23.30
CA LEU C 305 22.48 -36.65 24.03
C LEU C 305 21.86 -37.50 25.13
N GLU C 306 21.66 -38.78 24.85
CA GLU C 306 21.12 -39.71 25.82
C GLU C 306 22.06 -39.97 26.97
N ARG C 307 23.30 -40.31 26.65
CA ARG C 307 24.17 -40.90 27.63
C ARG C 307 25.48 -40.14 27.90
N GLY C 308 25.96 -39.40 26.91
CA GLY C 308 27.36 -38.93 26.88
C GLY C 308 27.50 -37.64 27.66
N PRO C 309 28.68 -36.99 27.57
CA PRO C 309 28.88 -35.72 28.30
C PRO C 309 27.88 -34.67 27.81
N ARG C 310 27.13 -34.07 28.73
CA ARG C 310 26.20 -33.01 28.36
C ARG C 310 26.85 -31.66 28.57
N THR C 311 26.54 -30.71 27.70
CA THR C 311 26.97 -29.32 27.87
C THR C 311 26.13 -28.62 28.95
N PRO C 312 26.61 -27.48 29.48
CA PRO C 312 25.85 -26.70 30.48
C PRO C 312 24.41 -26.35 30.14
N ASP C 313 24.08 -26.10 28.89
CA ASP C 313 22.70 -25.77 28.54
C ASP C 313 21.78 -27.00 28.66
N LEU C 314 22.39 -28.18 28.84
CA LEU C 314 21.64 -29.42 29.05
C LEU C 314 21.86 -30.02 30.43
N GLY C 315 22.38 -29.20 31.35
CA GLY C 315 22.55 -29.58 32.73
C GLY C 315 23.87 -30.27 33.03
N GLY C 316 24.76 -30.31 32.05
CA GLY C 316 26.07 -30.96 32.22
C GLY C 316 27.21 -29.98 32.41
N ASP C 317 28.40 -30.50 32.67
CA ASP C 317 29.59 -29.63 32.83
C ASP C 317 30.60 -29.74 31.67
N ALA C 318 30.21 -30.34 30.54
CA ALA C 318 31.13 -30.54 29.39
C ALA C 318 31.28 -29.34 28.46
N THR C 319 32.47 -29.23 27.89
CA THR C 319 32.80 -28.21 26.90
C THR C 319 32.36 -28.62 25.49
N THR C 320 32.12 -27.61 24.67
CA THR C 320 31.91 -27.82 23.24
C THR C 320 32.87 -28.87 22.66
N GLU C 321 34.14 -28.87 23.09
CA GLU C 321 35.13 -29.83 22.58
C GLU C 321 34.88 -31.28 23.01
N ALA C 322 34.55 -31.50 24.29
CA ALA C 322 34.28 -32.85 24.83
C ALA C 322 33.00 -33.47 24.24
N PHE C 323 32.00 -32.61 24.01
CA PHE C 323 30.78 -33.02 23.35
C PHE C 323 31.05 -33.47 21.90
N THR C 324 31.77 -32.63 21.16
CA THR C 324 32.16 -32.90 19.78
C THR C 324 32.93 -34.22 19.61
N GLU C 325 33.89 -34.51 20.50
CA GLU C 325 34.71 -35.72 20.36
C GLU C 325 33.88 -36.94 20.67
N ALA C 326 32.86 -36.75 21.52
CA ALA C 326 31.95 -37.85 21.88
C ALA C 326 31.07 -38.20 20.67
N VAL C 327 30.54 -37.17 20.02
CA VAL C 327 29.74 -37.37 18.82
C VAL C 327 30.60 -38.05 17.75
N VAL C 328 31.86 -37.58 17.61
CA VAL C 328 32.76 -38.14 16.61
C VAL C 328 33.01 -39.60 16.92
N GLU C 329 33.30 -39.88 18.19
CA GLU C 329 33.55 -41.23 18.62
C GLU C 329 32.36 -42.10 18.31
N ALA C 330 31.17 -41.67 18.74
CA ALA C 330 29.96 -42.47 18.49
C ALA C 330 29.79 -42.73 17.00
N LEU C 331 29.93 -41.66 16.20
CA LEU C 331 29.80 -41.77 14.75
C LEU C 331 30.78 -42.82 14.17
N LYS C 332 32.07 -42.71 14.49
CA LYS C 332 33.06 -43.72 14.09
C LYS C 332 32.56 -45.17 14.31
N SER C 333 31.75 -45.40 15.35
CA SER C 333 31.29 -46.76 15.67
C SER C 333 29.97 -47.24 15.03
N LEU C 334 29.23 -46.32 14.39
CA LEU C 334 27.98 -46.69 13.73
C LEU C 334 28.22 -47.41 12.40
N ALA D 2 -29.25 -2.19 39.32
CA ALA D 2 -28.60 -3.54 39.20
C ALA D 2 -27.59 -3.46 38.06
N TYR D 3 -26.72 -4.44 37.95
CA TYR D 3 -25.85 -4.52 36.76
C TYR D 3 -26.71 -5.03 35.62
N ARG D 4 -26.73 -4.32 34.49
CA ARG D 4 -27.35 -4.86 33.28
C ARG D 4 -26.34 -5.64 32.40
N ILE D 5 -26.60 -6.92 32.22
CA ILE D 5 -25.73 -7.82 31.44
C ILE D 5 -26.50 -8.21 30.20
N CYS D 6 -25.94 -7.95 29.04
CA CYS D 6 -26.55 -8.40 27.81
C CYS D 6 -26.02 -9.79 27.49
N LEU D 7 -26.91 -10.74 27.23
CA LEU D 7 -26.53 -12.13 26.90
C LEU D 7 -26.79 -12.46 25.45
N ILE D 8 -25.75 -12.91 24.76
CA ILE D 8 -25.89 -13.29 23.37
C ILE D 8 -25.43 -14.73 23.25
N GLU D 9 -26.35 -15.62 22.89
CA GLU D 9 -26.02 -17.04 22.83
C GLU D 9 -25.20 -17.37 21.62
N GLY D 10 -25.51 -16.69 20.51
CA GLY D 10 -24.99 -17.01 19.18
C GLY D 10 -25.37 -18.37 18.60
N ASP D 11 -24.36 -19.15 18.26
CA ASP D 11 -24.53 -20.36 17.47
C ASP D 11 -24.11 -21.59 18.23
N GLY D 12 -24.75 -22.71 17.89
CA GLY D 12 -24.42 -24.04 18.42
C GLY D 12 -24.38 -24.08 19.92
N ILE D 13 -23.22 -24.47 20.47
CA ILE D 13 -23.10 -24.69 21.91
C ILE D 13 -23.15 -23.39 22.73
N GLY D 14 -23.02 -22.26 22.03
CA GLY D 14 -23.38 -20.96 22.59
C GLY D 14 -24.72 -21.06 23.30
N HIS D 15 -25.66 -21.80 22.69
CA HIS D 15 -27.01 -22.02 23.23
C HIS D 15 -27.03 -22.78 24.54
N GLU D 16 -25.94 -23.48 24.82
CA GLU D 16 -25.87 -24.31 26.03
C GLU D 16 -25.02 -23.66 27.14
N VAL D 17 -23.83 -23.19 26.80
CA VAL D 17 -22.92 -22.61 27.77
C VAL D 17 -23.38 -21.23 28.32
N ILE D 18 -23.97 -20.39 27.46
CA ILE D 18 -24.44 -19.08 27.91
C ILE D 18 -25.47 -19.23 29.04
N PRO D 19 -26.51 -20.09 28.89
CA PRO D 19 -27.34 -20.34 30.08
C PRO D 19 -26.59 -20.87 31.30
N ALA D 20 -25.61 -21.75 31.09
CA ALA D 20 -24.77 -22.24 32.20
C ALA D 20 -24.11 -21.03 32.91
N ALA D 21 -23.47 -20.16 32.13
CA ALA D 21 -22.89 -18.92 32.64
C ALA D 21 -23.91 -18.01 33.38
N ARG D 22 -25.10 -17.81 32.81
CA ARG D 22 -26.13 -17.02 33.47
CA ARG D 22 -26.14 -17.04 33.45
C ARG D 22 -26.42 -17.59 34.86
N ARG D 23 -26.68 -18.90 34.93
CA ARG D 23 -26.96 -19.58 36.19
C ARG D 23 -25.89 -19.31 37.22
N VAL D 24 -24.61 -19.31 36.81
CA VAL D 24 -23.51 -19.22 37.76
C VAL D 24 -23.38 -17.77 38.23
N LEU D 25 -23.61 -16.83 37.32
CA LEU D 25 -23.74 -15.41 37.66
C LEU D 25 -24.87 -15.12 38.66
N GLU D 26 -26.05 -15.71 38.43
CA GLU D 26 -27.18 -15.57 39.33
C GLU D 26 -26.82 -16.01 40.74
N ALA D 27 -26.20 -17.18 40.85
CA ALA D 27 -25.81 -17.75 42.14
C ALA D 27 -24.82 -16.92 42.98
N THR D 28 -24.18 -15.90 42.39
CA THR D 28 -23.27 -15.00 43.11
C THR D 28 -24.04 -14.11 44.06
N GLY D 29 -25.36 -14.03 43.87
CA GLY D 29 -26.20 -13.10 44.63
C GLY D 29 -26.16 -11.64 44.20
N LEU D 30 -25.42 -11.32 43.14
CA LEU D 30 -25.32 -9.93 42.74
C LEU D 30 -26.65 -9.40 42.16
N PRO D 31 -26.91 -8.10 42.28
CA PRO D 31 -28.10 -7.59 41.60
C PRO D 31 -27.88 -7.51 40.08
N LEU D 32 -28.52 -8.40 39.34
CA LEU D 32 -28.28 -8.51 37.90
C LEU D 32 -29.57 -8.50 37.08
N GLU D 33 -29.56 -7.74 35.99
CA GLU D 33 -30.58 -7.76 34.97
C GLU D 33 -30.02 -8.36 33.69
N PHE D 34 -30.69 -9.35 33.12
CA PHE D 34 -30.23 -9.93 31.88
C PHE D 34 -31.06 -9.43 30.69
N VAL D 35 -30.40 -9.00 29.64
CA VAL D 35 -31.09 -8.54 28.45
C VAL D 35 -30.67 -9.45 27.29
N GLU D 36 -31.61 -10.26 26.82
CA GLU D 36 -31.33 -11.26 25.80
C GLU D 36 -31.16 -10.60 24.41
N ALA D 37 -30.07 -10.93 23.72
CA ALA D 37 -29.92 -10.51 22.33
C ALA D 37 -29.40 -11.64 21.46
N GLU D 38 -29.46 -11.44 20.15
CA GLU D 38 -28.98 -12.43 19.22
C GLU D 38 -27.98 -11.87 18.24
N ALA D 39 -27.03 -12.72 17.86
CA ALA D 39 -26.06 -12.41 16.81
C ALA D 39 -25.50 -13.71 16.23
N GLY D 40 -24.70 -13.62 15.18
CA GLY D 40 -24.05 -14.83 14.60
C GLY D 40 -24.66 -15.36 13.31
N TRP D 41 -24.31 -16.60 12.98
CA TRP D 41 -24.65 -17.24 11.68
C TRP D 41 -26.13 -17.60 11.57
N GLU D 42 -26.65 -18.28 12.59
CA GLU D 42 -28.06 -18.61 12.69
C GLU D 42 -28.87 -17.33 12.59
N THR D 43 -28.44 -16.29 13.31
CA THR D 43 -29.07 -14.97 13.22
C THR D 43 -29.04 -14.38 11.81
N PHE D 44 -27.96 -14.61 11.07
CA PHE D 44 -27.87 -14.11 9.69
C PHE D 44 -28.82 -14.83 8.73
N GLU D 45 -29.00 -16.13 8.98
CA GLU D 45 -29.81 -17.00 8.14
C GLU D 45 -31.29 -16.66 8.21
N ARG D 46 -31.73 -16.10 9.34
CA ARG D 46 -33.13 -15.78 9.47
C ARG D 46 -33.40 -14.28 9.47
N ARG D 47 -32.33 -13.49 9.34
CA ARG D 47 -32.47 -12.03 9.40
C ARG D 47 -31.61 -11.24 8.40
N GLY D 48 -30.62 -11.88 7.79
CA GLY D 48 -29.90 -11.25 6.66
C GLY D 48 -28.72 -10.38 7.07
N THR D 49 -28.47 -10.33 8.38
CA THR D 49 -27.31 -9.67 8.98
C THR D 49 -26.96 -10.43 10.26
N SER D 50 -25.69 -10.46 10.63
CA SER D 50 -25.27 -11.29 11.76
C SER D 50 -25.26 -10.48 13.06
N VAL D 51 -25.29 -9.15 12.93
CA VAL D 51 -25.51 -8.29 14.08
C VAL D 51 -26.61 -7.33 13.71
N PRO D 52 -27.86 -7.64 14.09
CA PRO D 52 -28.91 -6.66 13.90
C PRO D 52 -28.57 -5.37 14.64
N GLU D 53 -29.11 -4.25 14.16
CA GLU D 53 -28.99 -2.96 14.84
C GLU D 53 -29.65 -3.01 16.22
N GLU D 54 -30.65 -3.86 16.34
CA GLU D 54 -31.34 -4.05 17.61
C GLU D 54 -30.41 -4.61 18.72
N THR D 55 -29.61 -5.63 18.37
CA THR D 55 -28.57 -6.21 19.22
C THR D 55 -27.56 -5.16 19.74
N VAL D 56 -27.07 -4.33 18.81
CA VAL D 56 -26.09 -3.28 19.12
C VAL D 56 -26.64 -2.34 20.18
N GLU D 57 -27.92 -2.01 20.06
CA GLU D 57 -28.61 -1.16 21.03
C GLU D 57 -28.62 -1.82 22.39
N LYS D 58 -29.15 -3.03 22.46
CA LYS D 58 -29.19 -3.81 23.68
C LYS D 58 -27.85 -3.81 24.41
N ILE D 59 -26.76 -4.08 23.68
CA ILE D 59 -25.41 -4.09 24.23
C ILE D 59 -25.09 -2.74 24.87
N LEU D 60 -25.35 -1.65 24.15
CA LEU D 60 -24.91 -0.33 24.58
C LEU D 60 -25.80 0.17 25.72
N SER D 61 -26.96 -0.46 25.88
CA SER D 61 -27.84 -0.18 27.00
C SER D 61 -27.47 -0.96 28.25
N CYS D 62 -26.47 -1.82 28.13
CA CYS D 62 -26.03 -2.71 29.21
C CYS D 62 -24.62 -2.36 29.65
N HIS D 63 -24.28 -2.68 30.90
CA HIS D 63 -22.93 -2.49 31.43
C HIS D 63 -21.85 -3.40 30.84
N ALA D 64 -22.27 -4.58 30.37
CA ALA D 64 -21.37 -5.58 29.83
C ALA D 64 -22.14 -6.63 29.03
N THR D 65 -21.40 -7.32 28.16
CA THR D 65 -21.97 -8.36 27.29
C THR D 65 -21.23 -9.73 27.37
N LEU D 66 -22.00 -10.80 27.54
CA LEU D 66 -21.48 -12.13 27.50
C LEU D 66 -22.03 -12.79 26.23
N PHE D 67 -21.12 -13.16 25.33
CA PHE D 67 -21.44 -13.75 24.03
C PHE D 67 -20.97 -15.21 24.04
N GLY D 68 -21.74 -16.11 23.41
CA GLY D 68 -21.44 -17.54 23.40
C GLY D 68 -20.40 -17.96 22.37
N ALA D 69 -20.83 -18.10 21.11
CA ALA D 69 -20.01 -18.63 20.01
C ALA D 69 -20.62 -18.27 18.65
N ALA D 70 -19.78 -18.23 17.64
CA ALA D 70 -20.20 -17.98 16.27
C ALA D 70 -19.73 -19.11 15.38
N THR D 71 -20.61 -19.57 14.50
CA THR D 71 -20.19 -20.41 13.41
C THR D 71 -19.59 -19.44 12.40
N SER D 72 -18.45 -19.79 11.82
CA SER D 72 -17.95 -19.07 10.65
C SER D 72 -17.93 -20.06 9.52
N PRO D 73 -18.87 -19.92 8.56
CA PRO D 73 -19.09 -20.96 7.53
C PRO D 73 -17.95 -21.06 6.50
N THR D 74 -17.89 -22.18 5.77
CA THR D 74 -16.79 -22.45 4.82
C THR D 74 -17.09 -21.97 3.40
N ARG D 75 -17.28 -20.66 3.23
CA ARG D 75 -17.48 -20.02 1.91
C ARG D 75 -17.40 -18.52 2.06
N LYS D 76 -17.70 -17.82 0.96
CA LYS D 76 -17.96 -16.39 1.01
C LYS D 76 -19.47 -16.20 0.84
N VAL D 77 -20.22 -16.31 1.95
CA VAL D 77 -21.66 -16.05 1.92
C VAL D 77 -21.89 -14.54 1.72
N PRO D 78 -22.62 -14.16 0.65
CA PRO D 78 -22.85 -12.74 0.42
C PRO D 78 -23.64 -12.13 1.57
N GLY D 79 -23.06 -11.12 2.22
CA GLY D 79 -23.73 -10.43 3.30
C GLY D 79 -23.26 -10.81 4.68
N PHE D 80 -22.83 -12.06 4.89
CA PHE D 80 -22.44 -12.52 6.22
C PHE D 80 -21.03 -12.14 6.62
N PHE D 81 -20.91 -11.28 7.63
CA PHE D 81 -19.63 -11.04 8.31
C PHE D 81 -19.62 -11.68 9.72
N GLY D 82 -18.44 -12.00 10.25
CA GLY D 82 -18.33 -12.52 11.64
C GLY D 82 -18.78 -11.51 12.69
N ALA D 83 -19.60 -11.97 13.65
CA ALA D 83 -20.27 -11.09 14.62
C ALA D 83 -19.30 -10.34 15.50
N ILE D 84 -18.39 -11.09 16.11
CA ILE D 84 -17.38 -10.53 17.03
C ILE D 84 -16.41 -9.59 16.34
N ARG D 85 -15.99 -10.00 15.15
CA ARG D 85 -15.13 -9.22 14.26
C ARG D 85 -15.80 -7.88 14.00
N TYR D 86 -17.11 -7.87 13.76
CA TYR D 86 -17.88 -6.62 13.59
C TYR D 86 -17.95 -5.78 14.88
N LEU D 87 -18.35 -6.43 15.97
CA LEU D 87 -18.49 -5.79 17.29
C LEU D 87 -17.20 -5.12 17.81
N ARG D 88 -16.05 -5.71 17.50
CA ARG D 88 -14.78 -5.12 17.84
C ARG D 88 -14.60 -3.78 17.14
N ARG D 89 -14.99 -3.70 15.85
CA ARG D 89 -14.84 -2.45 15.08
C ARG D 89 -15.90 -1.43 15.56
N ARG D 90 -17.16 -1.86 15.55
CA ARG D 90 -18.30 -0.99 15.85
C ARG D 90 -18.25 -0.39 17.26
N LEU D 91 -17.82 -1.18 18.25
CA LEU D 91 -17.82 -0.75 19.65
C LEU D 91 -16.43 -0.27 20.13
N ASP D 92 -15.46 -0.29 19.24
CA ASP D 92 -14.08 0.07 19.56
C ASP D 92 -13.46 -0.74 20.74
N LEU D 93 -13.65 -2.05 20.69
CA LEU D 93 -13.20 -2.96 21.73
C LEU D 93 -11.74 -3.28 21.44
N TYR D 94 -10.88 -2.33 21.81
CA TYR D 94 -9.50 -2.34 21.30
C TYR D 94 -8.56 -3.30 22.03
N ALA D 95 -8.94 -3.75 23.23
CA ALA D 95 -8.09 -4.67 23.98
C ALA D 95 -8.68 -6.07 24.01
N ASN D 96 -8.00 -7.05 23.40
CA ASN D 96 -8.36 -8.47 23.56
C ASN D 96 -7.54 -9.09 24.72
N VAL D 97 -8.21 -9.31 25.86
CA VAL D 97 -7.58 -9.85 27.05
C VAL D 97 -7.76 -11.37 27.08
N ARG D 98 -6.65 -12.10 27.15
CA ARG D 98 -6.65 -13.56 27.01
C ARG D 98 -5.80 -14.23 28.07
N PRO D 99 -6.41 -14.54 29.23
CA PRO D 99 -5.71 -15.17 30.35
C PRO D 99 -5.40 -16.62 30.05
N ALA D 100 -4.28 -17.11 30.58
CA ALA D 100 -3.93 -18.51 30.45
C ALA D 100 -3.44 -18.97 31.82
N LYS D 101 -4.29 -19.69 32.54
CA LYS D 101 -3.99 -20.06 33.92
C LYS D 101 -4.10 -21.55 34.10
N SER D 102 -3.17 -22.12 34.87
CA SER D 102 -3.14 -23.58 35.15
C SER D 102 -4.40 -23.98 35.88
N ARG D 103 -5.02 -25.09 35.48
CA ARG D 103 -6.20 -25.59 36.21
C ARG D 103 -6.12 -27.08 36.51
N PRO D 104 -6.79 -27.54 37.58
CA PRO D 104 -6.60 -28.93 38.01
C PRO D 104 -7.28 -29.92 37.09
N VAL D 105 -6.72 -30.08 35.88
CA VAL D 105 -7.29 -31.00 34.87
C VAL D 105 -6.18 -31.76 34.09
N PRO D 106 -6.53 -32.92 33.48
CA PRO D 106 -5.45 -33.61 32.76
C PRO D 106 -5.07 -32.83 31.51
N GLY D 107 -3.78 -32.83 31.17
CA GLY D 107 -3.29 -32.04 30.06
C GLY D 107 -2.69 -30.73 30.51
N SER D 108 -3.21 -30.16 31.59
CA SER D 108 -2.80 -28.83 32.04
C SER D 108 -1.43 -28.82 32.72
N ARG D 109 -0.55 -27.96 32.21
CA ARG D 109 0.76 -27.73 32.79
C ARG D 109 0.66 -26.89 34.05
N PRO D 110 1.34 -27.30 35.14
CA PRO D 110 1.25 -26.56 36.39
C PRO D 110 2.04 -25.26 36.30
N GLY D 111 1.73 -24.32 37.19
CA GLY D 111 2.49 -23.08 37.35
C GLY D 111 2.35 -22.04 36.26
N VAL D 112 1.30 -22.15 35.44
CA VAL D 112 1.01 -21.13 34.45
C VAL D 112 -0.04 -20.14 34.99
N ASP D 113 0.32 -18.87 34.90
CA ASP D 113 -0.56 -17.81 35.24
C ASP D 113 -0.09 -16.56 34.49
N LEU D 114 -0.67 -16.31 33.33
CA LEU D 114 -0.26 -15.18 32.52
C LEU D 114 -1.47 -14.59 31.82
N VAL D 115 -1.32 -13.40 31.25
CA VAL D 115 -2.36 -12.73 30.46
C VAL D 115 -1.79 -12.18 29.16
N ILE D 116 -2.33 -12.63 28.04
CA ILE D 116 -1.97 -12.03 26.77
C ILE D 116 -2.95 -10.90 26.46
N VAL D 117 -2.40 -9.71 26.26
CA VAL D 117 -3.18 -8.50 25.96
C VAL D 117 -2.88 -8.16 24.52
N ARG D 118 -3.82 -8.48 23.62
CA ARG D 118 -3.57 -8.27 22.20
C ARG D 118 -4.28 -7.05 21.62
N GLU D 119 -3.55 -6.26 20.84
CA GLU D 119 -4.13 -5.11 20.15
C GLU D 119 -5.23 -5.59 19.20
N ASN D 120 -6.40 -4.97 19.26
CA ASN D 120 -7.62 -5.59 18.69
C ASN D 120 -8.29 -4.83 17.49
N THR D 121 -7.65 -3.80 16.99
CA THR D 121 -8.25 -2.92 15.99
C THR D 121 -7.46 -2.82 14.68
N GLU D 122 -6.19 -3.23 14.67
CA GLU D 122 -5.31 -2.90 13.51
C GLU D 122 -4.26 -3.98 13.14
N GLY D 123 -3.06 -3.57 12.74
CA GLY D 123 -2.09 -4.47 12.16
C GLY D 123 -2.71 -5.08 10.91
N LEU D 124 -2.54 -6.38 10.76
CA LEU D 124 -3.14 -7.10 9.66
C LEU D 124 -4.68 -7.12 9.63
N TYR D 125 -5.33 -6.87 10.78
CA TYR D 125 -6.81 -6.89 10.80
C TYR D 125 -7.45 -5.59 10.30
N VAL D 126 -6.70 -4.63 9.78
CA VAL D 126 -7.38 -3.52 9.10
C VAL D 126 -8.17 -4.00 7.87
N GLU D 127 -7.84 -5.20 7.39
CA GLU D 127 -8.50 -5.85 6.23
C GLU D 127 -8.53 -4.95 5.00
N GLN D 128 -7.33 -4.54 4.58
CA GLN D 128 -7.18 -3.77 3.37
C GLN D 128 -6.29 -4.57 2.44
N GLU D 129 -6.94 -5.53 1.79
CA GLU D 129 -6.30 -6.41 0.84
C GLU D 129 -6.68 -6.06 -0.60
N ARG D 130 -5.77 -6.31 -1.52
CA ARG D 130 -5.92 -5.97 -2.91
C ARG D 130 -5.28 -7.13 -3.66
N ARG D 131 -5.87 -7.53 -4.79
CA ARG D 131 -5.27 -8.58 -5.63
C ARG D 131 -5.15 -7.96 -6.99
N TYR D 132 -3.95 -7.98 -7.55
CA TYR D 132 -3.70 -7.44 -8.89
C TYR D 132 -3.02 -8.55 -9.63
N LEU D 133 -3.62 -9.05 -10.71
CA LEU D 133 -3.06 -10.21 -11.44
C LEU D 133 -2.78 -11.35 -10.45
N ASP D 134 -1.55 -11.85 -10.41
CA ASP D 134 -1.25 -12.99 -9.52
C ASP D 134 -0.43 -12.61 -8.29
N VAL D 135 -0.55 -11.35 -7.89
CA VAL D 135 0.08 -10.77 -6.70
C VAL D 135 -1.00 -10.19 -5.77
N ALA D 136 -0.97 -10.56 -4.48
CA ALA D 136 -1.88 -10.01 -3.47
C ALA D 136 -1.14 -9.25 -2.36
N ILE D 137 -1.73 -8.13 -1.92
CA ILE D 137 -1.10 -7.24 -0.95
C ILE D 137 -2.11 -6.88 0.12
N ALA D 138 -1.71 -6.99 1.38
CA ALA D 138 -2.51 -6.55 2.51
C ALA D 138 -1.70 -5.50 3.29
N ASP D 139 -2.39 -4.45 3.76
CA ASP D 139 -1.80 -3.50 4.69
C ASP D 139 -1.65 -4.17 6.06
N ALA D 140 -0.48 -4.01 6.67
CA ALA D 140 -0.32 -4.24 8.11
C ALA D 140 -0.04 -2.85 8.68
N VAL D 141 -0.95 -2.37 9.53
CA VAL D 141 -0.91 -0.98 9.97
C VAL D 141 -0.63 -0.91 11.45
N ILE D 142 0.30 -0.04 11.84
CA ILE D 142 0.53 0.27 13.25
C ILE D 142 0.49 1.77 13.40
N SER D 143 -0.34 2.24 14.31
CA SER D 143 -0.43 3.64 14.66
C SER D 143 0.05 3.85 16.10
N LYS D 144 0.67 5.01 16.33
CA LYS D 144 1.15 5.40 17.64
C LYS D 144 -0.03 5.47 18.64
N LYS D 145 -1.14 6.04 18.17
CA LYS D 145 -2.39 6.17 18.89
C LYS D 145 -2.92 4.84 19.44
N ALA D 146 -3.00 3.81 18.60
CA ALA D 146 -3.60 2.53 19.01
C ALA D 146 -2.66 1.77 19.95
N SER D 147 -1.35 2.01 19.75
CA SER D 147 -0.29 1.41 20.56
C SER D 147 -0.27 2.05 21.92
N GLU D 148 -0.60 3.33 22.02
CA GLU D 148 -0.74 3.99 23.33
C GLU D 148 -1.89 3.34 24.08
N ARG D 149 -3.01 3.19 23.39
CA ARG D 149 -4.20 2.64 23.98
C ARG D 149 -4.04 1.21 24.51
N ILE D 150 -3.27 0.36 23.81
CA ILE D 150 -3.15 -1.04 24.18
C ILE D 150 -2.00 -1.23 25.17
N GLY D 151 -0.96 -0.41 25.01
CA GLY D 151 0.14 -0.42 25.95
C GLY D 151 -0.38 -0.04 27.33
N ARG D 152 -1.16 1.03 27.37
CA ARG D 152 -1.75 1.52 28.62
C ARG D 152 -2.64 0.47 29.23
N ALA D 153 -3.49 -0.16 28.43
CA ALA D 153 -4.38 -1.22 28.92
C ALA D 153 -3.60 -2.37 29.57
N ALA D 154 -2.46 -2.70 28.97
CA ALA D 154 -1.63 -3.81 29.43
C ALA D 154 -0.89 -3.45 30.71
N LEU D 155 -0.33 -2.24 30.75
CA LEU D 155 0.33 -1.70 31.92
C LEU D 155 -0.60 -1.63 33.15
N ARG D 156 -1.86 -1.20 32.97
CA ARG D 156 -2.83 -1.26 34.07
C ARG D 156 -3.01 -2.69 34.53
N ILE D 157 -3.15 -3.62 33.61
CA ILE D 157 -3.33 -5.01 33.97
C ILE D 157 -2.10 -5.57 34.73
N ALA D 158 -0.92 -5.13 34.31
CA ALA D 158 0.31 -5.50 34.97
C ALA D 158 0.33 -4.89 36.36
N GLU D 159 0.01 -3.60 36.41
CA GLU D 159 -0.03 -2.85 37.66
C GLU D 159 -0.98 -3.48 38.70
N GLY D 160 -2.06 -4.09 38.24
CA GLY D 160 -3.03 -4.71 39.12
C GLY D 160 -2.71 -6.13 39.55
N ARG D 161 -1.48 -6.56 39.26
CA ARG D 161 -1.05 -7.93 39.51
C ARG D 161 0.21 -8.00 40.38
N PRO D 162 0.28 -9.01 41.28
CA PRO D 162 1.38 -9.22 42.23
C PRO D 162 2.77 -9.02 41.60
N ARG D 163 3.05 -9.77 40.54
CA ARG D 163 4.40 -9.82 39.94
C ARG D 163 4.81 -8.55 39.20
N LYS D 164 3.81 -7.78 38.77
CA LYS D 164 4.08 -6.44 38.25
C LYS D 164 5.13 -6.50 37.09
N THR D 165 4.88 -7.36 36.09
CA THR D 165 5.82 -7.65 35.00
C THR D 165 5.14 -7.63 33.65
N LEU D 166 5.72 -6.91 32.68
CA LEU D 166 5.16 -6.87 31.33
C LEU D 166 6.21 -7.20 30.28
N HIS D 167 5.90 -8.13 29.40
CA HIS D 167 6.75 -8.36 28.23
C HIS D 167 6.03 -7.84 27.00
N ILE D 168 6.70 -6.95 26.26
CA ILE D 168 6.22 -6.47 24.96
C ILE D 168 6.72 -7.38 23.83
N ALA D 169 5.81 -8.16 23.25
CA ALA D 169 6.18 -9.12 22.20
C ALA D 169 6.05 -8.48 20.80
N HIS D 170 7.16 -8.46 20.07
CA HIS D 170 7.22 -7.71 18.81
C HIS D 170 8.07 -8.40 17.74
N LYS D 171 8.04 -7.86 16.53
CA LYS D 171 8.98 -8.27 15.47
C LYS D 171 9.70 -7.04 14.88
N ALA D 172 10.13 -6.12 15.76
CA ALA D 172 10.76 -4.84 15.34
C ALA D 172 12.06 -5.04 14.62
N ASN D 173 12.57 -6.27 14.60
CA ASN D 173 13.82 -6.57 13.87
C ASN D 173 13.64 -6.75 12.36
N VAL D 174 12.61 -7.45 11.91
CA VAL D 174 12.34 -7.43 10.49
C VAL D 174 11.45 -6.26 10.10
N LEU D 175 10.66 -5.76 11.05
CA LEU D 175 9.72 -4.69 10.75
C LEU D 175 9.89 -3.46 11.61
N PRO D 176 10.98 -2.70 11.41
CA PRO D 176 11.27 -1.60 12.35
C PRO D 176 10.34 -0.40 12.27
N LEU D 177 9.70 -0.14 11.14
CA LEU D 177 8.77 0.99 11.07
C LEU D 177 7.42 0.68 11.71
N THR D 178 6.93 -0.55 11.55
CA THR D 178 5.62 -0.88 12.09
C THR D 178 5.77 -1.40 13.50
N GLN D 179 6.45 -2.53 13.65
CA GLN D 179 6.62 -3.20 14.97
C GLN D 179 7.50 -2.34 15.90
N GLY D 180 8.45 -1.62 15.30
CA GLY D 180 9.25 -0.64 16.01
C GLY D 180 8.40 0.45 16.61
N LEU D 181 7.47 0.97 15.83
CA LEU D 181 6.63 2.05 16.35
C LEU D 181 5.89 1.55 17.58
N PHE D 182 5.35 0.35 17.47
CA PHE D 182 4.57 -0.26 18.52
C PHE D 182 5.38 -0.49 19.80
N LEU D 183 6.56 -1.11 19.64
CA LEU D 183 7.51 -1.33 20.72
C LEU D 183 7.82 -0.02 21.46
N ASP D 184 8.30 0.96 20.70
CA ASP D 184 8.66 2.27 21.22
C ASP D 184 7.48 2.94 21.93
N THR D 185 6.31 2.92 21.31
CA THR D 185 5.20 3.59 21.94
C THR D 185 4.82 2.96 23.29
N VAL D 186 4.77 1.63 23.35
CA VAL D 186 4.48 0.93 24.59
C VAL D 186 5.54 1.27 25.65
N LYS D 187 6.79 1.44 25.23
CA LYS D 187 7.85 1.89 26.15
C LYS D 187 7.73 3.34 26.65
N GLU D 188 7.30 4.29 25.82
CA GLU D 188 7.09 5.67 26.29
C GLU D 188 5.96 5.68 27.32
N VAL D 189 4.88 4.97 27.03
CA VAL D 189 3.74 4.95 27.95
C VAL D 189 4.09 4.29 29.28
N ALA D 190 4.98 3.31 29.27
CA ALA D 190 5.43 2.63 30.49
C ALA D 190 6.00 3.58 31.55
N LYS D 191 6.62 4.68 31.10
CA LYS D 191 7.05 5.78 32.00
C LYS D 191 6.00 6.22 33.05
N ASP D 192 4.71 5.97 32.79
CA ASP D 192 3.65 6.25 33.77
C ASP D 192 3.35 5.12 34.74
N PHE D 193 3.99 3.97 34.52
CA PHE D 193 3.80 2.83 35.41
C PHE D 193 5.18 2.37 35.88
N PRO D 194 5.90 3.23 36.62
CA PRO D 194 7.31 2.94 36.99
C PRO D 194 7.47 1.72 37.93
N LEU D 195 6.37 1.21 38.47
CA LEU D 195 6.45 0.05 39.34
C LEU D 195 6.32 -1.23 38.54
N VAL D 196 5.90 -1.11 37.29
CA VAL D 196 5.85 -2.26 36.39
C VAL D 196 7.21 -2.46 35.73
N ASN D 197 7.72 -3.68 35.81
CA ASN D 197 8.95 -4.09 35.15
C ASN D 197 8.70 -4.47 33.68
N VAL D 198 9.24 -3.69 32.75
CA VAL D 198 8.96 -3.87 31.32
C VAL D 198 10.11 -4.48 30.50
N GLN D 199 10.00 -5.75 30.11
CA GLN D 199 10.96 -6.39 29.21
C GLN D 199 10.47 -6.34 27.74
N ASP D 200 11.36 -6.49 26.77
CA ASP D 200 10.88 -6.82 25.42
C ASP D 200 11.46 -8.11 24.88
N ILE D 201 10.67 -8.84 24.11
CA ILE D 201 11.08 -10.16 23.61
C ILE D 201 10.63 -10.26 22.15
N ILE D 202 11.46 -10.78 21.25
CA ILE D 202 10.99 -10.98 19.87
C ILE D 202 9.93 -12.07 19.90
N VAL D 203 8.91 -11.90 19.09
CA VAL D 203 7.70 -12.70 19.09
C VAL D 203 7.93 -14.19 18.95
N ASP D 204 8.85 -14.57 18.06
CA ASP D 204 9.13 -15.99 17.86
C ASP D 204 9.88 -16.58 19.06
N ASN D 205 10.79 -15.80 19.61
CA ASN D 205 11.47 -16.20 20.80
C ASN D 205 10.49 -16.32 21.98
N CYS D 206 9.51 -15.41 22.04
CA CYS D 206 8.40 -15.53 23.01
C CYS D 206 7.58 -16.85 22.88
N ALA D 207 7.21 -17.19 21.65
CA ALA D 207 6.51 -18.41 21.40
C ALA D 207 7.27 -19.61 21.97
N MET D 208 8.56 -19.69 21.65
CA MET D 208 9.44 -20.74 22.16
C MET D 208 9.44 -20.77 23.69
N GLN D 209 9.69 -19.60 24.27
CA GLN D 209 9.67 -19.42 25.72
C GLN D 209 8.35 -19.79 26.42
N LEU D 210 7.21 -19.45 25.83
CA LEU D 210 5.89 -19.88 26.35
C LEU D 210 5.75 -21.40 26.45
N VAL D 211 6.45 -22.13 25.60
CA VAL D 211 6.41 -23.61 25.63
C VAL D 211 7.35 -24.15 26.72
N MET D 212 8.55 -23.61 26.79
CA MET D 212 9.60 -24.11 27.65
C MET D 212 9.48 -23.61 29.06
N ARG D 213 9.26 -22.30 29.23
CA ARG D 213 9.20 -21.69 30.55
C ARG D 213 8.10 -20.64 30.64
N PRO D 214 6.82 -21.04 30.51
CA PRO D 214 5.71 -20.08 30.72
C PRO D 214 5.68 -19.38 32.10
N GLU D 215 6.25 -20.03 33.12
CA GLU D 215 6.40 -19.41 34.47
C GLU D 215 6.97 -18.00 34.41
N ARG D 216 7.81 -17.70 33.43
CA ARG D 216 8.45 -16.38 33.40
C ARG D 216 7.54 -15.25 32.95
N PHE D 217 6.42 -15.58 32.33
CA PHE D 217 5.48 -14.55 31.95
C PHE D 217 4.41 -14.26 33.03
N ASP D 218 4.09 -12.97 33.15
CA ASP D 218 2.92 -12.49 33.86
C ASP D 218 2.01 -11.87 32.78
N VAL D 219 2.27 -10.61 32.41
CA VAL D 219 1.53 -9.98 31.29
C VAL D 219 2.37 -9.85 30.00
N ILE D 220 1.76 -10.17 28.86
CA ILE D 220 2.37 -10.00 27.55
C ILE D 220 1.50 -9.07 26.72
N VAL D 221 2.08 -8.03 26.14
CA VAL D 221 1.33 -7.19 25.22
C VAL D 221 1.90 -7.32 23.82
N THR D 222 1.01 -7.34 22.85
CA THR D 222 1.42 -7.51 21.48
C THR D 222 0.35 -7.05 20.52
N THR D 223 0.72 -7.01 19.25
CA THR D 223 -0.16 -6.54 18.18
C THR D 223 -1.09 -7.68 17.71
N ASN D 224 -1.98 -7.35 16.77
CA ASN D 224 -3.18 -8.13 16.47
C ASN D 224 -3.00 -9.62 16.13
N LEU D 225 -2.42 -9.88 14.96
CA LEU D 225 -2.09 -11.23 14.48
C LEU D 225 -1.16 -11.98 15.46
N LEU D 226 -0.10 -11.29 15.87
CA LEU D 226 0.84 -11.81 16.89
C LEU D 226 0.11 -12.36 18.15
N GLY D 227 -0.76 -11.54 18.75
CA GLY D 227 -1.54 -11.94 19.93
C GLY D 227 -2.54 -13.04 19.62
N ASP D 228 -3.04 -13.05 18.38
CA ASP D 228 -3.91 -14.13 17.98
C ASP D 228 -3.20 -15.46 18.16
N ILE D 229 -2.04 -15.62 17.52
CA ILE D 229 -1.24 -16.83 17.60
C ILE D 229 -0.74 -17.10 19.02
N LEU D 230 -0.13 -16.10 19.68
CA LEU D 230 0.36 -16.30 21.05
C LEU D 230 -0.71 -16.81 22.05
N SER D 231 -1.90 -16.21 22.02
CA SER D 231 -2.99 -16.57 22.97
C SER D 231 -3.40 -18.02 22.81
N ASP D 232 -3.55 -18.47 21.55
CA ASP D 232 -3.93 -19.84 21.26
C ASP D 232 -2.81 -20.80 21.60
N LEU D 233 -1.56 -20.39 21.40
CA LEU D 233 -0.44 -21.16 21.91
C LEU D 233 -0.62 -21.36 23.40
N ALA D 234 -0.83 -20.25 24.12
CA ALA D 234 -0.91 -20.27 25.59
C ALA D 234 -2.03 -21.17 26.12
N ALA D 235 -3.23 -21.04 25.55
CA ALA D 235 -4.38 -21.92 25.83
C ALA D 235 -4.03 -23.41 25.76
N GLY D 236 -3.12 -23.76 24.85
CA GLY D 236 -2.65 -25.13 24.71
C GLY D 236 -1.92 -25.62 25.96
N LEU D 237 -1.17 -24.75 26.62
CA LEU D 237 -0.49 -25.13 27.86
C LEU D 237 -1.44 -25.61 28.97
N VAL D 238 -2.67 -25.09 28.99
CA VAL D 238 -3.52 -25.19 30.19
C VAL D 238 -4.92 -25.73 29.87
N GLY D 239 -5.02 -26.55 28.84
CA GLY D 239 -6.21 -27.35 28.62
C GLY D 239 -6.96 -27.11 27.31
N GLY D 240 -6.60 -26.05 26.60
CA GLY D 240 -7.18 -25.73 25.29
C GLY D 240 -8.41 -24.84 25.32
N LEU D 241 -9.14 -24.84 24.21
CA LEU D 241 -10.27 -23.93 23.98
C LEU D 241 -11.44 -24.09 24.92
N GLY D 242 -11.80 -25.34 25.22
CA GLY D 242 -12.94 -25.66 26.11
C GLY D 242 -12.88 -24.99 27.49
N LEU D 243 -11.65 -24.66 27.94
CA LEU D 243 -11.40 -23.94 29.19
C LEU D 243 -10.96 -22.47 29.04
N ALA D 244 -10.83 -21.95 27.82
CA ALA D 244 -10.22 -20.62 27.55
C ALA D 244 -11.20 -19.39 27.46
N PRO D 245 -11.10 -18.45 28.44
CA PRO D 245 -11.97 -17.28 28.43
C PRO D 245 -11.32 -16.12 27.70
N SER D 246 -12.08 -15.08 27.39
CA SER D 246 -11.55 -13.87 26.77
C SER D 246 -12.45 -12.67 27.01
N GLY D 247 -11.82 -11.49 26.96
CA GLY D 247 -12.54 -10.24 26.98
C GLY D 247 -12.15 -9.49 25.74
N ASN D 248 -13.09 -8.68 25.24
CA ASN D 248 -12.87 -7.62 24.23
C ASN D 248 -13.36 -6.32 24.83
N ILE D 249 -12.42 -5.49 25.27
CA ILE D 249 -12.68 -4.37 26.16
C ILE D 249 -12.31 -3.06 25.52
N GLY D 250 -13.22 -2.08 25.63
CA GLY D 250 -12.99 -0.73 25.16
C GLY D 250 -13.16 0.27 26.26
N ASP D 251 -13.31 1.53 25.87
CA ASP D 251 -13.44 2.61 26.82
C ASP D 251 -14.88 2.77 27.26
N THR D 252 -15.83 2.24 26.53
CA THR D 252 -17.21 2.45 26.91
C THR D 252 -17.93 1.15 27.28
N THR D 253 -17.59 0.06 26.62
CA THR D 253 -18.22 -1.20 26.94
C THR D 253 -17.24 -2.35 26.68
N ALA D 254 -17.71 -3.57 26.89
CA ALA D 254 -16.87 -4.74 26.85
C ALA D 254 -17.75 -5.94 26.47
N VAL D 255 -17.24 -6.83 25.61
CA VAL D 255 -17.93 -8.10 25.30
C VAL D 255 -17.00 -9.23 25.73
N PHE D 256 -17.54 -10.14 26.53
CA PHE D 256 -16.79 -11.31 26.99
C PHE D 256 -17.37 -12.54 26.36
N GLU D 257 -16.50 -13.50 26.14
CA GLU D 257 -16.81 -14.67 25.32
C GLU D 257 -15.76 -15.78 25.35
N PRO D 258 -16.22 -17.04 25.32
CA PRO D 258 -15.31 -18.17 25.22
C PRO D 258 -14.58 -18.22 23.88
N VAL D 259 -13.34 -18.70 23.87
CA VAL D 259 -12.57 -18.84 22.61
C VAL D 259 -13.09 -20.00 21.71
N HIS D 260 -13.61 -21.07 22.31
CA HIS D 260 -14.07 -22.24 21.54
C HIS D 260 -15.12 -21.86 20.47
N GLY D 261 -15.33 -22.71 19.47
CA GLY D 261 -16.34 -22.38 18.45
C GLY D 261 -17.75 -22.77 18.83
N SER D 262 -18.62 -22.93 17.83
CA SER D 262 -20.02 -23.32 18.08
C SER D 262 -20.17 -24.82 18.23
N ALA D 263 -19.07 -25.55 18.02
CA ALA D 263 -18.98 -27.03 18.10
C ALA D 263 -20.18 -27.81 17.53
N PRO D 264 -20.39 -27.76 16.19
CA PRO D 264 -21.60 -28.37 15.61
C PRO D 264 -21.71 -29.88 15.82
N ASP D 265 -20.59 -30.56 16.00
CA ASP D 265 -20.62 -32.01 16.27
C ASP D 265 -21.21 -32.36 17.64
N ILE D 266 -21.28 -31.35 18.51
CA ILE D 266 -21.50 -31.49 19.93
C ILE D 266 -22.82 -30.78 20.33
N ALA D 267 -23.14 -29.70 19.61
CA ALA D 267 -24.36 -28.91 19.81
C ALA D 267 -25.62 -29.75 19.87
N GLY D 268 -26.41 -29.53 20.91
CA GLY D 268 -27.70 -30.18 21.04
C GLY D 268 -27.62 -31.38 21.95
N LYS D 269 -26.42 -31.89 22.19
CA LYS D 269 -26.24 -33.08 23.02
C LYS D 269 -26.16 -32.80 24.54
N GLY D 270 -26.21 -31.53 24.94
CA GLY D 270 -26.17 -31.16 26.35
C GLY D 270 -24.97 -31.67 27.14
N ILE D 271 -23.83 -31.80 26.47
CA ILE D 271 -22.58 -32.27 27.10
C ILE D 271 -21.40 -31.30 26.92
N ALA D 272 -21.64 -30.13 26.36
CA ALA D 272 -20.59 -29.11 26.23
C ALA D 272 -20.02 -28.63 27.59
N ASN D 273 -18.76 -28.19 27.61
CA ASN D 273 -18.09 -27.74 28.84
C ASN D 273 -18.29 -26.23 29.01
N PRO D 274 -19.06 -25.81 30.04
CA PRO D 274 -19.36 -24.39 30.15
C PRO D 274 -18.32 -23.60 30.94
N THR D 275 -17.18 -24.23 31.25
CA THR D 275 -16.10 -23.59 31.95
C THR D 275 -15.70 -22.28 31.26
N ALA D 276 -15.46 -22.35 29.95
CA ALA D 276 -14.93 -21.20 29.24
C ALA D 276 -15.88 -20.01 29.31
N ALA D 277 -17.19 -20.31 29.27
CA ALA D 277 -18.20 -19.28 29.30
C ALA D 277 -18.33 -18.74 30.72
N ILE D 278 -18.20 -19.63 31.70
CA ILE D 278 -18.25 -19.23 33.11
C ILE D 278 -17.03 -18.34 33.51
N LEU D 279 -15.86 -18.64 32.96
CA LEU D 279 -14.67 -17.90 33.31
C LEU D 279 -14.62 -16.54 32.59
N SER D 280 -15.22 -16.49 31.39
CA SER D 280 -15.51 -15.23 30.74
C SER D 280 -16.53 -14.41 31.55
N ALA D 281 -17.55 -15.07 32.07
CA ALA D 281 -18.46 -14.40 33.00
C ALA D 281 -17.70 -13.87 34.21
N ALA D 282 -16.68 -14.61 34.65
CA ALA D 282 -15.86 -14.13 35.77
C ALA D 282 -15.06 -12.90 35.41
N MET D 283 -14.52 -12.86 34.19
CA MET D 283 -13.70 -11.75 33.69
C MET D 283 -14.56 -10.50 33.63
N MET D 284 -15.81 -10.70 33.20
CA MET D 284 -16.80 -9.66 33.12
C MET D 284 -17.10 -9.11 34.51
N LEU D 285 -17.27 -10.00 35.47
CA LEU D 285 -17.52 -9.56 36.85
C LEU D 285 -16.40 -8.63 37.28
N ASP D 286 -15.17 -9.03 36.97
CA ASP D 286 -14.01 -8.26 37.33
C ASP D 286 -14.01 -6.88 36.64
N TYR D 287 -14.23 -6.87 35.34
CA TYR D 287 -14.46 -5.65 34.57
C TYR D 287 -15.52 -4.73 35.20
N LEU D 288 -16.57 -5.29 35.78
CA LEU D 288 -17.60 -4.49 36.42
C LEU D 288 -17.25 -4.00 37.84
N GLY D 289 -16.05 -4.30 38.34
CA GLY D 289 -15.68 -3.94 39.71
C GLY D 289 -15.99 -4.99 40.78
N GLU D 290 -16.64 -6.08 40.38
CA GLU D 290 -16.99 -7.14 41.31
C GLU D 290 -15.84 -8.12 41.38
N LYS D 291 -14.71 -7.64 41.92
CA LYS D 291 -13.45 -8.36 41.89
C LYS D 291 -13.43 -9.58 42.81
N GLU D 292 -14.14 -9.51 43.94
CA GLU D 292 -14.22 -10.64 44.85
C GLU D 292 -15.17 -11.71 44.31
N ALA D 293 -16.32 -11.26 43.80
CA ALA D 293 -17.30 -12.14 43.19
C ALA D 293 -16.63 -13.00 42.09
N ALA D 294 -15.84 -12.33 41.25
CA ALA D 294 -15.19 -12.97 40.11
C ALA D 294 -14.25 -14.10 40.54
N LYS D 295 -13.46 -13.84 41.58
CA LYS D 295 -12.64 -14.86 42.25
C LYS D 295 -13.42 -16.04 42.82
N ARG D 296 -14.56 -15.76 43.45
CA ARG D 296 -15.37 -16.81 44.01
C ARG D 296 -15.80 -17.75 42.90
N VAL D 297 -16.24 -17.17 41.78
CA VAL D 297 -16.67 -17.94 40.59
C VAL D 297 -15.52 -18.76 39.99
N GLU D 298 -14.35 -18.13 39.91
CA GLU D 298 -13.17 -18.83 39.49
C GLU D 298 -12.87 -20.01 40.40
N LYS D 299 -12.99 -19.79 41.70
CA LYS D 299 -12.61 -20.79 42.65
C LYS D 299 -13.65 -21.93 42.62
N ALA D 300 -14.90 -21.59 42.34
CA ALA D 300 -15.96 -22.58 42.30
C ALA D 300 -15.75 -23.52 41.13
N VAL D 301 -15.31 -22.95 40.00
CA VAL D 301 -14.99 -23.72 38.80
C VAL D 301 -13.81 -24.64 39.07
N ASP D 302 -12.80 -24.14 39.77
CA ASP D 302 -11.62 -24.93 40.05
C ASP D 302 -11.99 -26.15 40.90
N LEU D 303 -12.82 -25.96 41.93
CA LEU D 303 -13.22 -27.08 42.79
C LEU D 303 -13.87 -28.19 41.95
N VAL D 304 -14.76 -27.80 41.04
CA VAL D 304 -15.49 -28.76 40.22
C VAL D 304 -14.56 -29.44 39.22
N LEU D 305 -13.62 -28.69 38.64
CA LEU D 305 -12.55 -29.25 37.81
C LEU D 305 -11.71 -30.28 38.56
N GLU D 306 -11.41 -29.99 39.84
CA GLU D 306 -10.57 -30.89 40.60
C GLU D 306 -11.31 -32.15 41.04
N ARG D 307 -12.47 -31.97 41.69
CA ARG D 307 -13.20 -33.07 42.33
C ARG D 307 -14.38 -33.48 41.50
N GLY D 308 -15.32 -32.53 41.41
CA GLY D 308 -16.69 -32.70 40.91
C GLY D 308 -16.82 -33.38 39.57
N PRO D 309 -18.06 -33.47 39.07
CA PRO D 309 -18.26 -34.22 37.84
C PRO D 309 -17.59 -33.52 36.68
N ARG D 310 -16.90 -34.32 35.85
CA ARG D 310 -16.16 -33.89 34.68
C ARG D 310 -17.01 -34.14 33.39
N THR D 311 -17.09 -33.18 32.48
CA THR D 311 -17.73 -33.39 31.14
C THR D 311 -16.87 -34.29 30.19
N PRO D 312 -17.47 -34.85 29.10
CA PRO D 312 -16.71 -35.81 28.24
C PRO D 312 -15.34 -35.33 27.73
N ASP D 313 -15.23 -34.08 27.30
CA ASP D 313 -13.97 -33.47 26.90
C ASP D 313 -12.88 -33.48 27.95
N LEU D 314 -13.26 -33.71 29.21
CA LEU D 314 -12.28 -33.86 30.27
C LEU D 314 -12.28 -35.29 30.87
N GLY D 315 -12.96 -36.20 30.20
CA GLY D 315 -12.85 -37.63 30.50
C GLY D 315 -13.88 -38.18 31.47
N GLY D 316 -14.85 -37.35 31.86
CA GLY D 316 -16.00 -37.78 32.63
C GLY D 316 -17.16 -38.01 31.69
N ASP D 317 -18.36 -38.14 32.26
CA ASP D 317 -19.55 -38.40 31.45
C ASP D 317 -20.65 -37.49 31.93
N ALA D 318 -20.28 -36.39 32.58
CA ALA D 318 -21.27 -35.44 33.08
C ALA D 318 -21.95 -34.62 31.94
N THR D 319 -23.22 -34.30 32.15
CA THR D 319 -23.93 -33.34 31.32
C THR D 319 -23.46 -31.90 31.63
N THR D 320 -23.62 -31.00 30.65
CA THR D 320 -23.48 -29.54 30.86
C THR D 320 -24.28 -29.11 32.09
N GLU D 321 -25.49 -29.62 32.21
CA GLU D 321 -26.37 -29.38 33.36
C GLU D 321 -25.74 -29.78 34.70
N ALA D 322 -25.09 -30.94 34.75
CA ALA D 322 -24.64 -31.49 36.03
C ALA D 322 -23.40 -30.73 36.48
N PHE D 323 -22.54 -30.44 35.50
CA PHE D 323 -21.35 -29.63 35.77
C PHE D 323 -21.75 -28.28 36.35
N THR D 324 -22.73 -27.65 35.68
CA THR D 324 -23.22 -26.35 36.06
C THR D 324 -23.71 -26.42 37.49
N GLU D 325 -24.59 -27.39 37.80
CA GLU D 325 -25.18 -27.50 39.14
C GLU D 325 -24.08 -27.61 40.21
N ALA D 326 -23.03 -28.36 39.90
CA ALA D 326 -21.90 -28.54 40.80
C ALA D 326 -21.14 -27.24 41.00
N VAL D 327 -20.96 -26.47 39.93
CA VAL D 327 -20.30 -25.17 40.01
C VAL D 327 -21.09 -24.21 40.90
N VAL D 328 -22.41 -24.19 40.71
CA VAL D 328 -23.32 -23.37 41.49
C VAL D 328 -23.24 -23.72 42.96
N GLU D 329 -23.32 -25.01 43.28
CA GLU D 329 -23.23 -25.45 44.68
C GLU D 329 -21.90 -25.12 45.31
N ALA D 330 -20.82 -25.36 44.57
CA ALA D 330 -19.49 -25.04 45.05
C ALA D 330 -19.41 -23.55 45.39
N LEU D 331 -19.92 -22.72 44.48
CA LEU D 331 -19.96 -21.27 44.65
C LEU D 331 -20.72 -20.86 45.91
N LYS D 332 -21.95 -21.35 46.03
CA LYS D 332 -22.83 -20.99 47.15
C LYS D 332 -22.22 -21.32 48.51
N SER D 333 -21.29 -22.27 48.53
CA SER D 333 -20.67 -22.67 49.77
C SER D 333 -19.35 -21.93 50.08
N LEU D 334 -18.98 -20.94 49.25
CA LEU D 334 -17.75 -20.14 49.44
C LEU D 334 -18.00 -18.78 50.11
#